data_2NRG
# 
_entry.id   2NRG 
# 
_audit_conform.dict_name       mmcif_pdbx.dic 
_audit_conform.dict_version    5.383 
_audit_conform.dict_location   http://mmcif.pdb.org/dictionaries/ascii/mmcif_pdbx.dic 
# 
loop_
_database_2.database_id 
_database_2.database_code 
_database_2.pdbx_database_accession 
_database_2.pdbx_DOI 
PDB   2NRG         pdb_00002nrg 10.2210/pdb2nrg/pdb 
RCSB  RCSB040211   ?            ?                   
WWPDB D_1000040211 ?            ?                   
# 
loop_
_pdbx_audit_revision_history.ordinal 
_pdbx_audit_revision_history.data_content_type 
_pdbx_audit_revision_history.major_revision 
_pdbx_audit_revision_history.minor_revision 
_pdbx_audit_revision_history.revision_date 
1 'Structure model' 1 0 2006-12-26 
2 'Structure model' 1 1 2008-05-01 
3 'Structure model' 1 2 2011-07-13 
4 'Structure model' 1 3 2022-03-16 
5 'Structure model' 1 4 2023-12-27 
# 
_pdbx_audit_revision_details.ordinal             1 
_pdbx_audit_revision_details.revision_ordinal    1 
_pdbx_audit_revision_details.data_content_type   'Structure model' 
_pdbx_audit_revision_details.provider            repository 
_pdbx_audit_revision_details.type                'Initial release' 
_pdbx_audit_revision_details.description         ? 
_pdbx_audit_revision_details.details             ? 
# 
loop_
_pdbx_audit_revision_group.ordinal 
_pdbx_audit_revision_group.revision_ordinal 
_pdbx_audit_revision_group.data_content_type 
_pdbx_audit_revision_group.group 
1 2 'Structure model' 'Version format compliance' 
2 3 'Structure model' 'Version format compliance' 
3 4 'Structure model' 'Data collection'           
4 4 'Structure model' 'Database references'       
5 4 'Structure model' 'Derived calculations'      
6 5 'Structure model' 'Data collection'           
# 
loop_
_pdbx_audit_revision_category.ordinal 
_pdbx_audit_revision_category.revision_ordinal 
_pdbx_audit_revision_category.data_content_type 
_pdbx_audit_revision_category.category 
1 4 'Structure model' database_2            
2 4 'Structure model' pdbx_nmr_software     
3 4 'Structure model' pdbx_struct_assembly  
4 4 'Structure model' pdbx_struct_oper_list 
5 5 'Structure model' chem_comp_atom        
6 5 'Structure model' chem_comp_bond        
# 
loop_
_pdbx_audit_revision_item.ordinal 
_pdbx_audit_revision_item.revision_ordinal 
_pdbx_audit_revision_item.data_content_type 
_pdbx_audit_revision_item.item 
1 4 'Structure model' '_database_2.pdbx_DOI'                
2 4 'Structure model' '_database_2.pdbx_database_accession' 
3 4 'Structure model' '_pdbx_nmr_software.name'             
# 
_pdbx_database_status.status_code                     REL 
_pdbx_database_status.entry_id                        2NRG 
_pdbx_database_status.recvd_initial_deposition_date   2006-11-02 
_pdbx_database_status.deposit_site                    RCSB 
_pdbx_database_status.process_site                    RCSB 
_pdbx_database_status.status_code_sf                  ? 
_pdbx_database_status.status_code_mr                  REL 
_pdbx_database_status.SG_entry                        ? 
_pdbx_database_status.pdb_format_compatible           Y 
_pdbx_database_status.status_code_cs                  ? 
_pdbx_database_status.status_code_nmr_data            ? 
_pdbx_database_status.methods_development_category    ? 
# 
_pdbx_database_related.db_name        PDB 
_pdbx_database_related.db_id          2ITA 
_pdbx_database_related.details        Ensemble 
_pdbx_database_related.content_type   unspecified 
# 
loop_
_audit_author.name 
_audit_author.pdbx_ordinal 
'Tunnicliffe, R.B.' 1 
'Ratcliffe, E.C.'   2 
'Hunter, C.N.'      3 
'Williamson, M.P.'  4 
# 
_citation.id                        primary 
_citation.title                     'The solution structure of the PufX polypeptide from Rhodobacter sphaeroides.' 
_citation.journal_abbrev            'Febs Lett.' 
_citation.journal_volume            580 
_citation.page_first                6967 
_citation.page_last                 6971 
_citation.year                      2006 
_citation.journal_id_ASTM           FEBLAL 
_citation.country                   NE 
_citation.journal_id_ISSN           0014-5793 
_citation.journal_id_CSD            0165 
_citation.book_publisher            ? 
_citation.pdbx_database_id_PubMed   17161397 
_citation.pdbx_database_id_DOI      10.1016/j.febslet.2006.11.065 
# 
loop_
_citation_author.citation_id 
_citation_author.name 
_citation_author.ordinal 
_citation_author.identifier_ORCID 
primary 'Tunnicliffe, R.B.' 1 ? 
primary 'Ratcliffe, E.C.'   2 ? 
primary 'Hunter, C.N.'      3 ? 
primary 'Williamson, M.P.'  4 ? 
# 
_entity.id                         1 
_entity.type                       polymer 
_entity.src_method                 man 
_entity.pdbx_description           'Intrinsic membrane protein pufX' 
_entity.formula_weight             9061.646 
_entity.pdbx_number_of_molecules   1 
_entity.pdbx_ec                    ? 
_entity.pdbx_mutation              ? 
_entity.pdbx_fragment              ? 
_entity.details                    ? 
# 
_entity_poly.entity_id                      1 
_entity_poly.type                           'polypeptide(L)' 
_entity_poly.nstd_linkage                   no 
_entity_poly.nstd_monomer                   no 
_entity_poly.pdbx_seq_one_letter_code       
;MADKTIFNDHLNTNPKTNLRLWVAFQMMKGAGWAGGVFFGTLLLIGFFRVVGRMLPIQENQAPAPNITGALETGIELIKH
LV
;
_entity_poly.pdbx_seq_one_letter_code_can   
;MADKTIFNDHLNTNPKTNLRLWVAFQMMKGAGWAGGVFFGTLLLIGFFRVVGRMLPIQENQAPAPNITGALETGIELIKH
LV
;
_entity_poly.pdbx_strand_id                 A 
_entity_poly.pdbx_target_identifier         ? 
# 
loop_
_entity_poly_seq.entity_id 
_entity_poly_seq.num 
_entity_poly_seq.mon_id 
_entity_poly_seq.hetero 
1 1  MET n 
1 2  ALA n 
1 3  ASP n 
1 4  LYS n 
1 5  THR n 
1 6  ILE n 
1 7  PHE n 
1 8  ASN n 
1 9  ASP n 
1 10 HIS n 
1 11 LEU n 
1 12 ASN n 
1 13 THR n 
1 14 ASN n 
1 15 PRO n 
1 16 LYS n 
1 17 THR n 
1 18 ASN n 
1 19 LEU n 
1 20 ARG n 
1 21 LEU n 
1 22 TRP n 
1 23 VAL n 
1 24 ALA n 
1 25 PHE n 
1 26 GLN n 
1 27 MET n 
1 28 MET n 
1 29 LYS n 
1 30 GLY n 
1 31 ALA n 
1 32 GLY n 
1 33 TRP n 
1 34 ALA n 
1 35 GLY n 
1 36 GLY n 
1 37 VAL n 
1 38 PHE n 
1 39 PHE n 
1 40 GLY n 
1 41 THR n 
1 42 LEU n 
1 43 LEU n 
1 44 LEU n 
1 45 ILE n 
1 46 GLY n 
1 47 PHE n 
1 48 PHE n 
1 49 ARG n 
1 50 VAL n 
1 51 VAL n 
1 52 GLY n 
1 53 ARG n 
1 54 MET n 
1 55 LEU n 
1 56 PRO n 
1 57 ILE n 
1 58 GLN n 
1 59 GLU n 
1 60 ASN n 
1 61 GLN n 
1 62 ALA n 
1 63 PRO n 
1 64 ALA n 
1 65 PRO n 
1 66 ASN n 
1 67 ILE n 
1 68 THR n 
1 69 GLY n 
1 70 ALA n 
1 71 LEU n 
1 72 GLU n 
1 73 THR n 
1 74 GLY n 
1 75 ILE n 
1 76 GLU n 
1 77 LEU n 
1 78 ILE n 
1 79 LYS n 
1 80 HIS n 
1 81 LEU n 
1 82 VAL n 
# 
_entity_src_gen.entity_id                          1 
_entity_src_gen.pdbx_src_id                        1 
_entity_src_gen.pdbx_alt_source_flag               sample 
_entity_src_gen.pdbx_seq_type                      ? 
_entity_src_gen.pdbx_beg_seq_num                   ? 
_entity_src_gen.pdbx_end_seq_num                   ? 
_entity_src_gen.gene_src_common_name               ? 
_entity_src_gen.gene_src_genus                     Rhodobacter 
_entity_src_gen.pdbx_gene_src_gene                 pufX 
_entity_src_gen.gene_src_species                   ? 
_entity_src_gen.gene_src_strain                    ? 
_entity_src_gen.gene_src_tissue                    ? 
_entity_src_gen.gene_src_tissue_fraction           ? 
_entity_src_gen.gene_src_details                   ? 
_entity_src_gen.pdbx_gene_src_fragment             ? 
_entity_src_gen.pdbx_gene_src_scientific_name      'Rhodobacter sphaeroides' 
_entity_src_gen.pdbx_gene_src_ncbi_taxonomy_id     1063 
_entity_src_gen.pdbx_gene_src_variant              ? 
_entity_src_gen.pdbx_gene_src_cell_line            ? 
_entity_src_gen.pdbx_gene_src_atcc                 ? 
_entity_src_gen.pdbx_gene_src_organ                ? 
_entity_src_gen.pdbx_gene_src_organelle            ? 
_entity_src_gen.pdbx_gene_src_cell                 ? 
_entity_src_gen.pdbx_gene_src_cellular_location    ? 
_entity_src_gen.host_org_common_name               ? 
_entity_src_gen.pdbx_host_org_scientific_name      'Escherichia coli' 
_entity_src_gen.pdbx_host_org_ncbi_taxonomy_id     562 
_entity_src_gen.host_org_genus                     Escherichia 
_entity_src_gen.pdbx_host_org_gene                 ? 
_entity_src_gen.pdbx_host_org_organ                ? 
_entity_src_gen.host_org_species                   ? 
_entity_src_gen.pdbx_host_org_tissue               ? 
_entity_src_gen.pdbx_host_org_tissue_fraction      ? 
_entity_src_gen.pdbx_host_org_strain               'BL21 PlysS' 
_entity_src_gen.pdbx_host_org_variant              ? 
_entity_src_gen.pdbx_host_org_cell_line            ? 
_entity_src_gen.pdbx_host_org_atcc                 ? 
_entity_src_gen.pdbx_host_org_culture_collection   ? 
_entity_src_gen.pdbx_host_org_cell                 ? 
_entity_src_gen.pdbx_host_org_organelle            ? 
_entity_src_gen.pdbx_host_org_cellular_location    ? 
_entity_src_gen.pdbx_host_org_vector_type          Plasmid 
_entity_src_gen.pdbx_host_org_vector               ? 
_entity_src_gen.host_org_details                   ? 
_entity_src_gen.expression_system_id               ? 
_entity_src_gen.plasmid_name                       PET9A 
_entity_src_gen.plasmid_details                    ? 
_entity_src_gen.pdbx_description                   ? 
# 
loop_
_chem_comp.id 
_chem_comp.type 
_chem_comp.mon_nstd_flag 
_chem_comp.name 
_chem_comp.pdbx_synonyms 
_chem_comp.formula 
_chem_comp.formula_weight 
ALA 'L-peptide linking' y ALANINE         ? 'C3 H7 N O2'     89.093  
ARG 'L-peptide linking' y ARGININE        ? 'C6 H15 N4 O2 1' 175.209 
ASN 'L-peptide linking' y ASPARAGINE      ? 'C4 H8 N2 O3'    132.118 
ASP 'L-peptide linking' y 'ASPARTIC ACID' ? 'C4 H7 N O4'     133.103 
GLN 'L-peptide linking' y GLUTAMINE       ? 'C5 H10 N2 O3'   146.144 
GLU 'L-peptide linking' y 'GLUTAMIC ACID' ? 'C5 H9 N O4'     147.129 
GLY 'peptide linking'   y GLYCINE         ? 'C2 H5 N O2'     75.067  
HIS 'L-peptide linking' y HISTIDINE       ? 'C6 H10 N3 O2 1' 156.162 
ILE 'L-peptide linking' y ISOLEUCINE      ? 'C6 H13 N O2'    131.173 
LEU 'L-peptide linking' y LEUCINE         ? 'C6 H13 N O2'    131.173 
LYS 'L-peptide linking' y LYSINE          ? 'C6 H15 N2 O2 1' 147.195 
MET 'L-peptide linking' y METHIONINE      ? 'C5 H11 N O2 S'  149.211 
PHE 'L-peptide linking' y PHENYLALANINE   ? 'C9 H11 N O2'    165.189 
PRO 'L-peptide linking' y PROLINE         ? 'C5 H9 N O2'     115.130 
THR 'L-peptide linking' y THREONINE       ? 'C4 H9 N O3'     119.119 
TRP 'L-peptide linking' y TRYPTOPHAN      ? 'C11 H12 N2 O2'  204.225 
VAL 'L-peptide linking' y VALINE          ? 'C5 H11 N O2'    117.146 
# 
loop_
_pdbx_poly_seq_scheme.asym_id 
_pdbx_poly_seq_scheme.entity_id 
_pdbx_poly_seq_scheme.seq_id 
_pdbx_poly_seq_scheme.mon_id 
_pdbx_poly_seq_scheme.ndb_seq_num 
_pdbx_poly_seq_scheme.pdb_seq_num 
_pdbx_poly_seq_scheme.auth_seq_num 
_pdbx_poly_seq_scheme.pdb_mon_id 
_pdbx_poly_seq_scheme.auth_mon_id 
_pdbx_poly_seq_scheme.pdb_strand_id 
_pdbx_poly_seq_scheme.pdb_ins_code 
_pdbx_poly_seq_scheme.hetero 
A 1 1  MET 1  1  1  MET MET A . n 
A 1 2  ALA 2  2  2  ALA ALA A . n 
A 1 3  ASP 3  3  3  ASP ASP A . n 
A 1 4  LYS 4  4  4  LYS LYS A . n 
A 1 5  THR 5  5  5  THR THR A . n 
A 1 6  ILE 6  6  6  ILE ILE A . n 
A 1 7  PHE 7  7  7  PHE PHE A . n 
A 1 8  ASN 8  8  8  ASN ASN A . n 
A 1 9  ASP 9  9  9  ASP ASP A . n 
A 1 10 HIS 10 10 10 HIS HIS A . n 
A 1 11 LEU 11 11 11 LEU LEU A . n 
A 1 12 ASN 12 12 12 ASN ASN A . n 
A 1 13 THR 13 13 13 THR THR A . n 
A 1 14 ASN 14 14 14 ASN ASN A . n 
A 1 15 PRO 15 15 15 PRO PRO A . n 
A 1 16 LYS 16 16 16 LYS LYS A . n 
A 1 17 THR 17 17 17 THR THR A . n 
A 1 18 ASN 18 18 18 ASN ASN A . n 
A 1 19 LEU 19 19 19 LEU LEU A . n 
A 1 20 ARG 20 20 20 ARG ARG A . n 
A 1 21 LEU 21 21 21 LEU LEU A . n 
A 1 22 TRP 22 22 22 TRP TRP A . n 
A 1 23 VAL 23 23 23 VAL VAL A . n 
A 1 24 ALA 24 24 24 ALA ALA A . n 
A 1 25 PHE 25 25 25 PHE PHE A . n 
A 1 26 GLN 26 26 26 GLN GLN A . n 
A 1 27 MET 27 27 27 MET MET A . n 
A 1 28 MET 28 28 28 MET MET A . n 
A 1 29 LYS 29 29 29 LYS LYS A . n 
A 1 30 GLY 30 30 30 GLY GLY A . n 
A 1 31 ALA 31 31 31 ALA ALA A . n 
A 1 32 GLY 32 32 32 GLY GLY A . n 
A 1 33 TRP 33 33 33 TRP TRP A . n 
A 1 34 ALA 34 34 34 ALA ALA A . n 
A 1 35 GLY 35 35 35 GLY GLY A . n 
A 1 36 GLY 36 36 36 GLY GLY A . n 
A 1 37 VAL 37 37 37 VAL VAL A . n 
A 1 38 PHE 38 38 38 PHE PHE A . n 
A 1 39 PHE 39 39 39 PHE PHE A . n 
A 1 40 GLY 40 40 40 GLY GLY A . n 
A 1 41 THR 41 41 41 THR THR A . n 
A 1 42 LEU 42 42 42 LEU LEU A . n 
A 1 43 LEU 43 43 43 LEU LEU A . n 
A 1 44 LEU 44 44 44 LEU LEU A . n 
A 1 45 ILE 45 45 45 ILE ILE A . n 
A 1 46 GLY 46 46 46 GLY GLY A . n 
A 1 47 PHE 47 47 47 PHE PHE A . n 
A 1 48 PHE 48 48 48 PHE PHE A . n 
A 1 49 ARG 49 49 49 ARG ARG A . n 
A 1 50 VAL 50 50 50 VAL VAL A . n 
A 1 51 VAL 51 51 51 VAL VAL A . n 
A 1 52 GLY 52 52 52 GLY GLY A . n 
A 1 53 ARG 53 53 53 ARG ARG A . n 
A 1 54 MET 54 54 54 MET MET A . n 
A 1 55 LEU 55 55 55 LEU LEU A . n 
A 1 56 PRO 56 56 56 PRO PRO A . n 
A 1 57 ILE 57 57 57 ILE ILE A . n 
A 1 58 GLN 58 58 58 GLN GLN A . n 
A 1 59 GLU 59 59 59 GLU GLU A . n 
A 1 60 ASN 60 60 60 ASN ASN A . n 
A 1 61 GLN 61 61 61 GLN GLN A . n 
A 1 62 ALA 62 62 62 ALA ALA A . n 
A 1 63 PRO 63 63 63 PRO PRO A . n 
A 1 64 ALA 64 64 64 ALA ALA A . n 
A 1 65 PRO 65 65 65 PRO PRO A . n 
A 1 66 ASN 66 66 66 ASN ASN A . n 
A 1 67 ILE 67 67 67 ILE ILE A . n 
A 1 68 THR 68 68 68 THR THR A . n 
A 1 69 GLY 69 69 69 GLY GLY A . n 
A 1 70 ALA 70 70 70 ALA ALA A . n 
A 1 71 LEU 71 71 71 LEU LEU A . n 
A 1 72 GLU 72 72 72 GLU GLU A . n 
A 1 73 THR 73 73 73 THR THR A . n 
A 1 74 GLY 74 74 74 GLY GLY A . n 
A 1 75 ILE 75 75 75 ILE ILE A . n 
A 1 76 GLU 76 76 76 GLU GLU A . n 
A 1 77 LEU 77 77 77 LEU LEU A . n 
A 1 78 ILE 78 78 78 ILE ILE A . n 
A 1 79 LYS 79 79 79 LYS LYS A . n 
A 1 80 HIS 80 80 80 HIS HIS A . n 
A 1 81 LEU 81 81 81 LEU LEU A . n 
A 1 82 VAL 82 82 82 VAL VAL A . n 
# 
_exptl.entry_id          2NRG 
_exptl.method            'SOLUTION NMR' 
_exptl.crystals_number   ? 
# 
_exptl_crystal.id                    1 
_exptl_crystal.density_meas          ? 
_exptl_crystal.density_Matthews      ? 
_exptl_crystal.density_percent_sol   ? 
_exptl_crystal.description           ? 
# 
_diffrn.id                     1 
_diffrn.ambient_temp           ? 
_diffrn.ambient_temp_details   ? 
_diffrn.crystal_id             1 
# 
_diffrn_radiation.diffrn_id                        1 
_diffrn_radiation.wavelength_id                    1 
_diffrn_radiation.monochromator                    ? 
_diffrn_radiation.pdbx_monochromatic_or_laue_m_l   M 
_diffrn_radiation.pdbx_diffrn_protocol             'SINGLE WAVELENGTH' 
_diffrn_radiation.pdbx_scattering_type             ? 
# 
_diffrn_radiation_wavelength.id           1 
_diffrn_radiation_wavelength.wavelength   . 
_diffrn_radiation_wavelength.wt           1.0 
# 
_struct.entry_id                  2NRG 
_struct.title                     'Solution Structure of PufX from Rhodobacter Sphaeroides (minimised average)' 
_struct.pdbx_model_details        ? 
_struct.pdbx_CASP_flag            ? 
_struct.pdbx_model_type_details   'minimized average' 
# 
_struct_keywords.entry_id        2NRG 
_struct_keywords.pdbx_keywords   'PHOTOSYNTHESIS,MEMBRANE PROTEIN' 
_struct_keywords.text            'Bent transmembrane helix, PHOTOSYNTHESIS, MEMBRANE PROTEIN' 
# 
_struct_asym.id                            A 
_struct_asym.pdbx_blank_PDB_chainid_flag   N 
_struct_asym.pdbx_modified                 N 
_struct_asym.entity_id                     1 
_struct_asym.details                       ? 
# 
_struct_ref.id                         1 
_struct_ref.db_name                    UNP 
_struct_ref.db_code                    PUFX_RHOS4 
_struct_ref.pdbx_db_accession          P13402 
_struct_ref.entity_id                  1 
_struct_ref.pdbx_seq_one_letter_code   
;MADKTIFNDHLNTNPKTNLRLWVAFQMMKGAGWAGGVFFGTLLLIGFFRVVGRMLPIQENQAPAPNITGALETGIELIKH
LV
;
_struct_ref.pdbx_align_begin           1 
_struct_ref.pdbx_db_isoform            ? 
# 
_struct_ref_seq.align_id                      1 
_struct_ref_seq.ref_id                        1 
_struct_ref_seq.pdbx_PDB_id_code              2NRG 
_struct_ref_seq.pdbx_strand_id                A 
_struct_ref_seq.seq_align_beg                 1 
_struct_ref_seq.pdbx_seq_align_beg_ins_code   ? 
_struct_ref_seq.seq_align_end                 82 
_struct_ref_seq.pdbx_seq_align_end_ins_code   ? 
_struct_ref_seq.pdbx_db_accession             P13402 
_struct_ref_seq.db_align_beg                  1 
_struct_ref_seq.pdbx_db_align_beg_ins_code    ? 
_struct_ref_seq.db_align_end                  82 
_struct_ref_seq.pdbx_db_align_end_ins_code    ? 
_struct_ref_seq.pdbx_auth_seq_align_beg       1 
_struct_ref_seq.pdbx_auth_seq_align_end       82 
# 
_pdbx_struct_assembly.id                   1 
_pdbx_struct_assembly.details              author_defined_assembly 
_pdbx_struct_assembly.method_details       ? 
_pdbx_struct_assembly.oligomeric_details   monomeric 
_pdbx_struct_assembly.oligomeric_count     1 
# 
_pdbx_struct_assembly_gen.assembly_id       1 
_pdbx_struct_assembly_gen.oper_expression   1 
_pdbx_struct_assembly_gen.asym_id_list      A 
# 
_pdbx_struct_oper_list.id                   1 
_pdbx_struct_oper_list.type                 'identity operation' 
_pdbx_struct_oper_list.name                 1_555 
_pdbx_struct_oper_list.symmetry_operation   x,y,z 
_pdbx_struct_oper_list.matrix[1][1]         1.0000000000 
_pdbx_struct_oper_list.matrix[1][2]         0.0000000000 
_pdbx_struct_oper_list.matrix[1][3]         0.0000000000 
_pdbx_struct_oper_list.vector[1]            0.0000000000 
_pdbx_struct_oper_list.matrix[2][1]         0.0000000000 
_pdbx_struct_oper_list.matrix[2][2]         1.0000000000 
_pdbx_struct_oper_list.matrix[2][3]         0.0000000000 
_pdbx_struct_oper_list.vector[2]            0.0000000000 
_pdbx_struct_oper_list.matrix[3][1]         0.0000000000 
_pdbx_struct_oper_list.matrix[3][2]         0.0000000000 
_pdbx_struct_oper_list.matrix[3][3]         1.0000000000 
_pdbx_struct_oper_list.vector[3]            0.0000000000 
# 
_struct_biol.id   1 
# 
loop_
_struct_conf.conf_type_id 
_struct_conf.id 
_struct_conf.pdbx_PDB_helix_id 
_struct_conf.beg_label_comp_id 
_struct_conf.beg_label_asym_id 
_struct_conf.beg_label_seq_id 
_struct_conf.pdbx_beg_PDB_ins_code 
_struct_conf.end_label_comp_id 
_struct_conf.end_label_asym_id 
_struct_conf.end_label_seq_id 
_struct_conf.pdbx_end_PDB_ins_code 
_struct_conf.beg_auth_comp_id 
_struct_conf.beg_auth_asym_id 
_struct_conf.beg_auth_seq_id 
_struct_conf.end_auth_comp_id 
_struct_conf.end_auth_asym_id 
_struct_conf.end_auth_seq_id 
_struct_conf.pdbx_PDB_helix_class 
_struct_conf.details 
_struct_conf.pdbx_PDB_helix_length 
HELX_P HELX_P1 1 THR A 5  ? ASP A 9  ? THR A 5  ASP A 9  5 ? 5  
HELX_P HELX_P2 2 ASN A 14 ? MET A 28 ? ASN A 14 MET A 28 1 ? 15 
HELX_P HELX_P3 3 MET A 28 ? TRP A 33 ? MET A 28 TRP A 33 1 ? 6  
HELX_P HELX_P4 4 TRP A 33 ? MET A 54 ? TRP A 33 MET A 54 1 ? 22 
# 
_struct_conf_type.id          HELX_P 
_struct_conf_type.criteria    ? 
_struct_conf_type.reference   ? 
# 
loop_
_pdbx_validate_close_contact.id 
_pdbx_validate_close_contact.PDB_model_num 
_pdbx_validate_close_contact.auth_atom_id_1 
_pdbx_validate_close_contact.auth_asym_id_1 
_pdbx_validate_close_contact.auth_comp_id_1 
_pdbx_validate_close_contact.auth_seq_id_1 
_pdbx_validate_close_contact.PDB_ins_code_1 
_pdbx_validate_close_contact.label_alt_id_1 
_pdbx_validate_close_contact.auth_atom_id_2 
_pdbx_validate_close_contact.auth_asym_id_2 
_pdbx_validate_close_contact.auth_comp_id_2 
_pdbx_validate_close_contact.auth_seq_id_2 
_pdbx_validate_close_contact.PDB_ins_code_2 
_pdbx_validate_close_contact.label_alt_id_2 
_pdbx_validate_close_contact.dist 
1 1 O  A LEU 55 ? ? H   A GLU 59 ? ? 1.50 
2 1 H1 A MET 1  ? ? OG1 A THR 13 ? ? 1.55 
# 
loop_
_pdbx_validate_torsion.id 
_pdbx_validate_torsion.PDB_model_num 
_pdbx_validate_torsion.auth_comp_id 
_pdbx_validate_torsion.auth_asym_id 
_pdbx_validate_torsion.auth_seq_id 
_pdbx_validate_torsion.PDB_ins_code 
_pdbx_validate_torsion.label_alt_id 
_pdbx_validate_torsion.phi 
_pdbx_validate_torsion.psi 
1  1 LYS A 4  ? ? -50.80  175.02  
2  1 THR A 5  ? ? 69.48   -65.85  
3  1 ASN A 12 ? ? -57.28  -97.80  
4  1 THR A 13 ? ? 33.60   55.35   
5  1 TRP A 33 ? ? -90.24  -70.99  
6  1 MET A 54 ? ? -172.16 44.89   
7  1 LEU A 55 ? ? -153.71 -60.27  
8  1 GLN A 61 ? ? 68.87   67.11   
9  1 PRO A 63 ? ? -62.94  -73.02  
10 1 ALA A 64 ? ? -149.41 49.89   
11 1 PRO A 65 ? ? -96.40  -65.71  
12 1 ILE A 67 ? ? -144.39 -127.64 
13 1 THR A 68 ? ? -160.04 28.87   
14 1 LEU A 71 ? ? 65.66   -72.51  
15 1 GLU A 72 ? ? -179.64 -174.84 
16 1 GLU A 76 ? ? -98.52  33.02   
# 
_pdbx_nmr_ensemble.entry_id                                      2NRG 
_pdbx_nmr_ensemble.conformers_calculated_total_number            80 
_pdbx_nmr_ensemble.conformers_submitted_total_number             1 
_pdbx_nmr_ensemble.conformer_selection_criteria                  'Minimised average structure' 
_pdbx_nmr_ensemble.average_constraints_per_residue               ? 
_pdbx_nmr_ensemble.average_constraint_violations_per_residue     ? 
_pdbx_nmr_ensemble.maximum_distance_constraint_violation         ? 
_pdbx_nmr_ensemble.average_distance_constraint_violation         ? 
_pdbx_nmr_ensemble.maximum_upper_distance_constraint_violation   ? 
_pdbx_nmr_ensemble.maximum_lower_distance_constraint_violation   ? 
_pdbx_nmr_ensemble.distance_constraint_violation_method          ? 
_pdbx_nmr_ensemble.maximum_torsion_angle_constraint_violation    ? 
_pdbx_nmr_ensemble.average_torsion_angle_constraint_violation    ? 
_pdbx_nmr_ensemble.torsion_angle_constraint_violation_method     ? 
# 
_pdbx_nmr_representative.entry_id             2NRG 
_pdbx_nmr_representative.conformer_id         1 
_pdbx_nmr_representative.selection_criteria   'minimized average structure' 
# 
loop_
_pdbx_nmr_sample_details.solution_id 
_pdbx_nmr_sample_details.contents 
_pdbx_nmr_sample_details.solvent_system 
1 '1mM PufX U-15N, 50% CD3OH, 50% CDCl3'        '50% CD3OH, 50% CDCl3' 
2 '1mM PufX U-15N, U-13C, 50% CD3OH, 50% CDCl3' '50% CD3OH, 50% CDCl3' 
# 
_pdbx_nmr_exptl_sample_conditions.conditions_id       1 
_pdbx_nmr_exptl_sample_conditions.temperature         298 
_pdbx_nmr_exptl_sample_conditions.pressure            1 
_pdbx_nmr_exptl_sample_conditions.pH                  ? 
_pdbx_nmr_exptl_sample_conditions.ionic_strength      ? 
_pdbx_nmr_exptl_sample_conditions.pressure_units      atm 
_pdbx_nmr_exptl_sample_conditions.temperature_units   K 
# 
loop_
_pdbx_nmr_exptl.experiment_id 
_pdbx_nmr_exptl.conditions_id 
_pdbx_nmr_exptl.type 
_pdbx_nmr_exptl.solution_id 
1 1 HNHA                       1 
2 1 TOCSY-HSQC                 1 
3 1 4D_13C/15N-separated_NOESY 2 
4 1 HNCO                       2 
5 1 'HN(CA)CO'                 2 
6 1 HNCA                       2 
7 1 'CBCA(CO)NH'               2 
# 
_pdbx_nmr_refine.entry_id           2NRG 
_pdbx_nmr_refine.method             'simulated annealing' 
_pdbx_nmr_refine.details            ? 
_pdbx_nmr_refine.software_ordinal   1 
# 
loop_
_pdbx_nmr_software.classification 
_pdbx_nmr_software.name 
_pdbx_nmr_software.version 
_pdbx_nmr_software.authors 
_pdbx_nmr_software.ordinal 
processing           Felix 2004 Accelrys               1 
'data analysis'      Felix 2004 Accelrys               2 
'structure solution' CNS   1.1  'Brunger, A.T. et al.' 3 
refinement           CNS   1.1  'Brunger, A.T. et al.' 4 
# 
loop_
_chem_comp_atom.comp_id 
_chem_comp_atom.atom_id 
_chem_comp_atom.type_symbol 
_chem_comp_atom.pdbx_aromatic_flag 
_chem_comp_atom.pdbx_stereo_config 
_chem_comp_atom.pdbx_ordinal 
ALA N    N N N 1   
ALA CA   C N S 2   
ALA C    C N N 3   
ALA O    O N N 4   
ALA CB   C N N 5   
ALA OXT  O N N 6   
ALA H    H N N 7   
ALA H2   H N N 8   
ALA HA   H N N 9   
ALA HB1  H N N 10  
ALA HB2  H N N 11  
ALA HB3  H N N 12  
ALA HXT  H N N 13  
ARG N    N N N 14  
ARG CA   C N S 15  
ARG C    C N N 16  
ARG O    O N N 17  
ARG CB   C N N 18  
ARG CG   C N N 19  
ARG CD   C N N 20  
ARG NE   N N N 21  
ARG CZ   C N N 22  
ARG NH1  N N N 23  
ARG NH2  N N N 24  
ARG OXT  O N N 25  
ARG H    H N N 26  
ARG H2   H N N 27  
ARG HA   H N N 28  
ARG HB2  H N N 29  
ARG HB3  H N N 30  
ARG HG2  H N N 31  
ARG HG3  H N N 32  
ARG HD2  H N N 33  
ARG HD3  H N N 34  
ARG HE   H N N 35  
ARG HH11 H N N 36  
ARG HH12 H N N 37  
ARG HH21 H N N 38  
ARG HH22 H N N 39  
ARG HXT  H N N 40  
ASN N    N N N 41  
ASN CA   C N S 42  
ASN C    C N N 43  
ASN O    O N N 44  
ASN CB   C N N 45  
ASN CG   C N N 46  
ASN OD1  O N N 47  
ASN ND2  N N N 48  
ASN OXT  O N N 49  
ASN H    H N N 50  
ASN H2   H N N 51  
ASN HA   H N N 52  
ASN HB2  H N N 53  
ASN HB3  H N N 54  
ASN HD21 H N N 55  
ASN HD22 H N N 56  
ASN HXT  H N N 57  
ASP N    N N N 58  
ASP CA   C N S 59  
ASP C    C N N 60  
ASP O    O N N 61  
ASP CB   C N N 62  
ASP CG   C N N 63  
ASP OD1  O N N 64  
ASP OD2  O N N 65  
ASP OXT  O N N 66  
ASP H    H N N 67  
ASP H2   H N N 68  
ASP HA   H N N 69  
ASP HB2  H N N 70  
ASP HB3  H N N 71  
ASP HD2  H N N 72  
ASP HXT  H N N 73  
GLN N    N N N 74  
GLN CA   C N S 75  
GLN C    C N N 76  
GLN O    O N N 77  
GLN CB   C N N 78  
GLN CG   C N N 79  
GLN CD   C N N 80  
GLN OE1  O N N 81  
GLN NE2  N N N 82  
GLN OXT  O N N 83  
GLN H    H N N 84  
GLN H2   H N N 85  
GLN HA   H N N 86  
GLN HB2  H N N 87  
GLN HB3  H N N 88  
GLN HG2  H N N 89  
GLN HG3  H N N 90  
GLN HE21 H N N 91  
GLN HE22 H N N 92  
GLN HXT  H N N 93  
GLU N    N N N 94  
GLU CA   C N S 95  
GLU C    C N N 96  
GLU O    O N N 97  
GLU CB   C N N 98  
GLU CG   C N N 99  
GLU CD   C N N 100 
GLU OE1  O N N 101 
GLU OE2  O N N 102 
GLU OXT  O N N 103 
GLU H    H N N 104 
GLU H2   H N N 105 
GLU HA   H N N 106 
GLU HB2  H N N 107 
GLU HB3  H N N 108 
GLU HG2  H N N 109 
GLU HG3  H N N 110 
GLU HE2  H N N 111 
GLU HXT  H N N 112 
GLY N    N N N 113 
GLY CA   C N N 114 
GLY C    C N N 115 
GLY O    O N N 116 
GLY OXT  O N N 117 
GLY H    H N N 118 
GLY H2   H N N 119 
GLY HA2  H N N 120 
GLY HA3  H N N 121 
GLY HXT  H N N 122 
HIS N    N N N 123 
HIS CA   C N S 124 
HIS C    C N N 125 
HIS O    O N N 126 
HIS CB   C N N 127 
HIS CG   C Y N 128 
HIS ND1  N Y N 129 
HIS CD2  C Y N 130 
HIS CE1  C Y N 131 
HIS NE2  N Y N 132 
HIS OXT  O N N 133 
HIS H    H N N 134 
HIS H2   H N N 135 
HIS HA   H N N 136 
HIS HB2  H N N 137 
HIS HB3  H N N 138 
HIS HD1  H N N 139 
HIS HD2  H N N 140 
HIS HE1  H N N 141 
HIS HE2  H N N 142 
HIS HXT  H N N 143 
ILE N    N N N 144 
ILE CA   C N S 145 
ILE C    C N N 146 
ILE O    O N N 147 
ILE CB   C N S 148 
ILE CG1  C N N 149 
ILE CG2  C N N 150 
ILE CD1  C N N 151 
ILE OXT  O N N 152 
ILE H    H N N 153 
ILE H2   H N N 154 
ILE HA   H N N 155 
ILE HB   H N N 156 
ILE HG12 H N N 157 
ILE HG13 H N N 158 
ILE HG21 H N N 159 
ILE HG22 H N N 160 
ILE HG23 H N N 161 
ILE HD11 H N N 162 
ILE HD12 H N N 163 
ILE HD13 H N N 164 
ILE HXT  H N N 165 
LEU N    N N N 166 
LEU CA   C N S 167 
LEU C    C N N 168 
LEU O    O N N 169 
LEU CB   C N N 170 
LEU CG   C N N 171 
LEU CD1  C N N 172 
LEU CD2  C N N 173 
LEU OXT  O N N 174 
LEU H    H N N 175 
LEU H2   H N N 176 
LEU HA   H N N 177 
LEU HB2  H N N 178 
LEU HB3  H N N 179 
LEU HG   H N N 180 
LEU HD11 H N N 181 
LEU HD12 H N N 182 
LEU HD13 H N N 183 
LEU HD21 H N N 184 
LEU HD22 H N N 185 
LEU HD23 H N N 186 
LEU HXT  H N N 187 
LYS N    N N N 188 
LYS CA   C N S 189 
LYS C    C N N 190 
LYS O    O N N 191 
LYS CB   C N N 192 
LYS CG   C N N 193 
LYS CD   C N N 194 
LYS CE   C N N 195 
LYS NZ   N N N 196 
LYS OXT  O N N 197 
LYS H    H N N 198 
LYS H2   H N N 199 
LYS HA   H N N 200 
LYS HB2  H N N 201 
LYS HB3  H N N 202 
LYS HG2  H N N 203 
LYS HG3  H N N 204 
LYS HD2  H N N 205 
LYS HD3  H N N 206 
LYS HE2  H N N 207 
LYS HE3  H N N 208 
LYS HZ1  H N N 209 
LYS HZ2  H N N 210 
LYS HZ3  H N N 211 
LYS HXT  H N N 212 
MET N    N N N 213 
MET CA   C N S 214 
MET C    C N N 215 
MET O    O N N 216 
MET CB   C N N 217 
MET CG   C N N 218 
MET SD   S N N 219 
MET CE   C N N 220 
MET OXT  O N N 221 
MET H    H N N 222 
MET H2   H N N 223 
MET HA   H N N 224 
MET HB2  H N N 225 
MET HB3  H N N 226 
MET HG2  H N N 227 
MET HG3  H N N 228 
MET HE1  H N N 229 
MET HE2  H N N 230 
MET HE3  H N N 231 
MET HXT  H N N 232 
PHE N    N N N 233 
PHE CA   C N S 234 
PHE C    C N N 235 
PHE O    O N N 236 
PHE CB   C N N 237 
PHE CG   C Y N 238 
PHE CD1  C Y N 239 
PHE CD2  C Y N 240 
PHE CE1  C Y N 241 
PHE CE2  C Y N 242 
PHE CZ   C Y N 243 
PHE OXT  O N N 244 
PHE H    H N N 245 
PHE H2   H N N 246 
PHE HA   H N N 247 
PHE HB2  H N N 248 
PHE HB3  H N N 249 
PHE HD1  H N N 250 
PHE HD2  H N N 251 
PHE HE1  H N N 252 
PHE HE2  H N N 253 
PHE HZ   H N N 254 
PHE HXT  H N N 255 
PRO N    N N N 256 
PRO CA   C N S 257 
PRO C    C N N 258 
PRO O    O N N 259 
PRO CB   C N N 260 
PRO CG   C N N 261 
PRO CD   C N N 262 
PRO OXT  O N N 263 
PRO H    H N N 264 
PRO HA   H N N 265 
PRO HB2  H N N 266 
PRO HB3  H N N 267 
PRO HG2  H N N 268 
PRO HG3  H N N 269 
PRO HD2  H N N 270 
PRO HD3  H N N 271 
PRO HXT  H N N 272 
THR N    N N N 273 
THR CA   C N S 274 
THR C    C N N 275 
THR O    O N N 276 
THR CB   C N R 277 
THR OG1  O N N 278 
THR CG2  C N N 279 
THR OXT  O N N 280 
THR H    H N N 281 
THR H2   H N N 282 
THR HA   H N N 283 
THR HB   H N N 284 
THR HG1  H N N 285 
THR HG21 H N N 286 
THR HG22 H N N 287 
THR HG23 H N N 288 
THR HXT  H N N 289 
TRP N    N N N 290 
TRP CA   C N S 291 
TRP C    C N N 292 
TRP O    O N N 293 
TRP CB   C N N 294 
TRP CG   C Y N 295 
TRP CD1  C Y N 296 
TRP CD2  C Y N 297 
TRP NE1  N Y N 298 
TRP CE2  C Y N 299 
TRP CE3  C Y N 300 
TRP CZ2  C Y N 301 
TRP CZ3  C Y N 302 
TRP CH2  C Y N 303 
TRP OXT  O N N 304 
TRP H    H N N 305 
TRP H2   H N N 306 
TRP HA   H N N 307 
TRP HB2  H N N 308 
TRP HB3  H N N 309 
TRP HD1  H N N 310 
TRP HE1  H N N 311 
TRP HE3  H N N 312 
TRP HZ2  H N N 313 
TRP HZ3  H N N 314 
TRP HH2  H N N 315 
TRP HXT  H N N 316 
VAL N    N N N 317 
VAL CA   C N S 318 
VAL C    C N N 319 
VAL O    O N N 320 
VAL CB   C N N 321 
VAL CG1  C N N 322 
VAL CG2  C N N 323 
VAL OXT  O N N 324 
VAL H    H N N 325 
VAL H2   H N N 326 
VAL HA   H N N 327 
VAL HB   H N N 328 
VAL HG11 H N N 329 
VAL HG12 H N N 330 
VAL HG13 H N N 331 
VAL HG21 H N N 332 
VAL HG22 H N N 333 
VAL HG23 H N N 334 
VAL HXT  H N N 335 
# 
loop_
_chem_comp_bond.comp_id 
_chem_comp_bond.atom_id_1 
_chem_comp_bond.atom_id_2 
_chem_comp_bond.value_order 
_chem_comp_bond.pdbx_aromatic_flag 
_chem_comp_bond.pdbx_stereo_config 
_chem_comp_bond.pdbx_ordinal 
ALA N   CA   sing N N 1   
ALA N   H    sing N N 2   
ALA N   H2   sing N N 3   
ALA CA  C    sing N N 4   
ALA CA  CB   sing N N 5   
ALA CA  HA   sing N N 6   
ALA C   O    doub N N 7   
ALA C   OXT  sing N N 8   
ALA CB  HB1  sing N N 9   
ALA CB  HB2  sing N N 10  
ALA CB  HB3  sing N N 11  
ALA OXT HXT  sing N N 12  
ARG N   CA   sing N N 13  
ARG N   H    sing N N 14  
ARG N   H2   sing N N 15  
ARG CA  C    sing N N 16  
ARG CA  CB   sing N N 17  
ARG CA  HA   sing N N 18  
ARG C   O    doub N N 19  
ARG C   OXT  sing N N 20  
ARG CB  CG   sing N N 21  
ARG CB  HB2  sing N N 22  
ARG CB  HB3  sing N N 23  
ARG CG  CD   sing N N 24  
ARG CG  HG2  sing N N 25  
ARG CG  HG3  sing N N 26  
ARG CD  NE   sing N N 27  
ARG CD  HD2  sing N N 28  
ARG CD  HD3  sing N N 29  
ARG NE  CZ   sing N N 30  
ARG NE  HE   sing N N 31  
ARG CZ  NH1  sing N N 32  
ARG CZ  NH2  doub N N 33  
ARG NH1 HH11 sing N N 34  
ARG NH1 HH12 sing N N 35  
ARG NH2 HH21 sing N N 36  
ARG NH2 HH22 sing N N 37  
ARG OXT HXT  sing N N 38  
ASN N   CA   sing N N 39  
ASN N   H    sing N N 40  
ASN N   H2   sing N N 41  
ASN CA  C    sing N N 42  
ASN CA  CB   sing N N 43  
ASN CA  HA   sing N N 44  
ASN C   O    doub N N 45  
ASN C   OXT  sing N N 46  
ASN CB  CG   sing N N 47  
ASN CB  HB2  sing N N 48  
ASN CB  HB3  sing N N 49  
ASN CG  OD1  doub N N 50  
ASN CG  ND2  sing N N 51  
ASN ND2 HD21 sing N N 52  
ASN ND2 HD22 sing N N 53  
ASN OXT HXT  sing N N 54  
ASP N   CA   sing N N 55  
ASP N   H    sing N N 56  
ASP N   H2   sing N N 57  
ASP CA  C    sing N N 58  
ASP CA  CB   sing N N 59  
ASP CA  HA   sing N N 60  
ASP C   O    doub N N 61  
ASP C   OXT  sing N N 62  
ASP CB  CG   sing N N 63  
ASP CB  HB2  sing N N 64  
ASP CB  HB3  sing N N 65  
ASP CG  OD1  doub N N 66  
ASP CG  OD2  sing N N 67  
ASP OD2 HD2  sing N N 68  
ASP OXT HXT  sing N N 69  
GLN N   CA   sing N N 70  
GLN N   H    sing N N 71  
GLN N   H2   sing N N 72  
GLN CA  C    sing N N 73  
GLN CA  CB   sing N N 74  
GLN CA  HA   sing N N 75  
GLN C   O    doub N N 76  
GLN C   OXT  sing N N 77  
GLN CB  CG   sing N N 78  
GLN CB  HB2  sing N N 79  
GLN CB  HB3  sing N N 80  
GLN CG  CD   sing N N 81  
GLN CG  HG2  sing N N 82  
GLN CG  HG3  sing N N 83  
GLN CD  OE1  doub N N 84  
GLN CD  NE2  sing N N 85  
GLN NE2 HE21 sing N N 86  
GLN NE2 HE22 sing N N 87  
GLN OXT HXT  sing N N 88  
GLU N   CA   sing N N 89  
GLU N   H    sing N N 90  
GLU N   H2   sing N N 91  
GLU CA  C    sing N N 92  
GLU CA  CB   sing N N 93  
GLU CA  HA   sing N N 94  
GLU C   O    doub N N 95  
GLU C   OXT  sing N N 96  
GLU CB  CG   sing N N 97  
GLU CB  HB2  sing N N 98  
GLU CB  HB3  sing N N 99  
GLU CG  CD   sing N N 100 
GLU CG  HG2  sing N N 101 
GLU CG  HG3  sing N N 102 
GLU CD  OE1  doub N N 103 
GLU CD  OE2  sing N N 104 
GLU OE2 HE2  sing N N 105 
GLU OXT HXT  sing N N 106 
GLY N   CA   sing N N 107 
GLY N   H    sing N N 108 
GLY N   H2   sing N N 109 
GLY CA  C    sing N N 110 
GLY CA  HA2  sing N N 111 
GLY CA  HA3  sing N N 112 
GLY C   O    doub N N 113 
GLY C   OXT  sing N N 114 
GLY OXT HXT  sing N N 115 
HIS N   CA   sing N N 116 
HIS N   H    sing N N 117 
HIS N   H2   sing N N 118 
HIS CA  C    sing N N 119 
HIS CA  CB   sing N N 120 
HIS CA  HA   sing N N 121 
HIS C   O    doub N N 122 
HIS C   OXT  sing N N 123 
HIS CB  CG   sing N N 124 
HIS CB  HB2  sing N N 125 
HIS CB  HB3  sing N N 126 
HIS CG  ND1  sing Y N 127 
HIS CG  CD2  doub Y N 128 
HIS ND1 CE1  doub Y N 129 
HIS ND1 HD1  sing N N 130 
HIS CD2 NE2  sing Y N 131 
HIS CD2 HD2  sing N N 132 
HIS CE1 NE2  sing Y N 133 
HIS CE1 HE1  sing N N 134 
HIS NE2 HE2  sing N N 135 
HIS OXT HXT  sing N N 136 
ILE N   CA   sing N N 137 
ILE N   H    sing N N 138 
ILE N   H2   sing N N 139 
ILE CA  C    sing N N 140 
ILE CA  CB   sing N N 141 
ILE CA  HA   sing N N 142 
ILE C   O    doub N N 143 
ILE C   OXT  sing N N 144 
ILE CB  CG1  sing N N 145 
ILE CB  CG2  sing N N 146 
ILE CB  HB   sing N N 147 
ILE CG1 CD1  sing N N 148 
ILE CG1 HG12 sing N N 149 
ILE CG1 HG13 sing N N 150 
ILE CG2 HG21 sing N N 151 
ILE CG2 HG22 sing N N 152 
ILE CG2 HG23 sing N N 153 
ILE CD1 HD11 sing N N 154 
ILE CD1 HD12 sing N N 155 
ILE CD1 HD13 sing N N 156 
ILE OXT HXT  sing N N 157 
LEU N   CA   sing N N 158 
LEU N   H    sing N N 159 
LEU N   H2   sing N N 160 
LEU CA  C    sing N N 161 
LEU CA  CB   sing N N 162 
LEU CA  HA   sing N N 163 
LEU C   O    doub N N 164 
LEU C   OXT  sing N N 165 
LEU CB  CG   sing N N 166 
LEU CB  HB2  sing N N 167 
LEU CB  HB3  sing N N 168 
LEU CG  CD1  sing N N 169 
LEU CG  CD2  sing N N 170 
LEU CG  HG   sing N N 171 
LEU CD1 HD11 sing N N 172 
LEU CD1 HD12 sing N N 173 
LEU CD1 HD13 sing N N 174 
LEU CD2 HD21 sing N N 175 
LEU CD2 HD22 sing N N 176 
LEU CD2 HD23 sing N N 177 
LEU OXT HXT  sing N N 178 
LYS N   CA   sing N N 179 
LYS N   H    sing N N 180 
LYS N   H2   sing N N 181 
LYS CA  C    sing N N 182 
LYS CA  CB   sing N N 183 
LYS CA  HA   sing N N 184 
LYS C   O    doub N N 185 
LYS C   OXT  sing N N 186 
LYS CB  CG   sing N N 187 
LYS CB  HB2  sing N N 188 
LYS CB  HB3  sing N N 189 
LYS CG  CD   sing N N 190 
LYS CG  HG2  sing N N 191 
LYS CG  HG3  sing N N 192 
LYS CD  CE   sing N N 193 
LYS CD  HD2  sing N N 194 
LYS CD  HD3  sing N N 195 
LYS CE  NZ   sing N N 196 
LYS CE  HE2  sing N N 197 
LYS CE  HE3  sing N N 198 
LYS NZ  HZ1  sing N N 199 
LYS NZ  HZ2  sing N N 200 
LYS NZ  HZ3  sing N N 201 
LYS OXT HXT  sing N N 202 
MET N   CA   sing N N 203 
MET N   H    sing N N 204 
MET N   H2   sing N N 205 
MET CA  C    sing N N 206 
MET CA  CB   sing N N 207 
MET CA  HA   sing N N 208 
MET C   O    doub N N 209 
MET C   OXT  sing N N 210 
MET CB  CG   sing N N 211 
MET CB  HB2  sing N N 212 
MET CB  HB3  sing N N 213 
MET CG  SD   sing N N 214 
MET CG  HG2  sing N N 215 
MET CG  HG3  sing N N 216 
MET SD  CE   sing N N 217 
MET CE  HE1  sing N N 218 
MET CE  HE2  sing N N 219 
MET CE  HE3  sing N N 220 
MET OXT HXT  sing N N 221 
PHE N   CA   sing N N 222 
PHE N   H    sing N N 223 
PHE N   H2   sing N N 224 
PHE CA  C    sing N N 225 
PHE CA  CB   sing N N 226 
PHE CA  HA   sing N N 227 
PHE C   O    doub N N 228 
PHE C   OXT  sing N N 229 
PHE CB  CG   sing N N 230 
PHE CB  HB2  sing N N 231 
PHE CB  HB3  sing N N 232 
PHE CG  CD1  doub Y N 233 
PHE CG  CD2  sing Y N 234 
PHE CD1 CE1  sing Y N 235 
PHE CD1 HD1  sing N N 236 
PHE CD2 CE2  doub Y N 237 
PHE CD2 HD2  sing N N 238 
PHE CE1 CZ   doub Y N 239 
PHE CE1 HE1  sing N N 240 
PHE CE2 CZ   sing Y N 241 
PHE CE2 HE2  sing N N 242 
PHE CZ  HZ   sing N N 243 
PHE OXT HXT  sing N N 244 
PRO N   CA   sing N N 245 
PRO N   CD   sing N N 246 
PRO N   H    sing N N 247 
PRO CA  C    sing N N 248 
PRO CA  CB   sing N N 249 
PRO CA  HA   sing N N 250 
PRO C   O    doub N N 251 
PRO C   OXT  sing N N 252 
PRO CB  CG   sing N N 253 
PRO CB  HB2  sing N N 254 
PRO CB  HB3  sing N N 255 
PRO CG  CD   sing N N 256 
PRO CG  HG2  sing N N 257 
PRO CG  HG3  sing N N 258 
PRO CD  HD2  sing N N 259 
PRO CD  HD3  sing N N 260 
PRO OXT HXT  sing N N 261 
THR N   CA   sing N N 262 
THR N   H    sing N N 263 
THR N   H2   sing N N 264 
THR CA  C    sing N N 265 
THR CA  CB   sing N N 266 
THR CA  HA   sing N N 267 
THR C   O    doub N N 268 
THR C   OXT  sing N N 269 
THR CB  OG1  sing N N 270 
THR CB  CG2  sing N N 271 
THR CB  HB   sing N N 272 
THR OG1 HG1  sing N N 273 
THR CG2 HG21 sing N N 274 
THR CG2 HG22 sing N N 275 
THR CG2 HG23 sing N N 276 
THR OXT HXT  sing N N 277 
TRP N   CA   sing N N 278 
TRP N   H    sing N N 279 
TRP N   H2   sing N N 280 
TRP CA  C    sing N N 281 
TRP CA  CB   sing N N 282 
TRP CA  HA   sing N N 283 
TRP C   O    doub N N 284 
TRP C   OXT  sing N N 285 
TRP CB  CG   sing N N 286 
TRP CB  HB2  sing N N 287 
TRP CB  HB3  sing N N 288 
TRP CG  CD1  doub Y N 289 
TRP CG  CD2  sing Y N 290 
TRP CD1 NE1  sing Y N 291 
TRP CD1 HD1  sing N N 292 
TRP CD2 CE2  doub Y N 293 
TRP CD2 CE3  sing Y N 294 
TRP NE1 CE2  sing Y N 295 
TRP NE1 HE1  sing N N 296 
TRP CE2 CZ2  sing Y N 297 
TRP CE3 CZ3  doub Y N 298 
TRP CE3 HE3  sing N N 299 
TRP CZ2 CH2  doub Y N 300 
TRP CZ2 HZ2  sing N N 301 
TRP CZ3 CH2  sing Y N 302 
TRP CZ3 HZ3  sing N N 303 
TRP CH2 HH2  sing N N 304 
TRP OXT HXT  sing N N 305 
VAL N   CA   sing N N 306 
VAL N   H    sing N N 307 
VAL N   H2   sing N N 308 
VAL CA  C    sing N N 309 
VAL CA  CB   sing N N 310 
VAL CA  HA   sing N N 311 
VAL C   O    doub N N 312 
VAL C   OXT  sing N N 313 
VAL CB  CG1  sing N N 314 
VAL CB  CG2  sing N N 315 
VAL CB  HB   sing N N 316 
VAL CG1 HG11 sing N N 317 
VAL CG1 HG12 sing N N 318 
VAL CG1 HG13 sing N N 319 
VAL CG2 HG21 sing N N 320 
VAL CG2 HG22 sing N N 321 
VAL CG2 HG23 sing N N 322 
VAL OXT HXT  sing N N 323 
# 
loop_
_pdbx_nmr_spectrometer.spectrometer_id 
_pdbx_nmr_spectrometer.model 
_pdbx_nmr_spectrometer.manufacturer 
_pdbx_nmr_spectrometer.field_strength 
_pdbx_nmr_spectrometer.type 
1 DRX Bruker 800 ? 
2 DRX Bruker 600 ? 
# 
_atom_sites.entry_id                    2NRG 
_atom_sites.fract_transf_matrix[1][1]   1.000000 
_atom_sites.fract_transf_matrix[1][2]   0.000000 
_atom_sites.fract_transf_matrix[1][3]   0.000000 
_atom_sites.fract_transf_matrix[2][1]   0.000000 
_atom_sites.fract_transf_matrix[2][2]   1.000000 
_atom_sites.fract_transf_matrix[2][3]   0.000000 
_atom_sites.fract_transf_matrix[3][1]   0.000000 
_atom_sites.fract_transf_matrix[3][2]   0.000000 
_atom_sites.fract_transf_matrix[3][3]   1.000000 
_atom_sites.fract_transf_vector[1]      0.00000 
_atom_sites.fract_transf_vector[2]      0.00000 
_atom_sites.fract_transf_vector[3]      0.00000 
# 
loop_
_atom_type.symbol 
C 
H 
N 
O 
S 
# 
loop_
_atom_site.group_PDB 
_atom_site.id 
_atom_site.type_symbol 
_atom_site.label_atom_id 
_atom_site.label_alt_id 
_atom_site.label_comp_id 
_atom_site.label_asym_id 
_atom_site.label_entity_id 
_atom_site.label_seq_id 
_atom_site.pdbx_PDB_ins_code 
_atom_site.Cartn_x 
_atom_site.Cartn_y 
_atom_site.Cartn_z 
_atom_site.occupancy 
_atom_site.B_iso_or_equiv 
_atom_site.pdbx_formal_charge 
_atom_site.auth_seq_id 
_atom_site.auth_comp_id 
_atom_site.auth_asym_id 
_atom_site.auth_atom_id 
_atom_site.pdbx_PDB_model_num 
ATOM 1    N N    . MET A 1 1  ? -24.634 -10.564 -3.772  1.00 15.42 ? 1  MET A N    1 
ATOM 2    C CA   . MET A 1 1  ? -25.065 -11.478 -4.863  1.00 14.92 ? 1  MET A CA   1 
ATOM 3    C C    . MET A 1 1  ? -26.272 -10.922 -5.617  1.00 13.91 ? 1  MET A C    1 
ATOM 4    O O    . MET A 1 1  ? -26.564 -11.348 -6.734  1.00 13.46 ? 1  MET A O    1 
ATOM 5    C CB   . MET A 1 1  ? -25.406 -12.837 -4.249  1.00 15.43 ? 1  MET A CB   1 
ATOM 6    C CG   . MET A 1 1  ? -25.219 -14.001 -5.208  1.00 15.85 ? 1  MET A CG   1 
ATOM 7    S SD   . MET A 1 1  ? -23.516 -14.165 -5.778  1.00 16.62 ? 1  MET A SD   1 
ATOM 8    C CE   . MET A 1 1  ? -23.628 -13.423 -7.404  1.00 16.62 ? 1  MET A CE   1 
ATOM 9    H H1   . MET A 1 1  ? -25.314 -10.657 -2.994  1.00 15.54 ? 1  MET A H1   1 
ATOM 10   H H2   . MET A 1 1  ? -24.628 -9.597  -4.151  1.00 15.65 ? 1  MET A H2   1 
ATOM 11   H H3   . MET A 1 1  ? -23.682 -10.855 -3.471  1.00 15.54 ? 1  MET A H3   1 
ATOM 12   H HA   . MET A 1 1  ? -24.244 -11.597 -5.554  1.00 15.09 ? 1  MET A HA   1 
ATOM 13   H HB2  . MET A 1 1  ? -24.773 -13.001 -3.391  1.00 15.66 ? 1  MET A HB2  1 
ATOM 14   H HB3  . MET A 1 1  ? -26.437 -12.826 -3.928  1.00 15.43 ? 1  MET A HB3  1 
ATOM 15   H HG2  . MET A 1 1  ? -25.504 -14.913 -4.707  1.00 15.94 ? 1  MET A HG2  1 
ATOM 16   H HG3  . MET A 1 1  ? -25.858 -13.849 -6.067  1.00 15.77 ? 1  MET A HG3  1 
ATOM 17   H HE1  . MET A 1 1  ? -24.442 -12.711 -7.419  1.00 16.53 ? 1  MET A HE1  1 
ATOM 18   H HE2  . MET A 1 1  ? -23.810 -14.193 -8.139  1.00 16.87 ? 1  MET A HE2  1 
ATOM 19   H HE3  . MET A 1 1  ? -22.704 -12.916 -7.634  1.00 16.60 ? 1  MET A HE3  1 
ATOM 20   N N    . ALA A 1 2  ? -26.973 -9.972  -5.002  1.00 13.71 ? 2  ALA A N    1 
ATOM 21   C CA   . ALA A 1 2  ? -28.145 -9.367  -5.624  1.00 12.92 ? 2  ALA A CA   1 
ATOM 22   C C    . ALA A 1 2  ? -27.891 -7.904  -5.974  1.00 12.87 ? 2  ALA A C    1 
ATOM 23   O O    . ALA A 1 2  ? -27.466 -7.119  -5.127  1.00 13.49 ? 2  ALA A O    1 
ATOM 24   C CB   . ALA A 1 2  ? -29.352 -9.490  -4.706  1.00 12.88 ? 2  ALA A CB   1 
ATOM 25   H H    . ALA A 1 2  ? -26.696 -9.671  -4.112  1.00 14.21 ? 2  ALA A H    1 
ATOM 26   H HA   . ALA A 1 2  ? -28.359 -9.912  -6.533  1.00 12.58 ? 2  ALA A HA   1 
ATOM 27   H HB1  . ALA A 1 2  ? -30.239 -9.163  -5.231  1.00 12.94 ? 2  ALA A HB1  1 
ATOM 28   H HB2  . ALA A 1 2  ? -29.205 -8.871  -3.833  1.00 12.88 ? 2  ALA A HB2  1 
ATOM 29   H HB3  . ALA A 1 2  ? -29.471 -10.519 -4.403  1.00 12.98 ? 2  ALA A HB3  1 
ATOM 30   N N    . ASP A 1 3  ? -28.154 -7.546  -7.227  1.00 12.31 ? 3  ASP A N    1 
ATOM 31   C CA   . ASP A 1 3  ? -27.953 -6.177  -7.688  1.00 12.43 ? 3  ASP A CA   1 
ATOM 32   C C    . ASP A 1 3  ? -29.284 -5.448  -7.836  1.00 11.94 ? 3  ASP A C    1 
ATOM 33   O O    . ASP A 1 3  ? -30.350 -6.058  -7.752  1.00 11.69 ? 3  ASP A O    1 
ATOM 34   C CB   . ASP A 1 3  ? -27.205 -6.173  -9.023  1.00 12.93 ? 3  ASP A CB   1 
ATOM 35   C CG   . ASP A 1 3  ? -25.710 -6.350  -8.848  1.00 13.38 ? 3  ASP A CG   1 
ATOM 36   O OD1  . ASP A 1 3  ? -25.062 -5.429  -8.306  1.00 13.49 ? 3  ASP A OD1  1 
ATOM 37   O OD2  . ASP A 1 3  ? -25.185 -7.409  -9.252  1.00 13.78 ? 3  ASP A OD2  1 
ATOM 38   H H    . ASP A 1 3  ? -28.491 -8.219  -7.855  1.00 11.93 ? 3  ASP A H    1 
ATOM 39   H HA   . ASP A 1 3  ? -27.355 -5.666  -6.950  1.00 12.76 ? 3  ASP A HA   1 
ATOM 40   H HB2  . ASP A 1 3  ? -27.574 -6.979  -9.638  1.00 13.09 ? 3  ASP A HB2  1 
ATOM 41   H HB3  . ASP A 1 3  ? -27.383 -5.233  -9.524  1.00 13.02 ? 3  ASP A HB3  1 
ATOM 42   N N    . LYS A 1 4  ? -29.215 -4.137  -8.059  1.00 12.01 ? 4  LYS A N    1 
ATOM 43   C CA   . LYS A 1 4  ? -30.412 -3.318  -8.220  1.00 11.81 ? 4  LYS A CA   1 
ATOM 44   C C    . LYS A 1 4  ? -31.355 -3.927  -9.251  1.00 10.98 ? 4  LYS A C    1 
ATOM 45   O O    . LYS A 1 4  ? -31.028 -4.928  -9.887  1.00 10.68 ? 4  LYS A O    1 
ATOM 46   C CB   . LYS A 1 4  ? -30.027 -1.893  -8.633  1.00 12.35 ? 4  LYS A CB   1 
ATOM 47   C CG   . LYS A 1 4  ? -30.633 -0.819  -7.744  1.00 13.02 ? 4  LYS A CG   1 
ATOM 48   C CD   . LYS A 1 4  ? -29.619 -0.282  -6.745  1.00 13.68 ? 4  LYS A CD   1 
ATOM 49   C CE   . LYS A 1 4  ? -29.105 -1.382  -5.829  1.00 14.34 ? 4  LYS A CE   1 
ATOM 50   N NZ   . LYS A 1 4  ? -30.177 -1.917  -4.946  1.00 14.79 ? 4  LYS A NZ   1 
ATOM 51   H H    . LYS A 1 4  ? -28.335 -3.710  -8.117  1.00 12.35 ? 4  LYS A H    1 
ATOM 52   H HA   . LYS A 1 4  ? -30.917 -3.281  -7.267  1.00 12.10 ? 4  LYS A HA   1 
ATOM 53   H HB2  . LYS A 1 4  ? -28.952 -1.798  -8.594  1.00 12.35 ? 4  LYS A HB2  1 
ATOM 54   H HB3  . LYS A 1 4  ? -30.358 -1.721  -9.646  1.00 12.46 ? 4  LYS A HB3  1 
ATOM 55   H HG2  . LYS A 1 4  ? -30.977 -0.005  -8.363  1.00 13.12 ? 4  LYS A HG2  1 
ATOM 56   H HG3  . LYS A 1 4  ? -31.469 -1.242  -7.204  1.00 13.11 ? 4  LYS A HG3  1 
ATOM 57   H HD2  . LYS A 1 4  ? -28.786 0.141   -7.285  1.00 13.72 ? 4  LYS A HD2  1 
ATOM 58   H HD3  . LYS A 1 4  ? -30.090 0.483   -6.146  1.00 13.81 ? 4  LYS A HD3  1 
ATOM 59   H HE2  . LYS A 1 4  ? -28.715 -2.185  -6.435  1.00 14.42 ? 4  LYS A HE2  1 
ATOM 60   H HE3  . LYS A 1 4  ? -28.312 -0.978  -5.214  1.00 14.59 ? 4  LYS A HE3  1 
ATOM 61   H HZ1  . LYS A 1 4  ? -30.983 -2.241  -5.518  1.00 15.05 ? 4  LYS A HZ1  1 
ATOM 62   H HZ2  . LYS A 1 4  ? -30.505 -1.177  -4.292  1.00 15.00 ? 4  LYS A HZ2  1 
ATOM 63   H HZ3  . LYS A 1 4  ? -29.816 -2.718  -4.390  1.00 14.80 ? 4  LYS A HZ3  1 
ATOM 64   N N    . THR A 1 5  ? -32.529 -3.321  -9.408  1.00 10.81 ? 5  THR A N    1 
ATOM 65   C CA   . THR A 1 5  ? -33.525 -3.813  -10.356 1.00 10.24 ? 5  THR A CA   1 
ATOM 66   C C    . THR A 1 5  ? -34.104 -5.139  -9.875  1.00 9.49  ? 5  THR A C    1 
ATOM 67   O O    . THR A 1 5  ? -35.285 -5.227  -9.540  1.00 9.42  ? 5  THR A O    1 
ATOM 68   C CB   . THR A 1 5  ? -32.906 -3.982  -11.747 1.00 10.51 ? 5  THR A CB   1 
ATOM 69   O OG1  . THR A 1 5  ? -31.725 -3.211  -11.869 1.00 10.94 ? 5  THR A OG1  1 
ATOM 70   C CG2  . THR A 1 5  ? -33.838 -3.575  -12.867 1.00 10.79 ? 5  THR A CG2  1 
ATOM 71   H H    . THR A 1 5  ? -32.734 -2.529  -8.868  1.00 11.22 ? 5  THR A H    1 
ATOM 72   H HA   . THR A 1 5  ? -34.319 -3.084  -10.410 1.00 10.42 ? 5  THR A HA   1 
ATOM 73   H HB   . THR A 1 5  ? -32.650 -5.022  -11.892 1.00 10.45 ? 5  THR A HB   1 
ATOM 74   H HG1  . THR A 1 5  ? -31.901 -2.308  -11.593 1.00 11.15 ? 5  THR A HG1  1 
ATOM 75   H HG21 . THR A 1 5  ? -33.270 -3.102  -13.655 1.00 10.85 ? 5  THR A HG21 1 
ATOM 76   H HG22 . THR A 1 5  ? -34.575 -2.882  -12.490 1.00 10.92 ? 5  THR A HG22 1 
ATOM 77   H HG23 . THR A 1 5  ? -34.334 -4.451  -13.260 1.00 11.02 ? 5  THR A HG23 1 
ATOM 78   N N    . ILE A 1 6  ? -33.261 -6.165  -9.835  1.00 9.19  ? 6  ILE A N    1 
ATOM 79   C CA   . ILE A 1 6  ? -33.681 -7.485  -9.383  1.00 8.73  ? 6  ILE A CA   1 
ATOM 80   C C    . ILE A 1 6  ? -33.488 -7.641  -7.874  1.00 7.86  ? 6  ILE A C    1 
ATOM 81   O O    . ILE A 1 6  ? -33.781 -8.696  -7.310  1.00 7.93  ? 6  ILE A O    1 
ATOM 82   C CB   . ILE A 1 6  ? -32.901 -8.599  -10.107 1.00 9.32  ? 6  ILE A CB   1 
ATOM 83   C CG1  . ILE A 1 6  ? -31.397 -8.420  -9.895  1.00 9.84  ? 6  ILE A CG1  1 
ATOM 84   C CG2  . ILE A 1 6  ? -33.237 -8.600  -11.592 1.00 9.46  ? 6  ILE A CG2  1 
ATOM 85   C CD1  . ILE A 1 6  ? -30.644 -9.727  -9.772  1.00 10.46 ? 6  ILE A CD1  1 
ATOM 86   H H    . ILE A 1 6  ? -32.329 -6.029  -10.108 1.00 9.46  ? 6  ILE A H    1 
ATOM 87   H HA   . ILE A 1 6  ? -34.730 -7.598  -9.616  1.00 8.87  ? 6  ILE A HA   1 
ATOM 88   H HB   . ILE A 1 6  ? -33.206 -9.548  -9.693  1.00 9.56  ? 6  ILE A HB   1 
ATOM 89   H HG12 . ILE A 1 6  ? -30.985 -7.879  -10.732 1.00 10.03 ? 6  ILE A HG12 1 
ATOM 90   H HG13 . ILE A 1 6  ? -31.233 -7.855  -8.989  1.00 9.83  ? 6  ILE A HG13 1 
ATOM 91   H HG21 . ILE A 1 6  ? -34.287 -8.385  -11.724 1.00 9.64  ? 6  ILE A HG21 1 
ATOM 92   H HG22 . ILE A 1 6  ? -33.012 -9.570  -12.010 1.00 9.57  ? 6  ILE A HG22 1 
ATOM 93   H HG23 . ILE A 1 6  ? -32.648 -7.846  -12.094 1.00 9.52  ? 6  ILE A HG23 1 
ATOM 94   H HD11 . ILE A 1 6  ? -29.801 -9.596  -9.111  1.00 10.67 ? 6  ILE A HD11 1 
ATOM 95   H HD12 . ILE A 1 6  ? -30.294 -10.034 -10.747 1.00 10.75 ? 6  ILE A HD12 1 
ATOM 96   H HD13 . ILE A 1 6  ? -31.302 -10.485 -9.371  1.00 10.65 ? 6  ILE A HD13 1 
ATOM 97   N N    . PHE A 1 7  ? -32.994 -6.587  -7.224  1.00 7.31  ? 7  PHE A N    1 
ATOM 98   C CA   . PHE A 1 7  ? -32.766 -6.614  -5.783  1.00 6.74  ? 7  PHE A CA   1 
ATOM 99   C C    . PHE A 1 7  ? -34.076 -6.811  -5.018  1.00 6.94  ? 7  PHE A C    1 
ATOM 100  O O    . PHE A 1 7  ? -34.069 -7.170  -3.841  1.00 7.15  ? 7  PHE A O    1 
ATOM 101  C CB   . PHE A 1 7  ? -32.075 -5.319  -5.330  1.00 6.49  ? 7  PHE A CB   1 
ATOM 102  C CG   . PHE A 1 7  ? -33.004 -4.145  -5.173  1.00 6.54  ? 7  PHE A CG   1 
ATOM 103  C CD1  . PHE A 1 7  ? -34.014 -3.911  -6.094  1.00 6.86  ? 7  PHE A CD1  1 
ATOM 104  C CD2  . PHE A 1 7  ? -32.866 -3.277  -4.102  1.00 6.70  ? 7  PHE A CD2  1 
ATOM 105  C CE1  . PHE A 1 7  ? -34.867 -2.834  -5.948  1.00 7.32  ? 7  PHE A CE1  1 
ATOM 106  C CE2  . PHE A 1 7  ? -33.715 -2.198  -3.952  1.00 7.16  ? 7  PHE A CE2  1 
ATOM 107  C CZ   . PHE A 1 7  ? -34.718 -1.976  -4.876  1.00 7.46  ? 7  PHE A CZ   1 
ATOM 108  H H    . PHE A 1 7  ? -32.779 -5.773  -7.724  1.00 7.52  ? 7  PHE A H    1 
ATOM 109  H HA   . PHE A 1 7  ? -32.115 -7.447  -5.570  1.00 6.73  ? 7  PHE A HA   1 
ATOM 110  H HB2  . PHE A 1 7  ? -31.599 -5.491  -4.377  1.00 6.54  ? 7  PHE A HB2  1 
ATOM 111  H HB3  . PHE A 1 7  ? -31.322 -5.050  -6.056  1.00 6.63  ? 7  PHE A HB3  1 
ATOM 112  H HD1  . PHE A 1 7  ? -34.132 -4.581  -6.932  1.00 7.04  ? 7  PHE A HD1  1 
ATOM 113  H HD2  . PHE A 1 7  ? -32.083 -3.449  -3.378  1.00 6.76  ? 7  PHE A HD2  1 
ATOM 114  H HE1  . PHE A 1 7  ? -35.649 -2.662  -6.673  1.00 7.81  ? 7  PHE A HE1  1 
ATOM 115  H HE2  . PHE A 1 7  ? -33.597 -1.528  -3.113  1.00 7.55  ? 7  PHE A HE2  1 
ATOM 116  H HZ   . PHE A 1 7  ? -35.383 -1.134  -4.762  1.00 8.04  ? 7  PHE A HZ   1 
ATOM 117  N N    . ASN A 1 8  ? -35.199 -6.572  -5.695  1.00 7.22  ? 8  ASN A N    1 
ATOM 118  C CA   . ASN A 1 8  ? -36.516 -6.722  -5.081  1.00 7.75  ? 8  ASN A CA   1 
ATOM 119  C C    . ASN A 1 8  ? -36.645 -8.058  -4.351  1.00 8.16  ? 8  ASN A C    1 
ATOM 120  O O    . ASN A 1 8  ? -37.425 -8.185  -3.407  1.00 8.46  ? 8  ASN A O    1 
ATOM 121  C CB   . ASN A 1 8  ? -37.610 -6.605  -6.144  1.00 8.29  ? 8  ASN A CB   1 
ATOM 122  C CG   . ASN A 1 8  ? -37.402 -7.572  -7.294  1.00 8.66  ? 8  ASN A CG   1 
ATOM 123  O OD1  . ASN A 1 8  ? -36.290 -8.046  -7.528  1.00 8.93  ? 8  ASN A OD1  1 
ATOM 124  N ND2  . ASN A 1 8  ? -38.474 -7.870  -8.019  1.00 8.96  ? 8  ASN A ND2  1 
ATOM 125  H H    . ASN A 1 8  ? -35.143 -6.286  -6.629  1.00 7.29  ? 8  ASN A H    1 
ATOM 126  H HA   . ASN A 1 8  ? -36.640 -5.922  -4.365  1.00 7.79  ? 8  ASN A HA   1 
ATOM 127  H HB2  . ASN A 1 8  ? -38.567 -6.814  -5.692  1.00 8.24  ? 8  ASN A HB2  1 
ATOM 128  H HB3  . ASN A 1 8  ? -37.614 -5.600  -6.539  1.00 8.76  ? 8  ASN A HB3  1 
ATOM 129  H HD21 . ASN A 1 8  ? -39.327 -7.454  -7.775  1.00 8.91  ? 8  ASN A HD21 1 
ATOM 130  H HD22 . ASN A 1 8  ? -38.368 -8.493  -8.768  1.00 9.37  ? 8  ASN A HD22 1 
ATOM 131  N N    . ASP A 1 9  ? -35.878 -9.051  -4.793  1.00 8.46  ? 9  ASP A N    1 
ATOM 132  C CA   . ASP A 1 9  ? -35.910 -10.378 -4.181  1.00 9.12  ? 9  ASP A CA   1 
ATOM 133  C C    . ASP A 1 9  ? -35.835 -10.286 -2.658  1.00 9.35  ? 9  ASP A C    1 
ATOM 134  O O    . ASP A 1 9  ? -35.061 -9.500  -2.112  1.00 9.45  ? 9  ASP A O    1 
ATOM 135  C CB   . ASP A 1 9  ? -34.754 -11.231 -4.708  1.00 9.50  ? 9  ASP A CB   1 
ATOM 136  C CG   . ASP A 1 9  ? -35.037 -11.800 -6.085  1.00 10.09 ? 9  ASP A CG   1 
ATOM 137  O OD1  . ASP A 1 9  ? -35.630 -11.080 -6.914  1.00 10.34 ? 9  ASP A OD1  1 
ATOM 138  O OD2  . ASP A 1 9  ? -34.664 -12.967 -6.333  1.00 10.53 ? 9  ASP A OD2  1 
ATOM 139  H H    . ASP A 1 9  ? -35.279 -8.892  -5.552  1.00 8.40  ? 9  ASP A H    1 
ATOM 140  H HA   . ASP A 1 9  ? -36.844 -10.847 -4.455  1.00 9.46  ? 9  ASP A HA   1 
ATOM 141  H HB2  . ASP A 1 9  ? -33.863 -10.624 -4.766  1.00 9.42  ? 9  ASP A HB2  1 
ATOM 142  H HB3  . ASP A 1 9  ? -34.582 -12.052 -4.027  1.00 9.68  ? 9  ASP A HB3  1 
ATOM 143  N N    . HIS A 1 10 ? -36.645 -11.095 -1.981  1.00 9.72  ? 10 HIS A N    1 
ATOM 144  C CA   . HIS A 1 10 ? -36.675 -11.105 -0.520  1.00 10.25 ? 10 HIS A CA   1 
ATOM 145  C C    . HIS A 1 10 ? -35.274 -11.275 0.059   1.00 10.32 ? 10 HIS A C    1 
ATOM 146  O O    . HIS A 1 10 ? -34.969 -10.758 1.134   1.00 10.45 ? 10 HIS A O    1 
ATOM 147  C CB   . HIS A 1 10 ? -37.589 -12.224 -0.010  1.00 10.89 ? 10 HIS A CB   1 
ATOM 148  C CG   . HIS A 1 10 ? -37.478 -13.498 -0.792  1.00 11.43 ? 10 HIS A CG   1 
ATOM 149  N ND1  . HIS A 1 10 ? -36.441 -14.392 -0.631  1.00 11.80 ? 10 HIS A ND1  1 
ATOM 150  C CD2  . HIS A 1 10 ? -38.284 -14.026 -1.744  1.00 11.90 ? 10 HIS A CD2  1 
ATOM 151  C CE1  . HIS A 1 10 ? -36.612 -15.414 -1.451  1.00 12.44 ? 10 HIS A CE1  1 
ATOM 152  N NE2  . HIS A 1 10 ? -37.723 -15.216 -2.137  1.00 12.50 ? 10 HIS A NE2  1 
ATOM 153  H H    . HIS A 1 10 ? -37.240 -11.697 -2.475  1.00 9.81  ? 10 HIS A H    1 
ATOM 154  H HA   . HIS A 1 10 ? -37.072 -10.156 -0.193  1.00 10.43 ? 10 HIS A HA   1 
ATOM 155  H HB2  . HIS A 1 10 ? -37.339 -12.444 1.016   1.00 10.89 ? 10 HIS A HB2  1 
ATOM 156  H HB3  . HIS A 1 10 ? -38.616 -11.891 -0.062  1.00 11.17 ? 10 HIS A HB3  1 
ATOM 157  H HD1  . HIS A 1 10 ? -35.689 -14.291 -0.010  1.00 11.73 ? 10 HIS A HD1  1 
ATOM 158  H HD2  . HIS A 1 10 ? -39.198 -13.591 -2.123  1.00 11.94 ? 10 HIS A HD2  1 
ATOM 159  H HE1  . HIS A 1 10 ? -35.956 -16.266 -1.545  1.00 12.96 ? 10 HIS A HE1  1 
ATOM 160  H HE2  . HIS A 1 10 ? -38.034 -15.773 -2.881  1.00 13.02 ? 10 HIS A HE2  1 
ATOM 161  N N    . LEU A 1 11 ? -34.423 -11.998 -0.662  1.00 10.47 ? 11 LEU A N    1 
ATOM 162  C CA   . LEU A 1 11 ? -33.053 -12.229 -0.218  1.00 10.83 ? 11 LEU A CA   1 
ATOM 163  C C    . LEU A 1 11 ? -32.274 -10.918 -0.168  1.00 10.65 ? 11 LEU A C    1 
ATOM 164  O O    . LEU A 1 11 ? -32.206 -10.188 -1.156  1.00 10.72 ? 11 LEU A O    1 
ATOM 165  C CB   . LEU A 1 11 ? -32.354 -13.218 -1.154  1.00 11.59 ? 11 LEU A CB   1 
ATOM 166  C CG   . LEU A 1 11 ? -32.380 -12.836 -2.637  1.00 12.07 ? 11 LEU A CG   1 
ATOM 167  C CD1  . LEU A 1 11 ? -30.982 -12.494 -3.128  1.00 12.42 ? 11 LEU A CD1  1 
ATOM 168  C CD2  . LEU A 1 11 ? -32.977 -13.962 -3.470  1.00 12.71 ? 11 LEU A CD2  1 
ATOM 169  H H    . LEU A 1 11 ? -34.722 -12.381 -1.513  1.00 10.51 ? 11 LEU A H    1 
ATOM 170  H HA   . LEU A 1 11 ? -33.093 -12.650 0.774   1.00 10.92 ? 11 LEU A HA   1 
ATOM 171  H HB2  . LEU A 1 11 ? -31.323 -13.307 -0.841  1.00 11.70 ? 11 LEU A HB2  1 
ATOM 172  H HB3  . LEU A 1 11 ? -32.829 -14.181 -1.043  1.00 11.91 ? 11 LEU A HB3  1 
ATOM 173  H HG   . LEU A 1 11 ? -33.001 -11.961 -2.765  1.00 11.93 ? 11 LEU A HG   1 
ATOM 174  H HD11 . LEU A 1 11 ? -30.775 -11.453 -2.928  1.00 12.58 ? 11 LEU A HD11 1 
ATOM 175  H HD12 . LEU A 1 11 ? -30.917 -12.677 -4.191  1.00 12.63 ? 11 LEU A HD12 1 
ATOM 176  H HD13 . LEU A 1 11 ? -30.258 -13.110 -2.613  1.00 12.52 ? 11 LEU A HD13 1 
ATOM 177  H HD21 . LEU A 1 11 ? -34.054 -13.937 -3.390  1.00 12.97 ? 11 LEU A HD21 1 
ATOM 178  H HD22 . LEU A 1 11 ? -32.611 -14.911 -3.107  1.00 12.86 ? 11 LEU A HD22 1 
ATOM 179  H HD23 . LEU A 1 11 ? -32.690 -13.836 -4.503  1.00 12.95 ? 11 LEU A HD23 1 
ATOM 180  N N    . ASN A 1 12 ? -31.690 -10.624 0.990   1.00 10.67 ? 12 ASN A N    1 
ATOM 181  C CA   . ASN A 1 12 ? -30.920 -9.397  1.167   1.00 10.77 ? 12 ASN A CA   1 
ATOM 182  C C    . ASN A 1 12 ? -29.783 -9.316  0.141   1.00 10.25 ? 12 ASN A C    1 
ATOM 183  O O    . ASN A 1 12 ? -30.008 -8.915  -1.000  1.00 10.38 ? 12 ASN A O    1 
ATOM 184  C CB   . ASN A 1 12 ? -30.380 -9.315  2.601   1.00 11.33 ? 12 ASN A CB   1 
ATOM 185  C CG   . ASN A 1 12 ? -29.456 -8.130  2.811   1.00 12.01 ? 12 ASN A CG   1 
ATOM 186  O OD1  . ASN A 1 12 ? -29.826 -6.985  2.546   1.00 12.19 ? 12 ASN A OD1  1 
ATOM 187  N ND2  . ASN A 1 12 ? -28.247 -8.398  3.290   1.00 12.57 ? 12 ASN A ND2  1 
ATOM 188  H H    . ASN A 1 12 ? -31.783 -11.244 1.744   1.00 10.78 ? 12 ASN A H    1 
ATOM 189  H HA   . ASN A 1 12 ? -31.590 -8.567  1.000   1.00 11.06 ? 12 ASN A HA   1 
ATOM 190  H HB2  . ASN A 1 12 ? -31.209 -9.224  3.285   1.00 11.36 ? 12 ASN A HB2  1 
ATOM 191  H HB3  . ASN A 1 12 ? -29.833 -10.219 2.825   1.00 11.44 ? 12 ASN A HB3  1 
ATOM 192  H HD21 . ASN A 1 12 ? -28.022 -9.334  3.477   1.00 12.53 ? 12 ASN A HD21 1 
ATOM 193  H HD22 . ASN A 1 12 ? -27.630 -7.651  3.436   1.00 13.12 ? 12 ASN A HD22 1 
ATOM 194  N N    . THR A 1 13 ? -28.569 -9.702  0.552   1.00 9.88  ? 13 THR A N    1 
ATOM 195  C CA   . THR A 1 13 ? -27.397 -9.678  -0.330  1.00 9.60  ? 13 THR A CA   1 
ATOM 196  C C    . THR A 1 13 ? -27.457 -8.515  -1.325  1.00 8.78  ? 13 THR A C    1 
ATOM 197  O O    . THR A 1 13 ? -27.383 -8.710  -2.537  1.00 8.60  ? 13 THR A O    1 
ATOM 198  C CB   . THR A 1 13 ? -27.269 -11.016 -1.067  1.00 10.09 ? 13 THR A CB   1 
ATOM 199  O OG1  . THR A 1 13 ? -26.003 -11.125 -1.688  1.00 10.29 ? 13 THR A OG1  1 
ATOM 200  C CG2  . THR A 1 13 ? -28.324 -11.232 -2.131  1.00 10.53 ? 13 THR A CG2  1 
ATOM 201  H H    . THR A 1 13 ? -28.456 -10.016 1.471   1.00 9.96  ? 13 THR A H    1 
ATOM 202  H HA   . THR A 1 13 ? -26.526 -9.546  0.296   1.00 9.88  ? 13 THR A HA   1 
ATOM 203  H HB   . THR A 1 13 ? -27.359 -11.817 -0.347  1.00 10.26 ? 13 THR A HB   1 
ATOM 204  H HG1  . THR A 1 13 ? -25.411 -11.628 -1.125  1.00 10.48 ? 13 THR A HG1  1 
ATOM 205  H HG21 . THR A 1 13 ? -28.458 -12.291 -2.294  1.00 10.66 ? 13 THR A HG21 1 
ATOM 206  H HG22 . THR A 1 13 ? -28.009 -10.765 -3.052  1.00 10.61 ? 13 THR A HG22 1 
ATOM 207  H HG23 . THR A 1 13 ? -29.257 -10.798 -1.808  1.00 10.84 ? 13 THR A HG23 1 
ATOM 208  N N    . ASN A 1 14 ? -27.604 -7.304  -0.794  1.00 8.53  ? 14 ASN A N    1 
ATOM 209  C CA   . ASN A 1 14 ? -27.690 -6.103  -1.618  1.00 7.96  ? 14 ASN A CA   1 
ATOM 210  C C    . ASN A 1 14 ? -26.314 -5.530  -1.993  1.00 7.97  ? 14 ASN A C    1 
ATOM 211  O O    . ASN A 1 14 ? -26.202 -4.805  -2.982  1.00 7.30  ? 14 ASN A O    1 
ATOM 212  C CB   . ASN A 1 14 ? -28.511 -5.033  -0.897  1.00 7.92  ? 14 ASN A CB   1 
ATOM 213  C CG   . ASN A 1 14 ? -29.272 -4.142  -1.859  1.00 7.67  ? 14 ASN A CG   1 
ATOM 214  O OD1  . ASN A 1 14 ? -30.128 -4.608  -2.610  1.00 7.91  ? 14 ASN A OD1  1 
ATOM 215  N ND2  . ASN A 1 14 ? -28.959 -2.852  -1.843  1.00 7.51  ? 14 ASN A ND2  1 
ATOM 216  H H    . ASN A 1 14 ? -27.666 -7.217  0.180   1.00 8.90  ? 14 ASN A H    1 
ATOM 217  H HA   . ASN A 1 14 ? -28.206 -6.371  -2.528  1.00 7.80  ? 14 ASN A HA   1 
ATOM 218  H HB2  . ASN A 1 14 ? -29.222 -5.514  -0.243  1.00 8.11  ? 14 ASN A HB2  1 
ATOM 219  H HB3  . ASN A 1 14 ? -27.848 -4.415  -0.309  1.00 8.22  ? 14 ASN A HB3  1 
ATOM 220  H HD21 . ASN A 1 14 ? -28.266 -2.552  -1.218  1.00 7.54  ? 14 ASN A HD21 1 
ATOM 221  H HD22 . ASN A 1 14 ? -29.435 -2.253  -2.454  1.00 7.57  ? 14 ASN A HD22 1 
ATOM 222  N N    . PRO A 1 15 ? -25.246 -5.821  -1.220  1.00 8.85  ? 15 PRO A N    1 
ATOM 223  C CA   . PRO A 1 15 ? -23.904 -5.295  -1.510  1.00 9.08  ? 15 PRO A CA   1 
ATOM 224  C C    . PRO A 1 15 ? -23.488 -5.477  -2.970  1.00 8.37  ? 15 PRO A C    1 
ATOM 225  O O    . PRO A 1 15 ? -22.591 -4.786  -3.453  1.00 8.22  ? 15 PRO A O    1 
ATOM 226  C CB   . PRO A 1 15 ? -23.001 -6.114  -0.590  1.00 10.30 ? 15 PRO A CB   1 
ATOM 227  C CG   . PRO A 1 15 ? -23.870 -6.460  0.566   1.00 10.75 ? 15 PRO A CG   1 
ATOM 228  C CD   . PRO A 1 15 ? -25.248 -6.660  -0.004  1.00 9.80  ? 15 PRO A CD   1 
ATOM 229  H HA   . PRO A 1 15 ? -23.829 -4.250  -1.249  1.00 9.12  ? 15 PRO A HA   1 
ATOM 230  H HB2  . PRO A 1 15 ? -22.657 -6.997  -1.109  1.00 10.38 ? 15 PRO A HB2  1 
ATOM 231  H HB3  . PRO A 1 15 ? -22.156 -5.516  -0.283  1.00 10.80 ? 15 PRO A HB3  1 
ATOM 232  H HG2  . PRO A 1 15 ? -23.519 -7.370  1.030   1.00 11.42 ? 15 PRO A HG2  1 
ATOM 233  H HG3  . PRO A 1 15 ? -23.874 -5.650  1.279   1.00 11.13 ? 15 PRO A HG3  1 
ATOM 234  H HD2  . PRO A 1 15 ? -25.402 -7.700  -0.253  1.00 9.80  ? 15 PRO A HD2  1 
ATOM 235  H HD3  . PRO A 1 15 ? -25.998 -6.323  0.697   1.00 9.94  ? 15 PRO A HD3  1 
ATOM 236  N N    . LYS A 1 16 ? -24.134 -6.405  -3.671  1.00 8.08  ? 16 LYS A N    1 
ATOM 237  C CA   . LYS A 1 16 ? -23.816 -6.662  -5.073  1.00 7.65  ? 16 LYS A CA   1 
ATOM 238  C C    . LYS A 1 16 ? -23.780 -5.366  -5.881  1.00 6.57  ? 16 LYS A C    1 
ATOM 239  O O    . LYS A 1 16 ? -22.957 -5.216  -6.773  1.00 6.32  ? 16 LYS A O    1 
ATOM 240  C CB   . LYS A 1 16 ? -24.836 -7.624  -5.689  1.00 7.88  ? 16 LYS A CB   1 
ATOM 241  C CG   . LYS A 1 16 ? -24.207 -8.773  -6.467  1.00 8.59  ? 16 LYS A CG   1 
ATOM 242  C CD   . LYS A 1 16 ? -23.223 -8.276  -7.516  1.00 8.44  ? 16 LYS A CD   1 
ATOM 243  C CE   . LYS A 1 16 ? -21.795 -8.683  -7.185  1.00 8.97  ? 16 LYS A CE   1 
ATOM 244  N NZ   . LYS A 1 16 ? -20.869 -7.517  -7.192  1.00 9.41  ? 16 LYS A NZ   1 
ATOM 245  H H    . LYS A 1 16 ? -24.838 -6.931  -3.236  1.00 8.29  ? 16 LYS A H    1 
ATOM 246  H HA   . LYS A 1 16 ? -22.837 -7.119  -5.111  1.00 8.14  ? 16 LYS A HA   1 
ATOM 247  H HB2  . LYS A 1 16 ? -25.441 -8.042  -4.899  1.00 8.26  ? 16 LYS A HB2  1 
ATOM 248  H HB3  . LYS A 1 16 ? -25.475 -7.071  -6.363  1.00 7.36  ? 16 LYS A HB3  1 
ATOM 249  H HG2  . LYS A 1 16 ? -23.685 -9.420  -5.778  1.00 9.12  ? 16 LYS A HG2  1 
ATOM 250  H HG3  . LYS A 1 16 ? -24.990 -9.329  -6.960  1.00 8.91  ? 16 LYS A HG3  1 
ATOM 251  H HD2  . LYS A 1 16 ? -23.491 -8.695  -8.473  1.00 8.54  ? 16 LYS A HD2  1 
ATOM 252  H HD3  . LYS A 1 16 ? -23.279 -7.199  -7.566  1.00 8.08  ? 16 LYS A HD3  1 
ATOM 253  H HE2  . LYS A 1 16 ? -21.778 -9.137  -6.205  1.00 8.97  ? 16 LYS A HE2  1 
ATOM 254  H HE3  . LYS A 1 16 ? -21.461 -9.403  -7.918  1.00 9.29  ? 16 LYS A HE3  1 
ATOM 255  H HZ1  . LYS A 1 16 ? -21.038 -6.922  -6.356  1.00 9.56  ? 16 LYS A HZ1  1 
ATOM 256  H HZ2  . LYS A 1 16 ? -21.021 -6.946  -8.047  1.00 9.68  ? 16 LYS A HZ2  1 
ATOM 257  H HZ3  . LYS A 1 16 ? -19.881 -7.845  -7.178  1.00 9.55  ? 16 LYS A HZ3  1 
ATOM 258  N N    . THR A 1 17 ? -24.680 -4.440  -5.575  1.00 6.09  ? 17 THR A N    1 
ATOM 259  C CA   . THR A 1 17 ? -24.732 -3.170  -6.290  1.00 5.30  ? 17 THR A CA   1 
ATOM 260  C C    . THR A 1 17 ? -23.910 -2.093  -5.586  1.00 5.38  ? 17 THR A C    1 
ATOM 261  O O    . THR A 1 17 ? -23.043 -1.461  -6.190  1.00 5.08  ? 17 THR A O    1 
ATOM 262  C CB   . THR A 1 17 ? -26.184 -2.711  -6.444  1.00 5.11  ? 17 THR A CB   1 
ATOM 263  O OG1  . THR A 1 17 ? -26.873 -3.550  -7.351  1.00 5.28  ? 17 THR A OG1  1 
ATOM 264  C CG2  . THR A 1 17 ? -26.326 -1.289  -6.944  1.00 4.83  ? 17 THR A CG2  1 
ATOM 265  H H    . THR A 1 17 ? -25.322 -4.611  -4.855  1.00 6.42  ? 17 THR A H    1 
ATOM 266  H HA   . THR A 1 17 ? -24.316 -3.331  -7.273  1.00 5.10  ? 17 THR A HA   1 
ATOM 267  H HB   . THR A 1 17 ? -26.676 -2.775  -5.483  1.00 5.42  ? 17 THR A HB   1 
ATOM 268  H HG1  . THR A 1 17 ? -26.357 -3.641  -8.156  1.00 5.40  ? 17 THR A HG1  1 
ATOM 269  H HG21 . THR A 1 17 ? -25.399 -0.973  -7.400  1.00 4.83  ? 17 THR A HG21 1 
ATOM 270  H HG22 . THR A 1 17 ? -26.558 -0.637  -6.115  1.00 4.91  ? 17 THR A HG22 1 
ATOM 271  H HG23 . THR A 1 17 ? -27.120 -1.241  -7.673  1.00 5.01  ? 17 THR A HG23 1 
ATOM 272  N N    . ASN A 1 18 ? -24.215 -1.874  -4.313  1.00 6.07  ? 18 ASN A N    1 
ATOM 273  C CA   . ASN A 1 18 ? -23.540 -0.856  -3.515  1.00 6.58  ? 18 ASN A CA   1 
ATOM 274  C C    . ASN A 1 18 ? -22.020 -1.008  -3.530  1.00 6.67  ? 18 ASN A C    1 
ATOM 275  O O    . ASN A 1 18 ? -21.295 -0.039  -3.753  1.00 6.48  ? 18 ASN A O    1 
ATOM 276  C CB   . ASN A 1 18 ? -24.041 -0.910  -2.073  1.00 7.65  ? 18 ASN A CB   1 
ATOM 277  C CG   . ASN A 1 18 ? -25.158 0.081   -1.809  1.00 8.17  ? 18 ASN A CG   1 
ATOM 278  O OD1  . ASN A 1 18 ? -25.262 1.110   -2.477  1.00 8.34  ? 18 ASN A OD1  1 
ATOM 279  N ND2  . ASN A 1 18 ? -26.001 -0.226  -0.831  1.00 8.69  ? 18 ASN A ND2  1 
ATOM 280  H H    . ASN A 1 18 ? -24.931 -2.401  -3.901  1.00 6.41  ? 18 ASN A H    1 
ATOM 281  H HA   . ASN A 1 18 ? -23.795 0.103   -3.932  1.00 6.33  ? 18 ASN A HA   1 
ATOM 282  H HB2  . ASN A 1 18 ? -24.409 -1.903  -1.865  1.00 7.71  ? 18 ASN A HB2  1 
ATOM 283  H HB3  . ASN A 1 18 ? -23.221 -0.687  -1.406  1.00 8.21  ? 18 ASN A HB3  1 
ATOM 284  H HD21 . ASN A 1 18 ? -25.857 -1.062  -0.341  1.00 8.71  ? 18 ASN A HD21 1 
ATOM 285  H HD22 . ASN A 1 18 ? -26.734 0.396   -0.638  1.00 9.16  ? 18 ASN A HD22 1 
ATOM 286  N N    . LEU A 1 19 ? -21.540 -2.216  -3.273  1.00 7.15  ? 19 LEU A N    1 
ATOM 287  C CA   . LEU A 1 19 ? -20.111 -2.472  -3.246  1.00 7.45  ? 19 LEU A CA   1 
ATOM 288  C C    . LEU A 1 19 ? -19.549 -2.524  -4.653  1.00 6.65  ? 19 LEU A C    1 
ATOM 289  O O    . LEU A 1 19 ? -18.495 -1.955  -4.936  1.00 6.48  ? 19 LEU A O    1 
ATOM 290  C CB   . LEU A 1 19 ? -19.828 -3.785  -2.521  1.00 8.49  ? 19 LEU A CB   1 
ATOM 291  C CG   . LEU A 1 19 ? -18.371 -3.994  -2.102  1.00 9.04  ? 19 LEU A CG   1 
ATOM 292  C CD1  . LEU A 1 19 ? -18.161 -3.549  -0.663  1.00 10.15 ? 19 LEU A CD1  1 
ATOM 293  C CD2  . LEU A 1 19 ? -17.971 -5.452  -2.275  1.00 9.34  ? 19 LEU A CD2  1 
ATOM 294  H H    . LEU A 1 19 ? -22.156 -2.952  -3.096  1.00 7.42  ? 19 LEU A H    1 
ATOM 295  H HA   . LEU A 1 19 ? -19.639 -1.665  -2.710  1.00 7.68  ? 19 LEU A HA   1 
ATOM 296  H HB2  . LEU A 1 19 ? -20.445 -3.820  -1.634  1.00 9.06  ? 19 LEU A HB2  1 
ATOM 297  H HB3  . LEU A 1 19 ? -20.114 -4.598  -3.169  1.00 8.47  ? 19 LEU A HB3  1 
ATOM 298  H HG   . LEU A 1 19 ? -17.732 -3.393  -2.733  1.00 8.58  ? 19 LEU A HG   1 
ATOM 299  H HD11 . LEU A 1 19 ? -18.686 -2.621  -0.493  1.00 10.51 ? 19 LEU A HD11 1 
ATOM 300  H HD12 . LEU A 1 19 ? -17.106 -3.405  -0.481  1.00 10.50 ? 19 LEU A HD12 1 
ATOM 301  H HD13 . LEU A 1 19 ? -18.541 -4.306  0.007   1.00 10.42 ? 19 LEU A HD13 1 
ATOM 302  H HD21 . LEU A 1 19 ? -18.457 -6.052  -1.520  1.00 9.47  ? 19 LEU A HD21 1 
ATOM 303  H HD22 . LEU A 1 19 ? -16.900 -5.545  -2.174  1.00 9.53  ? 19 LEU A HD22 1 
ATOM 304  H HD23 . LEU A 1 19 ? -18.271 -5.794  -3.255  1.00 9.48  ? 19 LEU A HD23 1 
ATOM 305  N N    . ARG A 1 20 ? -20.256 -3.220  -5.532  1.00 6.33  ? 20 ARG A N    1 
ATOM 306  C CA   . ARG A 1 20 ? -19.820 -3.363  -6.909  1.00 5.91  ? 20 ARG A CA   1 
ATOM 307  C C    . ARG A 1 20 ? -19.620 -2.010  -7.577  1.00 5.03  ? 20 ARG A C    1 
ATOM 308  O O    . ARG A 1 20 ? -18.711 -1.842  -8.390  1.00 4.92  ? 20 ARG A O    1 
ATOM 309  C CB   . ARG A 1 20 ? -20.819 -4.189  -7.710  1.00 6.07  ? 20 ARG A CB   1 
ATOM 310  C CG   . ARG A 1 20 ? -20.384 -4.443  -9.138  1.00 6.32  ? 20 ARG A CG   1 
ATOM 311  C CD   . ARG A 1 20 ? -19.021 -5.112  -9.185  1.00 7.11  ? 20 ARG A CD   1 
ATOM 312  N NE   . ARG A 1 20 ? -17.940 -4.131  -9.247  1.00 6.89  ? 20 ARG A NE   1 
ATOM 313  C CZ   . ARG A 1 20 ? -17.654 -3.417  -10.330 1.00 7.12  ? 20 ARG A CZ   1 
ATOM 314  N NH1  . ARG A 1 20 ? -18.353 -3.581  -11.447 1.00 7.61  ? 20 ARG A NH1  1 
ATOM 315  N NH2  . ARG A 1 20 ? -16.668 -2.535  -10.297 1.00 7.08  ? 20 ARG A NH2  1 
ATOM 316  H H    . ARG A 1 20 ? -21.084 -3.658  -5.243  1.00 6.54  ? 20 ARG A H    1 
ATOM 317  H HA   . ARG A 1 20 ? -18.879 -3.882  -6.890  1.00 6.40  ? 20 ARG A HA   1 
ATOM 318  H HB2  . ARG A 1 20 ? -20.947 -5.143  -7.223  1.00 6.72  ? 20 ARG A HB2  1 
ATOM 319  H HB3  . ARG A 1 20 ? -21.766 -3.670  -7.730  1.00 5.62  ? 20 ARG A HB3  1 
ATOM 320  H HG2  . ARG A 1 20 ? -21.108 -5.084  -9.619  1.00 6.67  ? 20 ARG A HG2  1 
ATOM 321  H HG3  . ARG A 1 20 ? -20.332 -3.498  -9.661  1.00 5.82  ? 20 ARG A HG3  1 
ATOM 322  H HD2  . ARG A 1 20 ? -18.900 -5.714  -8.296  1.00 7.63  ? 20 ARG A HD2  1 
ATOM 323  H HD3  . ARG A 1 20 ? -18.972 -5.744  -10.059 1.00 7.53  ? 20 ARG A HD3  1 
ATOM 324  H HE   . ARG A 1 20 ? -17.404 -3.992  -8.434  1.00 6.74  ? 20 ARG A HE   1 
ATOM 325  H HH11 . ARG A 1 20 ? -19.100 -4.245  -11.478 1.00 7.72  ? 20 ARG A HH11 1 
ATOM 326  H HH12 . ARG A 1 20 ? -18.132 -3.039  -12.258 1.00 7.99  ? 20 ARG A HH12 1 
ATOM 327  H HH21 . ARG A 1 20 ? -16.140 -2.406  -9.458  1.00 6.83  ? 20 ARG A HH21 1 
ATOM 328  H HH22 . ARG A 1 20 ? -16.452 -1.995  -11.111 1.00 7.43  ? 20 ARG A HH22 1 
ATOM 329  N N    . LEU A 1 21 ? -20.461 -1.043  -7.234  1.00 4.70  ? 21 LEU A N    1 
ATOM 330  C CA   . LEU A 1 21 ? -20.343 0.282   -7.821  1.00 4.30  ? 21 LEU A CA   1 
ATOM 331  C C    . LEU A 1 21 ? -19.216 1.047   -7.142  1.00 4.51  ? 21 LEU A C    1 
ATOM 332  O O    . LEU A 1 21 ? -18.462 1.767   -7.797  1.00 4.29  ? 21 LEU A O    1 
ATOM 333  C CB   . LEU A 1 21 ? -21.660 1.047   -7.707  1.00 4.42  ? 21 LEU A CB   1 
ATOM 334  C CG   . LEU A 1 21 ? -22.147 1.271   -6.282  1.00 4.66  ? 21 LEU A CG   1 
ATOM 335  C CD1  . LEU A 1 21 ? -21.404 2.437   -5.648  1.00 4.91  ? 21 LEU A CD1  1 
ATOM 336  C CD2  . LEU A 1 21 ? -23.648 1.508   -6.268  1.00 4.92  ? 21 LEU A CD2  1 
ATOM 337  H H    . LEU A 1 21 ? -21.168 -1.224  -6.576  1.00 4.97  ? 21 LEU A H    1 
ATOM 338  H HA   . LEU A 1 21 ? -20.098 0.158   -8.865  1.00 4.17  ? 21 LEU A HA   1 
ATOM 339  H HB2  . LEU A 1 21 ? -21.534 2.011   -8.179  1.00 4.65  ? 21 LEU A HB2  1 
ATOM 340  H HB3  . LEU A 1 21 ? -22.420 0.498   -8.242  1.00 4.58  ? 21 LEU A HB3  1 
ATOM 341  H HG   . LEU A 1 21 ? -21.943 0.388   -5.698  1.00 5.02  ? 21 LEU A HG   1 
ATOM 342  H HD11 . LEU A 1 21 ? -20.679 2.824   -6.351  1.00 5.22  ? 21 LEU A HD11 1 
ATOM 343  H HD12 . LEU A 1 21 ? -20.895 2.095   -4.759  1.00 5.09  ? 21 LEU A HD12 1 
ATOM 344  H HD13 . LEU A 1 21 ? -22.105 3.215   -5.388  1.00 5.08  ? 21 LEU A HD13 1 
ATOM 345  H HD21 . LEU A 1 21 ? -23.958 1.901   -7.225  1.00 5.24  ? 21 LEU A HD21 1 
ATOM 346  H HD22 . LEU A 1 21 ? -23.894 2.214   -5.490  1.00 5.03  ? 21 LEU A HD22 1 
ATOM 347  H HD23 . LEU A 1 21 ? -24.156 0.573   -6.081  1.00 5.16  ? 21 LEU A HD23 1 
ATOM 348  N N    . TRP A 1 22 ? -19.074 0.859   -5.832  1.00 5.20  ? 22 TRP A N    1 
ATOM 349  C CA   . TRP A 1 22 ? -18.002 1.509   -5.093  1.00 5.70  ? 22 TRP A CA   1 
ATOM 350  C C    . TRP A 1 22 ? -16.674 0.991   -5.624  1.00 5.60  ? 22 TRP A C    1 
ATOM 351  O O    . TRP A 1 22 ? -15.737 1.749   -5.858  1.00 5.54  ? 22 TRP A O    1 
ATOM 352  C CB   . TRP A 1 22 ? -18.121 1.232   -3.594  1.00 6.74  ? 22 TRP A CB   1 
ATOM 353  C CG   . TRP A 1 22 ? -17.593 2.348   -2.749  1.00 7.40  ? 22 TRP A CG   1 
ATOM 354  C CD1  . TRP A 1 22 ? -18.064 3.628   -2.694  1.00 7.65  ? 22 TRP A CD1  1 
ATOM 355  C CD2  . TRP A 1 22 ? -16.488 2.287   -1.840  1.00 8.12  ? 22 TRP A CD2  1 
ATOM 356  N NE1  . TRP A 1 22 ? -17.321 4.366   -1.806  1.00 8.43  ? 22 TRP A NE1  1 
ATOM 357  C CE2  . TRP A 1 22 ? -16.347 3.565   -1.268  1.00 8.67  ? 22 TRP A CE2  1 
ATOM 358  C CE3  . TRP A 1 22 ? -15.605 1.275   -1.453  1.00 8.52  ? 22 TRP A CE3  1 
ATOM 359  C CZ2  . TRP A 1 22 ? -15.360 3.857   -0.331  1.00 9.46  ? 22 TRP A CZ2  1 
ATOM 360  C CZ3  . TRP A 1 22 ? -14.625 1.566   -0.524  1.00 9.34  ? 22 TRP A CZ3  1 
ATOM 361  C CH2  . TRP A 1 22 ? -14.509 2.848   0.028   1.00 9.74  ? 22 TRP A CH2  1 
ATOM 362  H H    . TRP A 1 22 ? -19.685 0.252   -5.362  1.00 5.53  ? 22 TRP A H    1 
ATOM 363  H HA   . TRP A 1 22 ? -18.065 2.572   -5.271  1.00 5.63  ? 22 TRP A HA   1 
ATOM 364  H HB2  . TRP A 1 22 ? -19.161 1.085   -3.343  1.00 6.87  ? 22 TRP A HB2  1 
ATOM 365  H HB3  . TRP A 1 22 ? -17.566 0.336   -3.354  1.00 7.07  ? 22 TRP A HB3  1 
ATOM 366  H HD1  . TRP A 1 22 ? -18.901 3.993   -3.271  1.00 7.40  ? 22 TRP A HD1  1 
ATOM 367  H HE1  . TRP A 1 22 ? -17.464 5.311   -1.592  1.00 8.85  ? 22 TRP A HE1  1 
ATOM 368  H HE3  . TRP A 1 22 ? -15.679 0.281   -1.869  1.00 8.33  ? 22 TRP A HE3  1 
ATOM 369  H HZ2  . TRP A 1 22 ? -15.257 4.840   0.104   1.00 9.95  ? 22 TRP A HZ2  1 
ATOM 370  H HZ3  . TRP A 1 22 ? -13.933 0.797   -0.214  1.00 9.78  ? 22 TRP A HZ3  1 
ATOM 371  H HH2  . TRP A 1 22 ? -13.728 3.030   0.751   1.00 10.40 ? 22 TRP A HH2  1 
ATOM 372  N N    . VAL A 1 23 ? -16.635 -0.313  -5.856  1.00 5.80  ? 23 VAL A N    1 
ATOM 373  C CA   . VAL A 1 23 ? -15.463 -0.964  -6.413  1.00 6.07  ? 23 VAL A CA   1 
ATOM 374  C C    . VAL A 1 23 ? -15.226 -0.447  -7.827  1.00 5.42  ? 23 VAL A C    1 
ATOM 375  O O    . VAL A 1 23 ? -14.096 -0.407  -8.307  1.00 5.59  ? 23 VAL A O    1 
ATOM 376  C CB   . VAL A 1 23 ? -15.627 -2.496  -6.449  1.00 6.77  ? 23 VAL A CB   1 
ATOM 377  C CG1  . VAL A 1 23 ? -14.346 -3.162  -6.927  1.00 7.38  ? 23 VAL A CG1  1 
ATOM 378  C CG2  . VAL A 1 23 ? -16.033 -3.022  -5.080  1.00 7.58  ? 23 VAL A CG2  1 
ATOM 379  H H    . VAL A 1 23 ? -17.433 -0.846  -5.679  1.00 5.92  ? 23 VAL A H    1 
ATOM 380  H HA   . VAL A 1 23 ? -14.612 -0.720  -5.797  1.00 6.51  ? 23 VAL A HA   1 
ATOM 381  H HB   . VAL A 1 23 ? -16.413 -2.736  -7.150  1.00 6.48  ? 23 VAL A HB   1 
ATOM 382  H HG11 . VAL A 1 23 ? -13.506 -2.515  -6.720  1.00 7.51  ? 23 VAL A HG11 1 
ATOM 383  H HG12 . VAL A 1 23 ? -14.408 -3.342  -7.989  1.00 7.56  ? 23 VAL A HG12 1 
ATOM 384  H HG13 . VAL A 1 23 ? -14.214 -4.100  -6.409  1.00 7.75  ? 23 VAL A HG13 1 
ATOM 385  H HG21 . VAL A 1 23 ? -16.313 -2.195  -4.442  1.00 7.99  ? 23 VAL A HG21 1 
ATOM 386  H HG22 . VAL A 1 23 ? -15.205 -3.553  -4.635  1.00 7.91  ? 23 VAL A HG22 1 
ATOM 387  H HG23 . VAL A 1 23 ? -16.874 -3.693  -5.186  1.00 7.67  ? 23 VAL A HG23 1 
ATOM 388  N N    . ALA A 1 24 ? -16.321 -0.052  -8.478  1.00 4.87  ? 24 ALA A N    1 
ATOM 389  C CA   . ALA A 1 24 ? -16.287 0.473   -9.837  1.00 4.66  ? 24 ALA A CA   1 
ATOM 390  C C    . ALA A 1 24 ? -15.830 1.928   -9.853  1.00 4.44  ? 24 ALA A C    1 
ATOM 391  O O    . ALA A 1 24 ? -15.216 2.393   -10.813 1.00 4.64  ? 24 ALA A O    1 
ATOM 392  C CB   . ALA A 1 24 ? -17.675 0.369   -10.454 1.00 4.64  ? 24 ALA A CB   1 
ATOM 393  H H    . ALA A 1 24 ? -17.187 -0.117  -8.024  1.00 4.80  ? 24 ALA A H    1 
ATOM 394  H HA   . ALA A 1 24 ? -15.606 -0.127  -10.422 1.00 5.08  ? 24 ALA A HA   1 
ATOM 395  H HB1  . ALA A 1 24 ? -18.409 0.746   -9.751  1.00 4.73  ? 24 ALA A HB1  1 
ATOM 396  H HB2  . ALA A 1 24 ? -17.894 -0.662  -10.684 1.00 4.82  ? 24 ALA A HB2  1 
ATOM 397  H HB3  . ALA A 1 24 ? -17.712 0.957   -11.359 1.00 4.75  ? 24 ALA A HB3  1 
ATOM 398  N N    . PHE A 1 25 ? -16.156 2.641   -8.783  1.00 4.42  ? 25 PHE A N    1 
ATOM 399  C CA   . PHE A 1 25 ? -15.815 4.051   -8.647  1.00 4.73  ? 25 PHE A CA   1 
ATOM 400  C C    . PHE A 1 25 ? -14.313 4.258   -8.443  1.00 4.92  ? 25 PHE A C    1 
ATOM 401  O O    . PHE A 1 25 ? -13.771 5.310   -8.765  1.00 5.22  ? 25 PHE A O    1 
ATOM 402  C CB   . PHE A 1 25 ? -16.621 4.645   -7.483  1.00 5.21  ? 25 PHE A CB   1 
ATOM 403  C CG   . PHE A 1 25 ? -15.808 5.380   -6.451  1.00 5.90  ? 25 PHE A CG   1 
ATOM 404  C CD1  . PHE A 1 25 ? -14.984 4.686   -5.582  1.00 6.45  ? 25 PHE A CD1  1 
ATOM 405  C CD2  . PHE A 1 25 ? -15.874 6.760   -6.350  1.00 6.31  ? 25 PHE A CD2  1 
ATOM 406  C CE1  . PHE A 1 25 ? -14.236 5.355   -4.631  1.00 7.22  ? 25 PHE A CE1  1 
ATOM 407  C CE2  . PHE A 1 25 ? -15.130 7.435   -5.401  1.00 7.09  ? 25 PHE A CE2  1 
ATOM 408  C CZ   . PHE A 1 25 ? -14.309 6.731   -4.541  1.00 7.48  ? 25 PHE A CZ   1 
ATOM 409  H H    . PHE A 1 25 ? -16.658 2.207   -8.062  1.00 4.48  ? 25 PHE A H    1 
ATOM 410  H HA   . PHE A 1 25 ? -16.109 4.549   -9.559  1.00 4.83  ? 25 PHE A HA   1 
ATOM 411  H HB2  . PHE A 1 25 ? -17.347 5.335   -7.879  1.00 5.40  ? 25 PHE A HB2  1 
ATOM 412  H HB3  . PHE A 1 25 ? -17.136 3.840   -6.982  1.00 5.14  ? 25 PHE A HB3  1 
ATOM 413  H HD1  . PHE A 1 25 ? -14.930 3.612   -5.653  1.00 6.47  ? 25 PHE A HD1  1 
ATOM 414  H HD2  . PHE A 1 25 ? -16.516 7.310   -7.023  1.00 6.22  ? 25 PHE A HD2  1 
ATOM 415  H HE1  . PHE A 1 25 ? -13.597 4.802   -3.960  1.00 7.78  ? 25 PHE A HE1  1 
ATOM 416  H HE2  . PHE A 1 25 ? -15.189 8.511   -5.333  1.00 7.57  ? 25 PHE A HE2  1 
ATOM 417  H HZ   . PHE A 1 25 ? -13.726 7.256   -3.798  1.00 8.16  ? 25 PHE A HZ   1 
ATOM 418  N N    . GLN A 1 26 ? -13.644 3.267   -7.888  1.00 5.01  ? 26 GLN A N    1 
ATOM 419  C CA   . GLN A 1 26 ? -12.209 3.380   -7.642  1.00 5.33  ? 26 GLN A CA   1 
ATOM 420  C C    . GLN A 1 26 ? -11.394 2.818   -8.802  1.00 5.20  ? 26 GLN A C    1 
ATOM 421  O O    . GLN A 1 26 ? -10.310 3.312   -9.110  1.00 5.33  ? 26 GLN A O    1 
ATOM 422  C CB   . GLN A 1 26 ? -11.829 2.662   -6.350  1.00 6.00  ? 26 GLN A CB   1 
ATOM 423  C CG   . GLN A 1 26 ? -12.264 1.210   -6.326  1.00 6.19  ? 26 GLN A CG   1 
ATOM 424  C CD   . GLN A 1 26 ? -12.779 0.771   -4.967  1.00 6.90  ? 26 GLN A CD   1 
ATOM 425  O OE1  . GLN A 1 26 ? -12.437 -0.306  -4.480  1.00 7.56  ? 26 GLN A OE1  1 
ATOM 426  N NE2  . GLN A 1 26 ? -13.604 1.608   -4.346  1.00 7.03  ? 26 GLN A NE2  1 
ATOM 427  H H    . GLN A 1 26 ? -14.118 2.449   -7.636  1.00 5.03  ? 26 GLN A H    1 
ATOM 428  H HA   . GLN A 1 26 ? -11.984 4.432   -7.541  1.00 5.51  ? 26 GLN A HA   1 
ATOM 429  H HB2  . GLN A 1 26 ? -10.755 2.698   -6.236  1.00 6.28  ? 26 GLN A HB2  1 
ATOM 430  H HB3  . GLN A 1 26 ? -12.289 3.171   -5.518  1.00 6.36  ? 26 GLN A HB3  1 
ATOM 431  H HG2  . GLN A 1 26 ? -13.049 1.073   -7.054  1.00 5.79  ? 26 GLN A HG2  1 
ATOM 432  H HG3  . GLN A 1 26 ? -11.420 0.592   -6.593  1.00 6.48  ? 26 GLN A HG3  1 
ATOM 433  H HE21 . GLN A 1 26 ? -13.832 2.449   -4.791  1.00 6.68  ? 26 GLN A HE21 1 
ATOM 434  H HE22 . GLN A 1 26 ? -13.949 1.348   -3.465  1.00 7.63  ? 26 GLN A HE22 1 
ATOM 435  N N    . MET A 1 27 ? -11.912 1.773   -9.430  1.00 5.22  ? 27 MET A N    1 
ATOM 436  C CA   . MET A 1 27 ? -11.217 1.133   -10.547 1.00 5.60  ? 27 MET A CA   1 
ATOM 437  C C    . MET A 1 27 ? -11.435 1.887   -11.835 1.00 5.61  ? 27 MET A C    1 
ATOM 438  O O    . MET A 1 27 ? -10.533 2.025   -12.649 1.00 6.08  ? 27 MET A O    1 
ATOM 439  C CB   . MET A 1 27 ? -11.711 -0.294  -10.755 1.00 6.08  ? 27 MET A CB   1 
ATOM 440  C CG   . MET A 1 27 ? -13.210 -0.402  -10.944 1.00 6.05  ? 27 MET A CG   1 
ATOM 441  S SD   . MET A 1 27 ? -13.795 -2.099  -10.802 1.00 6.92  ? 27 MET A SD   1 
ATOM 442  C CE   . MET A 1 27 ? -13.303 -2.759  -12.393 1.00 7.30  ? 27 MET A CE   1 
ATOM 443  H H    . MET A 1 27 ? -12.779 1.418   -9.131  1.00 5.16  ? 27 MET A H    1 
ATOM 444  H HA   . MET A 1 27 ? -10.160 1.117   -10.327 1.00 5.87  ? 27 MET A HA   1 
ATOM 445  H HB2  . MET A 1 27 ? -11.245 -0.688  -11.645 1.00 6.52  ? 27 MET A HB2  1 
ATOM 446  H HB3  . MET A 1 27 ? -11.428 -0.894  -9.907  1.00 6.32  ? 27 MET A HB3  1 
ATOM 447  H HG2  . MET A 1 27 ? -13.701 0.201   -10.199 1.00 5.90  ? 27 MET A HG2  1 
ATOM 448  H HG3  . MET A 1 27 ? -13.463 -0.031  -11.927 1.00 5.96  ? 27 MET A HG3  1 
ATOM 449  H HE1  . MET A 1 27 ? -12.665 -2.047  -12.896 1.00 7.38  ? 27 MET A HE1  1 
ATOM 450  H HE2  . MET A 1 27 ? -14.182 -2.943  -12.994 1.00 7.50  ? 27 MET A HE2  1 
ATOM 451  H HE3  . MET A 1 27 ? -12.766 -3.684  -12.248 1.00 7.58  ? 27 MET A HE3  1 
ATOM 452  N N    . MET A 1 28 ? -12.653 2.322   -12.035 1.00 5.37  ? 28 MET A N    1 
ATOM 453  C CA   . MET A 1 28 ? -13.012 3.025   -13.243 1.00 5.83  ? 28 MET A CA   1 
ATOM 454  C C    . MET A 1 28 ? -12.917 4.535   -13.067 1.00 5.90  ? 28 MET A C    1 
ATOM 455  O O    . MET A 1 28 ? -12.488 5.249   -13.973 1.00 6.52  ? 28 MET A O    1 
ATOM 456  C CB   . MET A 1 28 ? -14.409 2.591   -13.653 1.00 5.94  ? 28 MET A CB   1 
ATOM 457  C CG   . MET A 1 28 ? -14.764 2.933   -15.092 1.00 6.80  ? 28 MET A CG   1 
ATOM 458  S SD   . MET A 1 28 ? -16.133 4.100   -15.216 1.00 7.09  ? 28 MET A SD   1 
ATOM 459  C CE   . MET A 1 28 ? -17.358 3.292   -14.187 1.00 6.74  ? 28 MET A CE   1 
ATOM 460  H H    . MET A 1 28 ? -13.341 2.147   -11.360 1.00 5.07  ? 28 MET A H    1 
ATOM 461  H HA   . MET A 1 28 ? -12.309 2.729   -14.010 1.00 6.33  ? 28 MET A HA   1 
ATOM 462  H HB2  . MET A 1 28 ? -14.473 1.515   -13.526 1.00 5.92  ? 28 MET A HB2  1 
ATOM 463  H HB3  . MET A 1 28 ? -15.125 3.063   -12.996 1.00 5.64  ? 28 MET A HB3  1 
ATOM 464  H HG2  . MET A 1 28 ? -13.897 3.366   -15.569 1.00 7.14  ? 28 MET A HG2  1 
ATOM 465  H HG3  . MET A 1 28 ? -15.038 2.022   -15.605 1.00 7.19  ? 28 MET A HG3  1 
ATOM 466  H HE1  . MET A 1 28 ? -18.340 3.450   -14.605 1.00 6.81  ? 28 MET A HE1  1 
ATOM 467  H HE2  . MET A 1 28 ? -17.319 3.707   -13.190 1.00 6.76  ? 28 MET A HE2  1 
ATOM 468  H HE3  . MET A 1 28 ? -17.150 2.234   -14.145 1.00 6.79  ? 28 MET A HE3  1 
ATOM 469  N N    . LYS A 1 29 ? -13.307 5.017   -11.893 1.00 5.53  ? 29 LYS A N    1 
ATOM 470  C CA   . LYS A 1 29 ? -13.248 6.446   -11.606 1.00 5.94  ? 29 LYS A CA   1 
ATOM 471  C C    . LYS A 1 29 ? -11.973 6.773   -10.843 1.00 5.80  ? 29 LYS A C    1 
ATOM 472  O O    . LYS A 1 29 ? -11.427 7.870   -10.961 1.00 6.26  ? 29 LYS A O    1 
ATOM 473  C CB   . LYS A 1 29 ? -14.476 6.890   -10.805 1.00 6.13  ? 29 LYS A CB   1 
ATOM 474  C CG   . LYS A 1 29 ? -14.425 8.344   -10.361 1.00 6.75  ? 29 LYS A CG   1 
ATOM 475  C CD   . LYS A 1 29 ? -14.675 8.483   -8.865  1.00 7.06  ? 29 LYS A CD   1 
ATOM 476  C CE   . LYS A 1 29 ? -13.471 8.034   -8.047  1.00 7.01  ? 29 LYS A CE   1 
ATOM 477  N NZ   . LYS A 1 29 ? -13.037 9.081   -7.081  1.00 7.60  ? 29 LYS A NZ   1 
ATOM 478  H H    . LYS A 1 29 ? -13.630 4.397   -11.198 1.00 5.17  ? 29 LYS A H    1 
ATOM 479  H HA   . LYS A 1 29 ? -13.233 6.972   -12.550 1.00 6.47  ? 29 LYS A HA   1 
ATOM 480  H HB2  . LYS A 1 29 ? -15.357 6.753   -11.413 1.00 6.17  ? 29 LYS A HB2  1 
ATOM 481  H HB3  . LYS A 1 29 ? -14.558 6.270   -9.926  1.00 6.09  ? 29 LYS A HB3  1 
ATOM 482  H HG2  . LYS A 1 29 ? -13.452 8.749   -10.591 1.00 6.93  ? 29 LYS A HG2  1 
ATOM 483  H HG3  . LYS A 1 29 ? -15.183 8.900   -10.895 1.00 7.12  ? 29 LYS A HG3  1 
ATOM 484  H HD2  . LYS A 1 29 ? -14.883 9.517   -8.640  1.00 7.54  ? 29 LYS A HD2  1 
ATOM 485  H HD3  . LYS A 1 29 ? -15.527 7.877   -8.598  1.00 7.15  ? 29 LYS A HD3  1 
ATOM 486  H HE2  . LYS A 1 29 ? -13.734 7.139   -7.502  1.00 7.00  ? 29 LYS A HE2  1 
ATOM 487  H HE3  . LYS A 1 29 ? -12.655 7.817   -8.719  1.00 6.90  ? 29 LYS A HE3  1 
ATOM 488  H HZ1  . LYS A 1 29 ? -12.696 8.638   -6.204  1.00 7.87  ? 29 LYS A HZ1  1 
ATOM 489  H HZ2  . LYS A 1 29 ? -13.834 9.709   -6.852  1.00 7.86  ? 29 LYS A HZ2  1 
ATOM 490  H HZ3  . LYS A 1 29 ? -12.269 9.649   -7.491  1.00 7.75  ? 29 LYS A HZ3  1 
ATOM 491  N N    . GLY A 1 30 ? -11.500 5.806   -10.065 1.00 5.35  ? 30 GLY A N    1 
ATOM 492  C CA   . GLY A 1 30 ? -10.290 6.000   -9.297  1.00 5.42  ? 30 GLY A CA   1 
ATOM 493  C C    . GLY A 1 30 ? -9.043  5.604   -10.068 1.00 5.46  ? 30 GLY A C    1 
ATOM 494  O O    . GLY A 1 30 ? -7.925  5.779   -9.583  1.00 5.60  ? 30 GLY A O    1 
ATOM 495  H H    . GLY A 1 30 ? -11.976 4.952   -10.015 1.00 5.11  ? 30 GLY A H    1 
ATOM 496  H HA2  . GLY A 1 30 ? -10.216 7.042   -9.021  1.00 5.74  ? 30 GLY A HA2  1 
ATOM 497  H HA3  . GLY A 1 30 ? -10.349 5.403   -8.400  1.00 5.40  ? 30 GLY A HA3  1 
ATOM 498  N N    . ALA A 1 31 ? -9.231  5.071   -11.274 1.00 5.58  ? 31 ALA A N    1 
ATOM 499  C CA   . ALA A 1 31 ? -8.111  4.653   -12.107 1.00 6.02  ? 31 ALA A CA   1 
ATOM 500  C C    . ALA A 1 31 ? -7.639  5.793   -12.999 1.00 6.46  ? 31 ALA A C    1 
ATOM 501  O O    . ALA A 1 31 ? -6.439  6.000   -13.178 1.00 6.66  ? 31 ALA A O    1 
ATOM 502  C CB   . ALA A 1 31 ? -8.498  3.449   -12.948 1.00 6.45  ? 31 ALA A CB   1 
ATOM 503  H H    . ALA A 1 31 ? -10.143 4.956   -11.611 1.00 5.54  ? 31 ALA A H    1 
ATOM 504  H HA   . ALA A 1 31 ? -7.301  4.363   -11.454 1.00 6.00  ? 31 ALA A HA   1 
ATOM 505  H HB1  . ALA A 1 31 ? -9.476  3.613   -13.390 1.00 6.55  ? 31 ALA A HB1  1 
ATOM 506  H HB2  . ALA A 1 31 ? -8.529  2.568   -12.320 1.00 6.69  ? 31 ALA A HB2  1 
ATOM 507  H HB3  . ALA A 1 31 ? -7.770  3.307   -13.731 1.00 6.72  ? 31 ALA A HB3  1 
ATOM 508  N N    . GLY A 1 32 ? -8.589  6.533   -13.555 1.00 6.77  ? 32 GLY A N    1 
ATOM 509  C CA   . GLY A 1 32 ? -8.246  7.649   -14.414 1.00 7.49  ? 32 GLY A CA   1 
ATOM 510  C C    . GLY A 1 32 ? -7.965  8.906   -13.618 1.00 7.46  ? 32 GLY A C    1 
ATOM 511  O O    . GLY A 1 32 ? -7.067  9.678   -13.953 1.00 7.90  ? 32 GLY A O    1 
ATOM 512  H H    . GLY A 1 32 ? -9.530  6.326   -13.375 1.00 6.63  ? 32 GLY A H    1 
ATOM 513  H HA2  . GLY A 1 32 ? -7.367  7.392   -14.988 1.00 7.79  ? 32 GLY A HA2  1 
ATOM 514  H HA3  . GLY A 1 32 ? -9.067  7.838   -15.090 1.00 7.96  ? 32 GLY A HA3  1 
ATOM 515  N N    . TRP A 1 33 ? -8.737  9.105   -12.556 1.00 7.11  ? 33 TRP A N    1 
ATOM 516  C CA   . TRP A 1 33 ? -8.576  10.270  -11.698 1.00 7.36  ? 33 TRP A CA   1 
ATOM 517  C C    . TRP A 1 33 ? -7.596  9.982   -10.565 1.00 6.89  ? 33 TRP A C    1 
ATOM 518  O O    . TRP A 1 33 ? -6.480  10.499  -10.553 1.00 7.23  ? 33 TRP A O    1 
ATOM 519  C CB   . TRP A 1 33 ? -9.931  10.694  -11.126 1.00 7.43  ? 33 TRP A CB   1 
ATOM 520  C CG   . TRP A 1 33 ? -9.860  11.921  -10.267 1.00 8.21  ? 33 TRP A CG   1 
ATOM 521  C CD1  . TRP A 1 33 ? -8.856  12.845  -10.236 1.00 8.65  ? 33 TRP A CD1  1 
ATOM 522  C CD2  . TRP A 1 33 ? -10.837 12.355  -9.314  1.00 8.89  ? 33 TRP A CD2  1 
ATOM 523  N NE1  . TRP A 1 33 ? -9.148  13.827  -9.320  1.00 9.49  ? 33 TRP A NE1  1 
ATOM 524  C CE2  . TRP A 1 33 ? -10.359 13.550  -8.742  1.00 9.64  ? 33 TRP A CE2  1 
ATOM 525  C CE3  . TRP A 1 33 ? -12.069 11.851  -8.888  1.00 9.13  ? 33 TRP A CE3  1 
ATOM 526  C CZ2  . TRP A 1 33 ? -11.070 14.246  -7.768  1.00 10.53 ? 33 TRP A CZ2  1 
ATOM 527  C CZ3  . TRP A 1 33 ? -12.774 12.543  -7.922  1.00 10.07 ? 33 TRP A CZ3  1 
ATOM 528  C CH2  . TRP A 1 33 ? -12.274 13.730  -7.372  1.00 10.72 ? 33 TRP A CH2  1 
ATOM 529  H H    . TRP A 1 33 ? -9.433  8.449   -12.342 1.00 6.80  ? 33 TRP A H    1 
ATOM 530  H HA   . TRP A 1 33 ? -8.181  11.074  -12.301 1.00 8.02  ? 33 TRP A HA   1 
ATOM 531  H HB2  . TRP A 1 33 ? -10.610 10.897  -11.940 1.00 7.56  ? 33 TRP A HB2  1 
ATOM 532  H HB3  . TRP A 1 33 ? -10.327 9.888   -10.525 1.00 6.94  ? 33 TRP A HB3  1 
ATOM 533  H HD1  . TRP A 1 33 ? -7.966  12.797  -10.846 1.00 8.52  ? 33 TRP A HD1  1 
ATOM 534  H HE1  . TRP A 1 33 ? -8.582  14.601  -9.116  1.00 10.01 ? 33 TRP A HE1  1 
ATOM 535  H HE3  . TRP A 1 33 ? -12.472 10.937  -9.302  1.00 8.72  ? 33 TRP A HE3  1 
ATOM 536  H HZ2  . TRP A 1 33 ? -10.698 15.162  -7.335  1.00 11.17 ? 33 TRP A HZ2  1 
ATOM 537  H HZ3  . TRP A 1 33 ? -13.728 12.169  -7.582  1.00 10.42 ? 33 TRP A HZ3  1 
ATOM 538  H HH2  . TRP A 1 33 ? -12.858 14.237  -6.618  1.00 11.50 ? 33 TRP A HH2  1 
ATOM 539  N N    . ALA A 1 34 ? -8.015  9.152   -9.614  1.00 6.23  ? 34 ALA A N    1 
ATOM 540  C CA   . ALA A 1 34 ? -7.162  8.804   -8.484  1.00 5.91  ? 34 ALA A CA   1 
ATOM 541  C C    . ALA A 1 34 ? -5.890  8.118   -8.959  1.00 5.80  ? 34 ALA A C    1 
ATOM 542  O O    . ALA A 1 34 ? -4.841  8.230   -8.331  1.00 5.89  ? 34 ALA A O    1 
ATOM 543  C CB   . ALA A 1 34 ? -7.906  7.915   -7.500  1.00 5.55  ? 34 ALA A CB   1 
ATOM 544  H H    . ALA A 1 34 ? -8.914  8.765   -9.675  1.00 6.06  ? 34 ALA A H    1 
ATOM 545  H HA   . ALA A 1 34 ? -6.893  9.721   -7.976  1.00 6.30  ? 34 ALA A HA   1 
ATOM 546  H HB1  . ALA A 1 34 ? -8.555  7.245   -8.041  1.00 5.61  ? 34 ALA A HB1  1 
ATOM 547  H HB2  . ALA A 1 34 ? -8.493  8.528   -6.834  1.00 5.65  ? 34 ALA A HB2  1 
ATOM 548  H HB3  . ALA A 1 34 ? -7.192  7.340   -6.927  1.00 5.54  ? 34 ALA A HB3  1 
ATOM 549  N N    . GLY A 1 35 ? -5.980  7.411   -10.076 1.00 5.83  ? 35 GLY A N    1 
ATOM 550  C CA   . GLY A 1 35 ? -4.812  6.735   -10.602 1.00 6.10  ? 35 GLY A CA   1 
ATOM 551  C C    . GLY A 1 35 ? -3.638  7.682   -10.759 1.00 6.49  ? 35 GLY A C    1 
ATOM 552  O O    . GLY A 1 35 ? -2.552  7.427   -10.242 1.00 6.41  ? 35 GLY A O    1 
ATOM 553  H H    . GLY A 1 35 ? -6.836  7.355   -10.548 1.00 5.82  ? 35 GLY A H    1 
ATOM 554  H HA2  . GLY A 1 35 ? -4.533  5.938   -9.928  1.00 5.87  ? 35 GLY A HA2  1 
ATOM 555  H HA3  . GLY A 1 35 ? -5.052  6.314   -11.565 1.00 6.49  ? 35 GLY A HA3  1 
ATOM 556  N N    . GLY A 1 36 ? -3.866  8.780   -11.470 1.00 7.06  ? 36 GLY A N    1 
ATOM 557  C CA   . GLY A 1 36 ? -2.816  9.758   -11.683 1.00 7.70  ? 36 GLY A CA   1 
ATOM 558  C C    . GLY A 1 36 ? -2.693  10.757  -10.545 1.00 7.58  ? 36 GLY A C    1 
ATOM 559  O O    . GLY A 1 36 ? -1.589  11.187  -10.210 1.00 7.74  ? 36 GLY A O    1 
ATOM 560  H H    . GLY A 1 36 ? -4.756  8.930   -11.851 1.00 7.14  ? 36 GLY A H    1 
ATOM 561  H HA2  . GLY A 1 36 ? -1.876  9.242   -11.795 1.00 7.80  ? 36 GLY A HA2  1 
ATOM 562  H HA3  . GLY A 1 36 ? -3.030  10.297  -12.594 1.00 8.34  ? 36 GLY A HA3  1 
ATOM 563  N N    . VAL A 1 37 ? -3.822  11.129  -9.950  1.00 7.46  ? 37 VAL A N    1 
ATOM 564  C CA   . VAL A 1 37 ? -3.828  12.079  -8.852  1.00 7.68  ? 37 VAL A CA   1 
ATOM 565  C C    . VAL A 1 37 ? -3.362  11.418  -7.567  1.00 7.04  ? 37 VAL A C    1 
ATOM 566  O O    . VAL A 1 37 ? -2.463  11.911  -6.887  1.00 7.20  ? 37 VAL A O    1 
ATOM 567  C CB   . VAL A 1 37 ? -5.230  12.684  -8.636  1.00 8.05  ? 37 VAL A CB   1 
ATOM 568  C CG1  . VAL A 1 37 ? -5.224  13.666  -7.474  1.00 8.65  ? 37 VAL A CG1  1 
ATOM 569  C CG2  . VAL A 1 37 ? -5.718  13.359  -9.908  1.00 8.73  ? 37 VAL A CG2  1 
ATOM 570  H H    . VAL A 1 37 ? -4.670  10.749  -10.248 1.00 7.33  ? 37 VAL A H    1 
ATOM 571  H HA   . VAL A 1 37 ? -3.148  12.879  -9.100  1.00 8.26  ? 37 VAL A HA   1 
ATOM 572  H HB   . VAL A 1 37 ? -5.913  11.881  -8.397  1.00 7.51  ? 37 VAL A HB   1 
ATOM 573  H HG11 . VAL A 1 37 ? -4.352  14.300  -7.542  1.00 8.88  ? 37 VAL A HG11 1 
ATOM 574  H HG12 . VAL A 1 37 ? -5.201  13.122  -6.541  1.00 8.76  ? 37 VAL A HG12 1 
ATOM 575  H HG13 . VAL A 1 37 ? -6.116  14.275  -7.512  1.00 8.98  ? 37 VAL A HG13 1 
ATOM 576  H HG21 . VAL A 1 37 ? -4.975  14.065  -10.248 1.00 8.97  ? 37 VAL A HG21 1 
ATOM 577  H HG22 . VAL A 1 37 ? -6.642  13.880  -9.707  1.00 9.01  ? 37 VAL A HG22 1 
ATOM 578  H HG23 . VAL A 1 37 ? -5.884  12.615  -10.672 1.00 8.92  ? 37 VAL A HG23 1 
ATOM 579  N N    . PHE A 1 38 ? -3.993  10.301  -7.235  1.00 6.43  ? 38 PHE A N    1 
ATOM 580  C CA   . PHE A 1 38 ? -3.658  9.575   -6.025  1.00 6.04  ? 38 PHE A CA   1 
ATOM 581  C C    . PHE A 1 38 ? -2.286  8.916   -6.125  1.00 5.71  ? 38 PHE A C    1 
ATOM 582  O O    . PHE A 1 38 ? -1.404  9.189   -5.312  1.00 5.79  ? 38 PHE A O    1 
ATOM 583  C CB   . PHE A 1 38 ? -4.723  8.526   -5.710  1.00 5.76  ? 38 PHE A CB   1 
ATOM 584  C CG   . PHE A 1 38 ? -4.852  8.225   -4.245  1.00 6.11  ? 38 PHE A CG   1 
ATOM 585  C CD1  . PHE A 1 38 ? -5.187  9.224   -3.346  1.00 6.51  ? 38 PHE A CD1  1 
ATOM 586  C CD2  . PHE A 1 38 ? -4.635  6.943   -3.766  1.00 6.47  ? 38 PHE A CD2  1 
ATOM 587  C CE1  . PHE A 1 38 ? -5.305  8.951   -1.997  1.00 7.18  ? 38 PHE A CE1  1 
ATOM 588  C CE2  . PHE A 1 38 ? -4.752  6.662   -2.418  1.00 7.15  ? 38 PHE A CE2  1 
ATOM 589  C CZ   . PHE A 1 38 ? -5.087  7.668   -1.532  1.00 7.47  ? 38 PHE A CZ   1 
ATOM 590  H H    . PHE A 1 38 ? -4.708  9.962   -7.814  1.00 6.36  ? 38 PHE A H    1 
ATOM 591  H HA   . PHE A 1 38 ? -3.637  10.296  -5.230  1.00 6.45  ? 38 PHE A HA   1 
ATOM 592  H HB2  . PHE A 1 38 ? -5.682  8.877   -6.062  1.00 5.97  ? 38 PHE A HB2  1 
ATOM 593  H HB3  . PHE A 1 38 ? -4.473  7.606   -6.218  1.00 5.39  ? 38 PHE A HB3  1 
ATOM 594  H HD1  . PHE A 1 38 ? -5.357  10.227  -3.709  1.00 6.56  ? 38 PHE A HD1  1 
ATOM 595  H HD2  . PHE A 1 38 ? -4.373  6.155   -4.457  1.00 6.47  ? 38 PHE A HD2  1 
ATOM 596  H HE1  . PHE A 1 38 ? -5.566  9.739   -1.307  1.00 7.69  ? 38 PHE A HE1  1 
ATOM 597  H HE2  . PHE A 1 38 ? -4.581  5.659   -2.057  1.00 7.66  ? 38 PHE A HE2  1 
ATOM 598  H HZ   . PHE A 1 38 ? -5.178  7.452   -0.478  1.00 8.18  ? 38 PHE A HZ   1 
ATOM 599  N N    . PHE A 1 39 ? -2.105  8.049   -7.117  1.00 5.55  ? 39 PHE A N    1 
ATOM 600  C CA   . PHE A 1 39 ? -0.829  7.365   -7.292  1.00 5.55  ? 39 PHE A CA   1 
ATOM 601  C C    . PHE A 1 39 ? 0.289   8.372   -7.522  1.00 5.84  ? 39 PHE A C    1 
ATOM 602  O O    . PHE A 1 39 ? 1.386   8.226   -6.984  1.00 5.71  ? 39 PHE A O    1 
ATOM 603  C CB   . PHE A 1 39 ? -0.900  6.376   -8.454  1.00 5.94  ? 39 PHE A CB   1 
ATOM 604  C CG   . PHE A 1 39 ? -0.054  5.150   -8.251  1.00 6.25  ? 39 PHE A CG   1 
ATOM 605  C CD1  . PHE A 1 39 ? -0.345  4.255   -7.233  1.00 6.53  ? 39 PHE A CD1  1 
ATOM 606  C CD2  . PHE A 1 39 ? 1.029   4.894   -9.076  1.00 6.64  ? 39 PHE A CD2  1 
ATOM 607  C CE1  . PHE A 1 39 ? 0.430   3.127   -7.043  1.00 7.05  ? 39 PHE A CE1  1 
ATOM 608  C CE2  . PHE A 1 39 ? 1.807   3.768   -8.890  1.00 7.21  ? 39 PHE A CE2  1 
ATOM 609  C CZ   . PHE A 1 39 ? 1.508   2.883   -7.872  1.00 7.36  ? 39 PHE A CZ   1 
ATOM 610  H H    . PHE A 1 39 ? -2.839  7.864   -7.744  1.00 5.59  ? 39 PHE A H    1 
ATOM 611  H HA   . PHE A 1 39 ? -0.618  6.823   -6.379  1.00 5.34  ? 39 PHE A HA   1 
ATOM 612  H HB2  . PHE A 1 39 ? -1.924  6.056   -8.582  1.00 5.86  ? 39 PHE A HB2  1 
ATOM 613  H HB3  . PHE A 1 39 ? -0.565  6.865   -9.357  1.00 6.35  ? 39 PHE A HB3  1 
ATOM 614  H HD1  . PHE A 1 39 ? -1.187  4.445   -6.585  1.00 6.56  ? 39 PHE A HD1  1 
ATOM 615  H HD2  . PHE A 1 39 ? 1.263   5.586   -9.871  1.00 6.72  ? 39 PHE A HD2  1 
ATOM 616  H HE1  . PHE A 1 39 ? 0.194   2.437   -6.246  1.00 7.43  ? 39 PHE A HE1  1 
ATOM 617  H HE2  . PHE A 1 39 ? 2.649   3.579   -9.540  1.00 7.73  ? 39 PHE A HE2  1 
ATOM 618  H HZ   . PHE A 1 39 ? 2.115   2.002   -7.725  1.00 7.93  ? 39 PHE A HZ   1 
ATOM 619  N N    . GLY A 1 40 ? 0.001   9.407   -8.305  1.00 6.40  ? 40 GLY A N    1 
ATOM 620  C CA   . GLY A 1 40 ? 0.995   10.431  -8.560  1.00 6.98  ? 40 GLY A CA   1 
ATOM 621  C C    . GLY A 1 40 ? 1.473   11.065  -7.269  1.00 6.80  ? 40 GLY A C    1 
ATOM 622  O O    . GLY A 1 40 ? 2.613   11.513  -7.161  1.00 7.01  ? 40 GLY A O    1 
ATOM 623  H H    . GLY A 1 40 ? -0.894  9.484   -8.696  1.00 6.51  ? 40 GLY A H    1 
ATOM 624  H HA2  . GLY A 1 40 ? 1.839   9.987   -9.069  1.00 7.17  ? 40 GLY A HA2  1 
ATOM 625  H HA3  . GLY A 1 40 ? 0.564   11.195  -9.189  1.00 7.55  ? 40 GLY A HA3  1 
ATOM 626  N N    . THR A 1 41 ? 0.591   11.086  -6.278  1.00 6.59  ? 41 THR A N    1 
ATOM 627  C CA   . THR A 1 41 ? 0.920   11.650  -4.980  1.00 6.72  ? 41 THR A CA   1 
ATOM 628  C C    . THR A 1 41 ? 1.594   10.609  -4.099  1.00 6.10  ? 41 THR A C    1 
ATOM 629  O O    . THR A 1 41 ? 2.588   10.897  -3.438  1.00 6.16  ? 41 THR A O    1 
ATOM 630  C CB   . THR A 1 41 ? -0.335  12.152  -4.286  1.00 7.16  ? 41 THR A CB   1 
ATOM 631  O OG1  . THR A 1 41 ? -1.085  12.996  -5.142  1.00 7.79  ? 41 THR A OG1  1 
ATOM 632  C CG2  . THR A 1 41 ? -0.048  12.919  -3.014  1.00 7.76  ? 41 THR A CG2  1 
ATOM 633  H H    . THR A 1 41 ? -0.300  10.706  -6.420  1.00 6.47  ? 41 THR A H    1 
ATOM 634  H HA   . THR A 1 41 ? 1.598   12.477  -5.133  1.00 7.18  ? 41 THR A HA   1 
ATOM 635  H HB   . THR A 1 41 ? -0.941  11.299  -4.029  1.00 6.73  ? 41 THR A HB   1 
ATOM 636  H HG1  . THR A 1 41 ? -2.022  12.868  -4.977  1.00 8.01  ? 41 THR A HG1  1 
ATOM 637  H HG21 . THR A 1 41 ? 0.197   13.942  -3.257  1.00 8.10  ? 41 THR A HG21 1 
ATOM 638  H HG22 . THR A 1 41 ? 0.785   12.460  -2.501  1.00 7.82  ? 41 THR A HG22 1 
ATOM 639  H HG23 . THR A 1 41 ? -0.919  12.898  -2.376  1.00 8.03  ? 41 THR A HG23 1 
ATOM 640  N N    . LEU A 1 42 ? 1.045   9.395   -4.089  1.00 5.66  ? 42 LEU A N    1 
ATOM 641  C CA   . LEU A 1 42 ? 1.607   8.324   -3.279  1.00 5.40  ? 42 LEU A CA   1 
ATOM 642  C C    . LEU A 1 42 ? 3.024   8.011   -3.725  1.00 5.19  ? 42 LEU A C    1 
ATOM 643  O O    . LEU A 1 42 ? 3.892   7.722   -2.908  1.00 5.19  ? 42 LEU A O    1 
ATOM 644  C CB   . LEU A 1 42 ? 0.749   7.063   -3.349  1.00 5.36  ? 42 LEU A CB   1 
ATOM 645  C CG   . LEU A 1 42 ? -0.699  7.230   -2.885  1.00 5.60  ? 42 LEU A CG   1 
ATOM 646  C CD1  . LEU A 1 42 ? -1.426  5.896   -2.923  1.00 5.85  ? 42 LEU A CD1  1 
ATOM 647  C CD2  . LEU A 1 42 ? -0.745  7.826   -1.487  1.00 6.12  ? 42 LEU A CD2  1 
ATOM 648  H H    . LEU A 1 42 ? 0.250   9.221   -4.632  1.00 5.67  ? 42 LEU A H    1 
ATOM 649  H HA   . LEU A 1 42 ? 1.639   8.669   -2.262  1.00 5.69  ? 42 LEU A HA   1 
ATOM 650  H HB2  . LEU A 1 42 ? 0.744   6.712   -4.370  1.00 5.26  ? 42 LEU A HB2  1 
ATOM 651  H HB3  . LEU A 1 42 ? 1.214   6.310   -2.729  1.00 5.62  ? 42 LEU A HB3  1 
ATOM 652  H HG   . LEU A 1 42 ? -1.209  7.905   -3.556  1.00 5.60  ? 42 LEU A HG   1 
ATOM 653  H HD11 . LEU A 1 42 ? -1.821  5.727   -3.913  1.00 6.08  ? 42 LEU A HD11 1 
ATOM 654  H HD12 . LEU A 1 42 ? -2.237  5.907   -2.209  1.00 5.95  ? 42 LEU A HD12 1 
ATOM 655  H HD13 . LEU A 1 42 ? -0.737  5.103   -2.670  1.00 6.10  ? 42 LEU A HD13 1 
ATOM 656  H HD21 . LEU A 1 42 ? -1.774  7.974   -1.193  1.00 6.23  ? 42 LEU A HD21 1 
ATOM 657  H HD22 . LEU A 1 42 ? -0.230  8.774   -1.483  1.00 6.33  ? 42 LEU A HD22 1 
ATOM 658  H HD23 . LEU A 1 42 ? -0.266  7.152   -0.793  1.00 6.52  ? 42 LEU A HD23 1 
ATOM 659  N N    . LEU A 1 43 ? 3.260   8.087   -5.024  1.00 5.28  ? 43 LEU A N    1 
ATOM 660  C CA   . LEU A 1 43 ? 4.580   7.842   -5.554  1.00 5.45  ? 43 LEU A CA   1 
ATOM 661  C C    . LEU A 1 43 ? 5.476   9.028   -5.219  1.00 5.60  ? 43 LEU A C    1 
ATOM 662  O O    . LEU A 1 43 ? 6.673   8.875   -5.030  1.00 5.60  ? 43 LEU A O    1 
ATOM 663  C CB   . LEU A 1 43 ? 4.520   7.578   -7.068  1.00 6.01  ? 43 LEU A CB   1 
ATOM 664  C CG   . LEU A 1 43 ? 5.303   8.554   -7.951  1.00 6.66  ? 43 LEU A CG   1 
ATOM 665  C CD1  . LEU A 1 43 ? 5.396   8.029   -9.375  1.00 7.21  ? 43 LEU A CD1  1 
ATOM 666  C CD2  . LEU A 1 43 ? 4.644   9.922   -7.925  1.00 7.04  ? 43 LEU A CD2  1 
ATOM 667  H H    . LEU A 1 43 ? 2.542   8.337   -5.630  1.00 5.42  ? 43 LEU A H    1 
ATOM 668  H HA   . LEU A 1 43 ? 4.973   6.965   -5.060  1.00 5.36  ? 43 LEU A HA   1 
ATOM 669  H HB2  . LEU A 1 43 ? 4.900   6.583   -7.249  1.00 6.22  ? 43 LEU A HB2  1 
ATOM 670  H HB3  . LEU A 1 43 ? 3.484   7.606   -7.372  1.00 6.01  ? 43 LEU A HB3  1 
ATOM 671  H HG   . LEU A 1 43 ? 6.306   8.656   -7.565  1.00 6.83  ? 43 LEU A HG   1 
ATOM 672  H HD11 . LEU A 1 43 ? 5.702   6.993   -9.358  1.00 7.34  ? 43 LEU A HD11 1 
ATOM 673  H HD12 . LEU A 1 43 ? 6.121   8.609   -9.926  1.00 7.40  ? 43 LEU A HD12 1 
ATOM 674  H HD13 . LEU A 1 43 ? 4.431   8.110   -9.854  1.00 7.60  ? 43 LEU A HD13 1 
ATOM 675  H HD21 . LEU A 1 43 ? 5.376   10.668  -7.647  1.00 7.14  ? 43 LEU A HD21 1 
ATOM 676  H HD22 . LEU A 1 43 ? 3.844   9.917   -7.199  1.00 7.25  ? 43 LEU A HD22 1 
ATOM 677  H HD23 . LEU A 1 43 ? 4.245   10.153  -8.901  1.00 7.34  ? 43 LEU A HD23 1 
ATOM 678  N N    . LEU A 1 44 ? 4.886   10.221  -5.135  1.00 5.92  ? 44 LEU A N    1 
ATOM 679  C CA   . LEU A 1 44 ? 5.663   11.409  -4.803  1.00 6.40  ? 44 LEU A CA   1 
ATOM 680  C C    . LEU A 1 44 ? 6.026   11.430  -3.320  1.00 6.20  ? 44 LEU A C    1 
ATOM 681  O O    . LEU A 1 44 ? 7.127   11.815  -2.950  1.00 6.30  ? 44 LEU A O    1 
ATOM 682  C CB   . LEU A 1 44 ? 4.897   12.687  -5.160  1.00 7.17  ? 44 LEU A CB   1 
ATOM 683  C CG   . LEU A 1 44 ? 5.737   13.837  -5.743  1.00 7.99  ? 44 LEU A CG   1 
ATOM 684  C CD1  . LEU A 1 44 ? 7.209   13.704  -5.376  1.00 8.01  ? 44 LEU A CD1  1 
ATOM 685  C CD2  . LEU A 1 44 ? 5.568   13.902  -7.255  1.00 8.73  ? 44 LEU A CD2  1 
ATOM 686  H H    . LEU A 1 44 ? 3.911   10.303  -5.290  1.00 5.98  ? 44 LEU A H    1 
ATOM 687  H HA   . LEU A 1 44 ? 6.573   11.373  -5.381  1.00 6.58  ? 44 LEU A HA   1 
ATOM 688  H HB2  . LEU A 1 44 ? 4.132   12.431  -5.874  1.00 7.19  ? 44 LEU A HB2  1 
ATOM 689  H HB3  . LEU A 1 44 ? 4.417   13.050  -4.263  1.00 7.29  ? 44 LEU A HB3  1 
ATOM 690  H HG   . LEU A 1 44 ? 5.383   14.769  -5.330  1.00 8.27  ? 44 LEU A HG   1 
ATOM 691  H HD11 . LEU A 1 44 ? 7.300   13.515  -4.318  1.00 8.02  ? 44 LEU A HD11 1 
ATOM 692  H HD12 . LEU A 1 44 ? 7.725   14.621  -5.622  1.00 8.21  ? 44 LEU A HD12 1 
ATOM 693  H HD13 . LEU A 1 44 ? 7.647   12.886  -5.929  1.00 8.07  ? 44 LEU A HD13 1 
ATOM 694  H HD21 . LEU A 1 44 ? 4.686   14.478  -7.495  1.00 8.95  ? 44 LEU A HD21 1 
ATOM 695  H HD22 . LEU A 1 44 ? 5.462   12.901  -7.648  1.00 8.93  ? 44 LEU A HD22 1 
ATOM 696  H HD23 . LEU A 1 44 ? 6.435   14.371  -7.695  1.00 9.03  ? 44 LEU A HD23 1 
ATOM 697  N N    . ILE A 1 45 ? 5.077   11.035  -2.478  1.00 6.11  ? 45 ILE A N    1 
ATOM 698  C CA   . ILE A 1 45 ? 5.279   11.037  -1.033  1.00 6.31  ? 45 ILE A CA   1 
ATOM 699  C C    . ILE A 1 45 ? 5.830   9.707   -0.519  1.00 5.87  ? 45 ILE A C    1 
ATOM 700  O O    . ILE A 1 45 ? 6.759   9.684   0.284   1.00 5.98  ? 45 ILE A O    1 
ATOM 701  C CB   . ILE A 1 45 ? 3.958   11.357  -0.301  1.00 6.87  ? 45 ILE A CB   1 
ATOM 702  C CG1  . ILE A 1 45 ? 3.705   12.865  -0.303  1.00 7.70  ? 45 ILE A CG1  1 
ATOM 703  C CG2  . ILE A 1 45 ? 3.983   10.821  1.122   1.00 7.23  ? 45 ILE A CG2  1 
ATOM 704  C CD1  . ILE A 1 45 ? 2.238   13.234  -0.313  1.00 8.10  ? 45 ILE A CD1  1 
ATOM 705  H H    . ILE A 1 45 ? 4.214   10.755  -2.835  1.00 6.05  ? 45 ILE A H    1 
ATOM 706  H HA   . ILE A 1 45 ? 5.987   11.818  -0.799  1.00 6.67  ? 45 ILE A HA   1 
ATOM 707  H HB   . ILE A 1 45 ? 3.153   10.866  -0.828  1.00 6.59  ? 45 ILE A HB   1 
ATOM 708  H HG12 . ILE A 1 45 ? 4.149   13.299  0.581   1.00 8.12  ? 45 ILE A HG12 1 
ATOM 709  H HG13 . ILE A 1 45 ? 4.163   13.297  -1.179  1.00 7.81  ? 45 ILE A HG13 1 
ATOM 710  H HG21 . ILE A 1 45 ? 3.340   11.421  1.746   1.00 7.45  ? 45 ILE A HG21 1 
ATOM 711  H HG22 . ILE A 1 45 ? 4.995   10.860  1.499   1.00 7.41  ? 45 ILE A HG22 1 
ATOM 712  H HG23 . ILE A 1 45 ? 3.636   9.796   1.123   1.00 7.40  ? 45 ILE A HG23 1 
ATOM 713  H HD11 . ILE A 1 45 ? 2.049   13.979  0.446   1.00 8.21  ? 45 ILE A HD11 1 
ATOM 714  H HD12 . ILE A 1 45 ? 1.644   12.355  -0.111  1.00 8.28  ? 45 ILE A HD12 1 
ATOM 715  H HD13 . ILE A 1 45 ? 1.974   13.632  -1.282  1.00 8.32  ? 45 ILE A HD13 1 
ATOM 716  N N    . GLY A 1 46 ? 5.251   8.608   -0.979  1.00 5.58  ? 46 GLY A N    1 
ATOM 717  C CA   . GLY A 1 46 ? 5.698   7.302   -0.547  1.00 5.58  ? 46 GLY A CA   1 
ATOM 718  C C    . GLY A 1 46 ? 7.093   7.015   -1.034  1.00 5.34  ? 46 GLY A C    1 
ATOM 719  O O    . GLY A 1 46 ? 7.857   6.295   -0.390  1.00 5.57  ? 46 GLY A O    1 
ATOM 720  H H    . GLY A 1 46 ? 4.523   8.683   -1.615  1.00 5.53  ? 46 GLY A H    1 
ATOM 721  H HA2  . GLY A 1 46 ? 5.684   7.262   0.532   1.00 6.01  ? 46 GLY A HA2  1 
ATOM 722  H HA3  . GLY A 1 46 ? 5.028   6.551   -0.939  1.00 5.61  ? 46 GLY A HA3  1 
ATOM 723  N N    . PHE A 1 47 ? 7.428   7.597   -2.176  1.00 5.17  ? 47 PHE A N    1 
ATOM 724  C CA   . PHE A 1 47 ? 8.740   7.420   -2.752  1.00 5.25  ? 47 PHE A CA   1 
ATOM 725  C C    . PHE A 1 47 ? 9.718   8.428   -2.154  1.00 5.25  ? 47 PHE A C    1 
ATOM 726  O O    . PHE A 1 47 ? 10.901  8.139   -1.988  1.00 5.31  ? 47 PHE A O    1 
ATOM 727  C CB   . PHE A 1 47 ? 8.684   7.557   -4.274  1.00 5.58  ? 47 PHE A CB   1 
ATOM 728  C CG   . PHE A 1 47 ? 9.792   6.834   -4.986  1.00 6.11  ? 47 PHE A CG   1 
ATOM 729  C CD1  . PHE A 1 47 ? 9.895   5.454   -4.916  1.00 6.51  ? 47 PHE A CD1  1 
ATOM 730  C CD2  . PHE A 1 47 ? 10.729  7.536   -5.728  1.00 6.56  ? 47 PHE A CD2  1 
ATOM 731  C CE1  . PHE A 1 47 ? 10.913  4.787   -5.572  1.00 7.22  ? 47 PHE A CE1  1 
ATOM 732  C CE2  . PHE A 1 47 ? 11.748  6.875   -6.386  1.00 7.28  ? 47 PHE A CE2  1 
ATOM 733  C CZ   . PHE A 1 47 ? 11.841  5.498   -6.308  1.00 7.56  ? 47 PHE A CZ   1 
ATOM 734  H H    . PHE A 1 47 ? 6.776   8.166   -2.634  1.00 5.18  ? 47 PHE A H    1 
ATOM 735  H HA   . PHE A 1 47 ? 9.062   6.428   -2.500  1.00 5.41  ? 47 PHE A HA   1 
ATOM 736  H HB2  . PHE A 1 47 ? 7.741   7.156   -4.629  1.00 5.60  ? 47 PHE A HB2  1 
ATOM 737  H HB3  . PHE A 1 47 ? 8.745   8.603   -4.536  1.00 5.72  ? 47 PHE A HB3  1 
ATOM 738  H HD1  . PHE A 1 47 ? 9.171   4.897   -4.342  1.00 6.49  ? 47 PHE A HD1  1 
ATOM 739  H HD2  . PHE A 1 47 ? 10.659  8.612   -5.789  1.00 6.57  ? 47 PHE A HD2  1 
ATOM 740  H HE1  . PHE A 1 47 ? 10.982  3.711   -5.510  1.00 7.70  ? 47 PHE A HE1  1 
ATOM 741  H HE2  . PHE A 1 47 ? 12.474  7.433   -6.962  1.00 7.81  ? 47 PHE A HE2  1 
ATOM 742  H HZ   . PHE A 1 47 ? 12.637  4.979   -6.821  1.00 8.23  ? 47 PHE A HZ   1 
ATOM 743  N N    . PHE A 1 48 ? 9.204   9.611   -1.818  1.00 5.39  ? 48 PHE A N    1 
ATOM 744  C CA   . PHE A 1 48 ? 10.015  10.667  -1.225  1.00 5.71  ? 48 PHE A CA   1 
ATOM 745  C C    . PHE A 1 48 ? 10.313  10.348  0.233   1.00 5.75  ? 48 PHE A C    1 
ATOM 746  O O    . PHE A 1 48 ? 11.396  10.639  0.740   1.00 5.88  ? 48 PHE A O    1 
ATOM 747  C CB   . PHE A 1 48 ? 9.275   12.006  -1.324  1.00 6.34  ? 48 PHE A CB   1 
ATOM 748  C CG   . PHE A 1 48 ? 10.167  13.211  -1.230  1.00 6.96  ? 48 PHE A CG   1 
ATOM 749  C CD1  . PHE A 1 48 ? 10.942  13.439  -0.106  1.00 7.31  ? 48 PHE A CD1  1 
ATOM 750  C CD2  . PHE A 1 48 ? 10.224  14.118  -2.276  1.00 7.53  ? 48 PHE A CD2  1 
ATOM 751  C CE1  . PHE A 1 48 ? 11.760  14.550  -0.025  1.00 8.09  ? 48 PHE A CE1  1 
ATOM 752  C CE2  . PHE A 1 48 ? 11.040  15.231  -2.202  1.00 8.32  ? 48 PHE A CE2  1 
ATOM 753  C CZ   . PHE A 1 48 ? 11.810  15.446  -1.076  1.00 8.56  ? 48 PHE A CZ   1 
ATOM 754  H H    . PHE A 1 48 ? 8.250   9.776   -1.963  1.00 5.45  ? 48 PHE A H    1 
ATOM 755  H HA   . PHE A 1 48 ? 10.945  10.730  -1.769  1.00 5.75  ? 48 PHE A HA   1 
ATOM 756  H HB2  . PHE A 1 48 ? 8.771   12.054  -2.274  1.00 6.31  ? 48 PHE A HB2  1 
ATOM 757  H HB3  . PHE A 1 48 ? 8.542   12.066  -0.529  1.00 6.64  ? 48 PHE A HB3  1 
ATOM 758  H HD1  . PHE A 1 48 ? 10.903  12.740  0.717   1.00 7.16  ? 48 PHE A HD1  1 
ATOM 759  H HD2  . PHE A 1 48 ? 9.620   13.950  -3.157  1.00 7.55  ? 48 PHE A HD2  1 
ATOM 760  H HE1  . PHE A 1 48 ? 12.361  14.717  0.857   1.00 8.52  ? 48 PHE A HE1  1 
ATOM 761  H HE2  . PHE A 1 48 ? 11.076  15.929  -3.023  1.00 8.91  ? 48 PHE A HE2  1 
ATOM 762  H HZ   . PHE A 1 48 ? 12.448  16.315  -1.015  1.00 9.28  ? 48 PHE A HZ   1 
ATOM 763  N N    . ARG A 1 49 ? 9.337   9.743   0.900   1.00 5.86  ? 49 ARG A N    1 
ATOM 764  C CA   . ARG A 1 49 ? 9.483   9.381   2.299   1.00 6.33  ? 49 ARG A CA   1 
ATOM 765  C C    . ARG A 1 49 ? 10.419  8.189   2.458   1.00 6.18  ? 49 ARG A C    1 
ATOM 766  O O    . ARG A 1 49 ? 11.141  8.084   3.449   1.00 6.58  ? 49 ARG A O    1 
ATOM 767  C CB   . ARG A 1 49 ? 8.118   9.067   2.917   1.00 6.86  ? 49 ARG A CB   1 
ATOM 768  C CG   . ARG A 1 49 ? 7.444   7.845   2.319   1.00 6.76  ? 49 ARG A CG   1 
ATOM 769  C CD   . ARG A 1 49 ? 7.650   6.614   3.187   1.00 7.53  ? 49 ARG A CD   1 
ATOM 770  N NE   . ARG A 1 49 ? 6.603   6.476   4.198   1.00 8.26  ? 49 ARG A NE   1 
ATOM 771  C CZ   . ARG A 1 49 ? 5.407   5.940   3.960   1.00 8.99  ? 49 ARG A CZ   1 
ATOM 772  N NH1  . ARG A 1 49 ? 5.102   5.491   2.750   1.00 9.14  ? 49 ARG A NH1  1 
ATOM 773  N NH2  . ARG A 1 49 ? 4.515   5.853   4.938   1.00 9.77  ? 49 ARG A NH2  1 
ATOM 774  H H    . ARG A 1 49 ? 8.502   9.536   0.437   1.00 5.77  ? 49 ARG A H    1 
ATOM 775  H HA   . ARG A 1 49 ? 9.911   10.228  2.807   1.00 6.66  ? 49 ARG A HA   1 
ATOM 776  H HB2  . ARG A 1 49 ? 8.246   8.899   3.976   1.00 7.47  ? 49 ARG A HB2  1 
ATOM 777  H HB3  . ARG A 1 49 ? 7.467   9.917   2.773   1.00 6.94  ? 49 ARG A HB3  1 
ATOM 778  H HG2  . ARG A 1 49 ? 6.385   8.037   2.230   1.00 6.86  ? 49 ARG A HG2  1 
ATOM 779  H HG3  . ARG A 1 49 ? 7.861   7.658   1.341   1.00 6.26  ? 49 ARG A HG3  1 
ATOM 780  H HD2  . ARG A 1 49 ? 7.646   5.738   2.557   1.00 7.63  ? 49 ARG A HD2  1 
ATOM 781  H HD3  . ARG A 1 49 ? 8.606   6.696   3.683   1.00 7.65  ? 49 ARG A HD3  1 
ATOM 782  H HE   . ARG A 1 49 ? 6.800   6.802   5.101   1.00 8.38  ? 49 ARG A HE   1 
ATOM 783  H HH11 . ARG A 1 49 ? 5.770   5.553   2.008   1.00 8.70  ? 49 ARG A HH11 1 
ATOM 784  H HH12 . ARG A 1 49 ? 4.203   5.089   2.578   1.00 9.82  ? 49 ARG A HH12 1 
ATOM 785  H HH21 . ARG A 1 49 ? 4.740   6.191   5.851   1.00 9.86  ? 49 ARG A HH21 1 
ATOM 786  H HH22 . ARG A 1 49 ? 3.618   5.450   4.759   1.00 10.40 ? 49 ARG A HH22 1 
ATOM 787  N N    . VAL A 1 50 ? 10.408  7.296   1.474   1.00 5.85  ? 50 VAL A N    1 
ATOM 788  C CA   . VAL A 1 50 ? 11.264  6.118   1.507   1.00 6.08  ? 50 VAL A CA   1 
ATOM 789  C C    . VAL A 1 50 ? 12.677  6.462   1.071   1.00 5.82  ? 50 VAL A C    1 
ATOM 790  O O    . VAL A 1 50 ? 13.633  5.843   1.515   1.00 6.12  ? 50 VAL A O    1 
ATOM 791  C CB   . VAL A 1 50 ? 10.720  4.982   0.630   1.00 6.28  ? 50 VAL A CB   1 
ATOM 792  C CG1  . VAL A 1 50 ? 10.597  5.426   -0.818  1.00 6.64  ? 50 VAL A CG1  1 
ATOM 793  C CG2  . VAL A 1 50 ? 11.600  3.745   0.745   1.00 6.28  ? 50 VAL A CG2  1 
ATOM 794  H H    . VAL A 1 50 ? 9.816   7.437   0.706   1.00 5.62  ? 50 VAL A H    1 
ATOM 795  H HA   . VAL A 1 50 ? 11.298  5.768   2.529   1.00 6.58  ? 50 VAL A HA   1 
ATOM 796  H HB   . VAL A 1 50 ? 9.740   4.731   0.993   1.00 6.55  ? 50 VAL A HB   1 
ATOM 797  H HG11 . VAL A 1 50 ? 11.582  5.530   -1.248  1.00 6.85  ? 50 VAL A HG11 1 
ATOM 798  H HG12 . VAL A 1 50 ? 10.086  6.374   -0.860  1.00 6.94  ? 50 VAL A HG12 1 
ATOM 799  H HG13 . VAL A 1 50 ? 10.036  4.689   -1.374  1.00 6.73  ? 50 VAL A HG13 1 
ATOM 800  H HG21 . VAL A 1 50 ? 12.039  3.705   1.730   1.00 6.37  ? 50 VAL A HG21 1 
ATOM 801  H HG22 . VAL A 1 50 ? 12.383  3.790   0.003   1.00 6.44  ? 50 VAL A HG22 1 
ATOM 802  H HG23 . VAL A 1 50 ? 11.001  2.860   0.582   1.00 6.40  ? 50 VAL A HG23 1 
ATOM 803  N N    . VAL A 1 51 ? 12.812  7.461   0.209   1.00 5.45  ? 51 VAL A N    1 
ATOM 804  C CA   . VAL A 1 51 ? 14.133  7.871   -0.241  1.00 5.45  ? 51 VAL A CA   1 
ATOM 805  C C    . VAL A 1 51 ? 14.913  8.482   0.921   1.00 5.48  ? 51 VAL A C    1 
ATOM 806  O O    . VAL A 1 51 ? 16.112  8.734   0.811   1.00 5.60  ? 51 VAL A O    1 
ATOM 807  C CB   . VAL A 1 51 ? 14.058  8.875   -1.414  1.00 5.53  ? 51 VAL A CB   1 
ATOM 808  C CG1  . VAL A 1 51 ? 15.428  9.464   -1.717  1.00 5.86  ? 51 VAL A CG1  1 
ATOM 809  C CG2  . VAL A 1 51 ? 13.482  8.202   -2.651  1.00 5.73  ? 51 VAL A CG2  1 
ATOM 810  H H    . VAL A 1 51 ? 12.019  7.936   -0.113  1.00 5.34  ? 51 VAL A H    1 
ATOM 811  H HA   . VAL A 1 51 ? 14.654  6.987   -0.576  1.00 5.70  ? 51 VAL A HA   1 
ATOM 812  H HB   . VAL A 1 51 ? 13.398  9.682   -1.131  1.00 5.56  ? 51 VAL A HB   1 
ATOM 813  H HG11 . VAL A 1 51 ? 16.195  8.751   -1.448  1.00 6.19  ? 51 VAL A HG11 1 
ATOM 814  H HG12 . VAL A 1 51 ? 15.564  10.371  -1.148  1.00 6.05  ? 51 VAL A HG12 1 
ATOM 815  H HG13 . VAL A 1 51 ? 15.499  9.688   -2.772  1.00 5.89  ? 51 VAL A HG13 1 
ATOM 816  H HG21 . VAL A 1 51 ? 12.956  7.304   -2.360  1.00 5.98  ? 51 VAL A HG21 1 
ATOM 817  H HG22 . VAL A 1 51 ? 14.284  7.943   -3.326  1.00 5.95  ? 51 VAL A HG22 1 
ATOM 818  H HG23 . VAL A 1 51 ? 12.799  8.876   -3.143  1.00 5.78  ? 51 VAL A HG23 1 
ATOM 819  N N    . GLY A 1 52 ? 14.223  8.707   2.039   1.00 5.61  ? 52 GLY A N    1 
ATOM 820  C CA   . GLY A 1 52 ? 14.863  9.267   3.208   1.00 5.96  ? 52 GLY A CA   1 
ATOM 821  C C    . GLY A 1 52 ? 14.895  8.293   4.374   1.00 6.46  ? 52 GLY A C    1 
ATOM 822  O O    . GLY A 1 52 ? 15.634  8.499   5.337   1.00 6.94  ? 52 GLY A O    1 
ATOM 823  H H    . GLY A 1 52 ? 13.272  8.485   2.071   1.00 5.61  ? 52 GLY A H    1 
ATOM 824  H HA2  . GLY A 1 52 ? 15.877  9.542   2.955   1.00 5.83  ? 52 GLY A HA2  1 
ATOM 825  H HA3  . GLY A 1 52 ? 14.325  10.154  3.509   1.00 6.25  ? 52 GLY A HA3  1 
ATOM 826  N N    . ARG A 1 53 ? 14.090  7.228   4.299   1.00 6.58  ? 53 ARG A N    1 
ATOM 827  C CA   . ARG A 1 53 ? 14.046  6.236   5.373   1.00 7.38  ? 53 ARG A CA   1 
ATOM 828  C C    . ARG A 1 53 ? 14.676  4.911   4.942   1.00 7.61  ? 53 ARG A C    1 
ATOM 829  O O    . ARG A 1 53 ? 14.486  3.887   5.596   1.00 8.40  ? 53 ARG A O    1 
ATOM 830  C CB   . ARG A 1 53 ? 12.599  6.005   5.815   1.00 7.97  ? 53 ARG A CB   1 
ATOM 831  C CG   . ARG A 1 53 ? 12.177  6.870   6.993   1.00 8.68  ? 53 ARG A CG   1 
ATOM 832  C CD   . ARG A 1 53 ? 10.906  7.649   6.692   1.00 9.40  ? 53 ARG A CD   1 
ATOM 833  N NE   . ARG A 1 53 ? 10.947  9.000   7.247   1.00 10.07 ? 53 ARG A NE   1 
ATOM 834  C CZ   . ARG A 1 53 ? 11.668  9.993   6.730   1.00 10.59 ? 53 ARG A CZ   1 
ATOM 835  N NH1  . ARG A 1 53 ? 12.406  9.791   5.646   1.00 10.55 ? 53 ARG A NH1  1 
ATOM 836  N NH2  . ARG A 1 53 ? 11.650  11.191  7.298   1.00 11.35 ? 53 ARG A NH2  1 
ATOM 837  H H    . ARG A 1 53 ? 13.511  7.106   3.508   1.00 6.28  ? 53 ARG A H    1 
ATOM 838  H HA   . ARG A 1 53 ? 14.605  6.630   6.206   1.00 7.59  ? 53 ARG A HA   1 
ATOM 839  H HB2  . ARG A 1 53 ? 11.942  6.218   4.984   1.00 7.91  ? 53 ARG A HB2  1 
ATOM 840  H HB3  . ARG A 1 53 ? 12.482  4.969   6.098   1.00 8.16  ? 53 ARG A HB3  1 
ATOM 841  H HG2  . ARG A 1 53 ? 12.004  6.236   7.849   1.00 8.77  ? 53 ARG A HG2  1 
ATOM 842  H HG3  . ARG A 1 53 ? 12.971  7.568   7.217   1.00 8.79  ? 53 ARG A HG3  1 
ATOM 843  H HD2  . ARG A 1 53 ? 10.783  7.713   5.622   1.00 9.59  ? 53 ARG A HD2  1 
ATOM 844  H HD3  . ARG A 1 53 ? 10.066  7.120   7.119   1.00 9.46  ? 53 ARG A HD3  1 
ATOM 845  H HE   . ARG A 1 53 ? 10.409  9.177   8.047   1.00 10.28 ? 53 ARG A HE   1 
ATOM 846  H HH11 . ARG A 1 53 ? 12.424  8.890   5.212   1.00 10.11 ? 53 ARG A HH11 1 
ATOM 847  H HH12 . ARG A 1 53 ? 12.946  10.540  5.263   1.00 11.09 ? 53 ARG A HH12 1 
ATOM 848  H HH21 . ARG A 1 53 ? 11.095  11.349  8.115   1.00 11.53 ? 53 ARG A HH21 1 
ATOM 849  H HH22 . ARG A 1 53 ? 12.192  11.936  6.911   1.00 11.85 ? 53 ARG A HH22 1 
ATOM 850  N N    . MET A 1 54 ? 15.423  4.940   3.841   1.00 7.17  ? 54 MET A N    1 
ATOM 851  C CA   . MET A 1 54 ? 16.078  3.748   3.310   1.00 7.68  ? 54 MET A CA   1 
ATOM 852  C C    . MET A 1 54 ? 17.013  4.120   2.163   1.00 7.31  ? 54 MET A C    1 
ATOM 853  O O    . MET A 1 54 ? 17.035  3.459   1.124   1.00 7.76  ? 54 MET A O    1 
ATOM 854  C CB   . MET A 1 54 ? 15.039  2.740   2.810   1.00 8.22  ? 54 MET A CB   1 
ATOM 855  C CG   . MET A 1 54 ? 14.507  1.810   3.888   1.00 8.94  ? 54 MET A CG   1 
ATOM 856  S SD   . MET A 1 54 ? 13.914  0.245   3.222   1.00 9.87  ? 54 MET A SD   1 
ATOM 857  C CE   . MET A 1 54 ? 12.156  0.575   3.110   1.00 10.57 ? 54 MET A CE   1 
ATOM 858  H H    . MET A 1 54 ? 15.535  5.789   3.365   1.00 6.68  ? 54 MET A H    1 
ATOM 859  H HA   . MET A 1 54 ? 16.655  3.299   4.106   1.00 8.16  ? 54 MET A HA   1 
ATOM 860  H HB2  . MET A 1 54 ? 14.204  3.283   2.390   1.00 7.96  ? 54 MET A HB2  1 
ATOM 861  H HB3  . MET A 1 54 ? 15.489  2.137   2.034   1.00 8.54  ? 54 MET A HB3  1 
ATOM 862  H HG2  . MET A 1 54 ? 15.299  1.609   4.594   1.00 9.10  ? 54 MET A HG2  1 
ATOM 863  H HG3  . MET A 1 54 ? 13.690  2.301   4.396   1.00 8.98  ? 54 MET A HG3  1 
ATOM 864  H HE1  . MET A 1 54 ? 11.958  1.177   2.237   1.00 10.97 ? 54 MET A HE1  1 
ATOM 865  H HE2  . MET A 1 54 ? 11.833  1.104   3.994   1.00 10.86 ? 54 MET A HE2  1 
ATOM 866  H HE3  . MET A 1 54 ? 11.619  -0.359  3.034   1.00 10.52 ? 54 MET A HE3  1 
ATOM 867  N N    . LEU A 1 55 ? 17.789  5.176   2.363   1.00 6.71  ? 55 LEU A N    1 
ATOM 868  C CA   . LEU A 1 55 ? 18.734  5.638   1.357   1.00 6.58  ? 55 LEU A CA   1 
ATOM 869  C C    . LEU A 1 55 ? 19.873  6.373   2.035   1.00 6.29  ? 55 LEU A C    1 
ATOM 870  O O    . LEU A 1 55 ? 21.015  5.934   1.979   1.00 6.68  ? 55 LEU A O    1 
ATOM 871  C CB   . LEU A 1 55 ? 18.048  6.514   0.312   1.00 6.27  ? 55 LEU A CB   1 
ATOM 872  C CG   . LEU A 1 55 ? 17.959  5.872   -1.072  1.00 6.75  ? 55 LEU A CG   1 
ATOM 873  C CD1  . LEU A 1 55 ? 16.508  5.691   -1.492  1.00 6.84  ? 55 LEU A CD1  1 
ATOM 874  C CD2  . LEU A 1 55 ? 18.714  6.702   -2.100  1.00 7.01  ? 55 LEU A CD2  1 
ATOM 875  H H    . LEU A 1 55 ? 17.735  5.654   3.218   1.00 6.52  ? 55 LEU A H    1 
ATOM 876  H HA   . LEU A 1 55 ? 19.138  4.762   0.867   1.00 7.18  ? 55 LEU A HA   1 
ATOM 877  H HB2  . LEU A 1 55 ? 17.048  6.733   0.657   1.00 6.12  ? 55 LEU A HB2  1 
ATOM 878  H HB3  . LEU A 1 55 ? 18.595  7.440   0.225   1.00 6.10  ? 55 LEU A HB3  1 
ATOM 879  H HG   . LEU A 1 55 ? 18.416  4.892   -1.030  1.00 7.17  ? 55 LEU A HG   1 
ATOM 880  H HD11 . LEU A 1 55 ? 15.912  5.440   -0.626  1.00 7.07  ? 55 LEU A HD11 1 
ATOM 881  H HD12 . LEU A 1 55 ? 16.440  4.894   -2.217  1.00 6.92  ? 55 LEU A HD12 1 
ATOM 882  H HD13 . LEU A 1 55 ? 16.142  6.608   -1.929  1.00 6.86  ? 55 LEU A HD13 1 
ATOM 883  H HD21 . LEU A 1 55 ? 19.609  7.104   -1.650  1.00 7.06  ? 55 LEU A HD21 1 
ATOM 884  H HD22 . LEU A 1 55 ? 18.086  7.512   -2.440  1.00 7.18  ? 55 LEU A HD22 1 
ATOM 885  H HD23 . LEU A 1 55 ? 18.983  6.078   -2.939  1.00 7.33  ? 55 LEU A HD23 1 
ATOM 886  N N    . PRO A 1 56 ? 19.591  7.467   2.760   1.00 5.79  ? 56 PRO A N    1 
ATOM 887  C CA   . PRO A 1 56 ? 20.636  8.166   3.498   1.00 5.69  ? 56 PRO A CA   1 
ATOM 888  C C    . PRO A 1 56 ? 21.377  7.175   4.394   1.00 6.12  ? 56 PRO A C    1 
ATOM 889  O O    . PRO A 1 56 ? 22.482  7.440   4.869   1.00 6.19  ? 56 PRO A O    1 
ATOM 890  C CB   . PRO A 1 56 ? 19.868  9.194   4.335   1.00 5.59  ? 56 PRO A CB   1 
ATOM 891  C CG   . PRO A 1 56 ? 18.573  9.380   3.619   1.00 5.47  ? 56 PRO A CG   1 
ATOM 892  C CD   . PRO A 1 56 ? 18.259  8.057   2.980   1.00 5.57  ? 56 PRO A CD   1 
ATOM 893  H HA   . PRO A 1 56 ? 21.334  8.662   2.838   1.00 5.69  ? 56 PRO A HA   1 
ATOM 894  H HB2  . PRO A 1 56 ? 19.717  8.808   5.333   1.00 5.86  ? 56 PRO A HB2  1 
ATOM 895  H HB3  . PRO A 1 56 ? 20.429  10.116  4.381   1.00 5.60  ? 56 PRO A HB3  1 
ATOM 896  H HG2  . PRO A 1 56 ? 17.801  9.650   4.324   1.00 5.65  ? 56 PRO A HG2  1 
ATOM 897  H HG3  . PRO A 1 56 ? 18.678  10.145  2.866   1.00 5.44  ? 56 PRO A HG3  1 
ATOM 898  H HD2  . PRO A 1 56 ? 17.669  7.447   3.648   1.00 5.80  ? 56 PRO A HD2  1 
ATOM 899  H HD3  . PRO A 1 56 ? 17.744  8.204   2.045   1.00 5.52  ? 56 PRO A HD3  1 
ATOM 900  N N    . ILE A 1 57 ? 20.737  6.018   4.606   1.00 6.60  ? 57 ILE A N    1 
ATOM 901  C CA   . ILE A 1 57 ? 21.286  4.953   5.426   1.00 7.35  ? 57 ILE A CA   1 
ATOM 902  C C    . ILE A 1 57 ? 22.078  3.949   4.575   1.00 7.80  ? 57 ILE A C    1 
ATOM 903  O O    . ILE A 1 57 ? 23.211  3.601   4.907   1.00 8.09  ? 57 ILE A O    1 
ATOM 904  C CB   . ILE A 1 57 ? 20.166  4.226   6.244   1.00 8.04  ? 57 ILE A CB   1 
ATOM 905  C CG1  . ILE A 1 57 ? 20.140  2.702   5.999   1.00 8.86  ? 57 ILE A CG1  1 
ATOM 906  C CG2  . ILE A 1 57 ? 18.795  4.827   5.946   1.00 7.62  ? 57 ILE A CG2  1 
ATOM 907  C CD1  . ILE A 1 57 ? 19.315  2.273   4.798   1.00 8.74  ? 57 ILE A CD1  1 
ATOM 908  H H    . ILE A 1 57 ? 19.863  5.882   4.194   1.00 6.55  ? 57 ILE A H    1 
ATOM 909  H HA   . ILE A 1 57 ? 21.958  5.411   6.126   1.00 7.30  ? 57 ILE A HA   1 
ATOM 910  H HB   . ILE A 1 57 ? 20.367  4.400   7.290   1.00 8.43  ? 57 ILE A HB   1 
ATOM 911  H HG12 . ILE A 1 57 ? 21.147  2.346   5.851   1.00 9.03  ? 57 ILE A HG12 1 
ATOM 912  H HG13 . ILE A 1 57 ? 19.724  2.219   6.870   1.00 9.55  ? 57 ILE A HG13 1 
ATOM 913  H HG21 . ILE A 1 57 ? 18.059  4.386   6.599   1.00 7.56  ? 57 ILE A HG21 1 
ATOM 914  H HG22 . ILE A 1 57 ? 18.531  4.626   4.916   1.00 7.59  ? 57 ILE A HG22 1 
ATOM 915  H HG23 . ILE A 1 57 ? 18.829  5.894   6.107   1.00 7.64  ? 57 ILE A HG23 1 
ATOM 916  H HD11 . ILE A 1 57 ? 19.868  1.543   4.225   1.00 8.90  ? 57 ILE A HD11 1 
ATOM 917  H HD12 . ILE A 1 57 ? 19.100  3.130   4.176   1.00 8.72  ? 57 ILE A HD12 1 
ATOM 918  H HD13 . ILE A 1 57 ? 18.388  1.835   5.137   1.00 8.76  ? 57 ILE A HD13 1 
ATOM 919  N N    . GLN A 1 58 ? 21.470  3.478   3.486   1.00 8.02  ? 58 GLN A N    1 
ATOM 920  C CA   . GLN A 1 58 ? 22.111  2.503   2.600   1.00 8.73  ? 58 GLN A CA   1 
ATOM 921  C C    . GLN A 1 58 ? 22.879  3.186   1.467   1.00 8.39  ? 58 GLN A C    1 
ATOM 922  O O    . GLN A 1 58 ? 23.919  2.698   1.028   1.00 8.92  ? 58 GLN A O    1 
ATOM 923  C CB   . GLN A 1 58 ? 21.055  1.535   2.036   1.00 9.50  ? 58 GLN A CB   1 
ATOM 924  C CG   . GLN A 1 58 ? 21.016  1.451   0.515   1.00 9.35  ? 58 GLN A CG   1 
ATOM 925  C CD   . GLN A 1 58 ? 20.223  0.257   0.019   1.00 10.23 ? 58 GLN A CD   1 
ATOM 926  O OE1  . GLN A 1 58 ? 20.744  -0.592  -0.704  1.00 10.64 ? 58 GLN A OE1  1 
ATOM 927  N NE2  . GLN A 1 58 ? 18.955  0.187   0.408   1.00 10.67 ? 58 GLN A NE2  1 
ATOM 928  H H    . GLN A 1 58 ? 20.565  3.787   3.276   1.00 7.80  ? 58 GLN A H    1 
ATOM 929  H HA   . GLN A 1 58 ? 22.812  1.938   3.195   1.00 9.14  ? 58 GLN A HA   1 
ATOM 930  H HB2  . GLN A 1 58 ? 21.254  0.546   2.419   1.00 10.08 ? 58 GLN A HB2  1 
ATOM 931  H HB3  . GLN A 1 58 ? 20.081  1.851   2.378   1.00 9.78  ? 58 GLN A HB3  1 
ATOM 932  H HG2  . GLN A 1 58 ? 20.559  2.351   0.131   1.00 8.91  ? 58 GLN A HG2  1 
ATOM 933  H HG3  . GLN A 1 58 ? 22.028  1.373   0.143   1.00 9.19  ? 58 GLN A HG3  1 
ATOM 934  H HE21 . GLN A 1 58 ? 18.607  0.898   0.985   1.00 10.47 ? 58 GLN A HE21 1 
ATOM 935  H HE22 . GLN A 1 58 ? 18.419  -0.575  0.102   1.00 11.27 ? 58 GLN A HE22 1 
ATOM 936  N N    . GLU A 1 59 ? 22.355  4.312   1.002   1.00 7.67  ? 59 GLU A N    1 
ATOM 937  C CA   . GLU A 1 59 ? 22.976  5.065   -0.077  1.00 7.57  ? 59 GLU A CA   1 
ATOM 938  C C    . GLU A 1 59 ? 24.383  5.489   0.309   1.00 7.40  ? 59 GLU A C    1 
ATOM 939  O O    . GLU A 1 59 ? 25.196  5.829   -0.551  1.00 7.75  ? 59 GLU A O    1 
ATOM 940  C CB   . GLU A 1 59 ? 22.133  6.294   -0.422  1.00 7.00  ? 59 GLU A CB   1 
ATOM 941  C CG   . GLU A 1 59 ? 22.411  6.853   -1.809  1.00 7.53  ? 59 GLU A CG   1 
ATOM 942  C CD   . GLU A 1 59 ? 23.049  8.228   -1.766  1.00 7.91  ? 59 GLU A CD   1 
ATOM 943  O OE1  . GLU A 1 59 ? 22.529  9.102   -1.040  1.00 8.18  ? 59 GLU A OE1  1 
ATOM 944  O OE2  . GLU A 1 59 ? 24.067  8.431   -2.460  1.00 8.21  ? 59 GLU A OE2  1 
ATOM 945  H H    . GLU A 1 59 ? 21.530  4.648   1.396   1.00 7.33  ? 59 GLU A H    1 
ATOM 946  H HA   . GLU A 1 59 ? 23.031  4.421   -0.942  1.00 8.25  ? 59 GLU A HA   1 
ATOM 947  H HB2  . GLU A 1 59 ? 21.088  6.024   -0.367  1.00 6.85  ? 59 GLU A HB2  1 
ATOM 948  H HB3  . GLU A 1 59 ? 22.333  7.068   0.303   1.00 6.58  ? 59 GLU A HB3  1 
ATOM 949  H HG2  . GLU A 1 59 ? 23.077  6.180   -2.327  1.00 7.85  ? 59 GLU A HG2  1 
ATOM 950  H HG3  . GLU A 1 59 ? 21.477  6.921   -2.348  1.00 7.65  ? 59 GLU A HG3  1 
ATOM 951  N N    . ASN A 1 60 ? 24.670  5.459   1.608   1.00 7.05  ? 60 ASN A N    1 
ATOM 952  C CA   . ASN A 1 60 ? 25.984  5.832   2.102   1.00 7.00  ? 60 ASN A CA   1 
ATOM 953  C C    . ASN A 1 60 ? 27.079  5.121   1.308   1.00 7.81  ? 60 ASN A C    1 
ATOM 954  O O    . ASN A 1 60 ? 28.206  5.605   1.211   1.00 8.02  ? 60 ASN A O    1 
ATOM 955  C CB   . ASN A 1 60 ? 26.110  5.498   3.590   1.00 6.61  ? 60 ASN A CB   1 
ATOM 956  C CG   . ASN A 1 60 ? 25.793  6.687   4.477   1.00 6.42  ? 60 ASN A CG   1 
ATOM 957  O OD1  . ASN A 1 60 ? 24.879  7.462   4.193   1.00 6.63  ? 60 ASN A OD1  1 
ATOM 958  N ND2  . ASN A 1 60 ? 26.547  6.837   5.558   1.00 6.34  ? 60 ASN A ND2  1 
ATOM 959  H H    . ASN A 1 60 ? 23.985  5.176   2.247   1.00 6.97  ? 60 ASN A H    1 
ATOM 960  H HA   . ASN A 1 60 ? 26.085  6.894   1.970   1.00 6.90  ? 60 ASN A HA   1 
ATOM 961  H HB2  . ASN A 1 60 ? 25.426  4.699   3.833   1.00 6.37  ? 60 ASN A HB2  1 
ATOM 962  H HB3  . ASN A 1 60 ? 27.121  5.178   3.797   1.00 7.03  ? 60 ASN A HB3  1 
ATOM 963  H HD21 . ASN A 1 60 ? 27.257  6.182   5.721   1.00 6.43  ? 60 ASN A HD21 1 
ATOM 964  H HD22 . ASN A 1 60 ? 26.363  7.597   6.150   1.00 6.42  ? 60 ASN A HD22 1 
ATOM 965  N N    . GLN A 1 61 ? 26.730  3.968   0.738   1.00 8.43  ? 61 GLN A N    1 
ATOM 966  C CA   . GLN A 1 61 ? 27.668  3.181   -0.054  1.00 9.43  ? 61 GLN A CA   1 
ATOM 967  C C    . GLN A 1 61 ? 28.754  2.589   0.834   1.00 9.62  ? 61 GLN A C    1 
ATOM 968  O O    . GLN A 1 61 ? 29.924  2.960   0.739   1.00 10.23 ? 61 GLN A O    1 
ATOM 969  C CB   . GLN A 1 61 ? 28.294  4.043   -1.154  1.00 9.93  ? 61 GLN A CB   1 
ATOM 970  C CG   . GLN A 1 61 ? 28.560  3.284   -2.444  1.00 10.64 ? 61 GLN A CG   1 
ATOM 971  C CD   . GLN A 1 61 ? 29.380  2.027   -2.223  1.00 11.22 ? 61 GLN A CD   1 
ATOM 972  O OE1  . GLN A 1 61 ? 30.607  2.049   -2.308  1.00 11.35 ? 61 GLN A OE1  1 
ATOM 973  N NE2  . GLN A 1 61 ? 28.702  0.922   -1.936  1.00 11.77 ? 61 GLN A NE2  1 
ATOM 974  H H    . GLN A 1 61 ? 25.815  3.637   0.851   1.00 8.29  ? 61 GLN A H    1 
ATOM 975  H HA   . GLN A 1 61 ? 27.113  2.375   -0.512  1.00 9.88  ? 61 GLN A HA   1 
ATOM 976  H HB2  . GLN A 1 61 ? 27.628  4.864   -1.376  1.00 9.72  ? 61 GLN A HB2  1 
ATOM 977  H HB3  . GLN A 1 61 ? 29.233  4.439   -0.795  1.00 10.20 ? 61 GLN A HB3  1 
ATOM 978  H HG2  . GLN A 1 61 ? 27.615  3.005   -2.885  1.00 10.82 ? 61 GLN A HG2  1 
ATOM 979  H HG3  . GLN A 1 61 ? 29.096  3.931   -3.123  1.00 10.79 ? 61 GLN A HG3  1 
ATOM 980  H HE21 . GLN A 1 61 ? 27.725  0.979   -1.883  1.00 11.77 ? 61 GLN A HE21 1 
ATOM 981  H HE22 . GLN A 1 61 ? 29.206  0.096   -1.786  1.00 12.26 ? 61 GLN A HE22 1 
ATOM 982  N N    . ALA A 1 62 ? 28.355  1.666   1.702   1.00 9.29  ? 62 ALA A N    1 
ATOM 983  C CA   . ALA A 1 62 ? 29.289  1.023   2.614   1.00 9.67  ? 62 ALA A CA   1 
ATOM 984  C C    . ALA A 1 62 ? 28.800  -0.371  3.005   1.00 9.46  ? 62 ALA A C    1 
ATOM 985  O O    . ALA A 1 62 ? 27.637  -0.546  3.370   1.00 8.86  ? 62 ALA A O    1 
ATOM 986  C CB   . ALA A 1 62 ? 29.481  1.889   3.847   1.00 9.73  ? 62 ALA A CB   1 
ATOM 987  H H    . ALA A 1 62 ? 27.408  1.416   1.732   1.00 8.92  ? 62 ALA A H    1 
ATOM 988  H HA   . ALA A 1 62 ? 30.239  0.939   2.110   1.00 10.31 ? 62 ALA A HA   1 
ATOM 989  H HB1  . ALA A 1 62 ? 28.871  2.777   3.762   1.00 9.72  ? 62 ALA A HB1  1 
ATOM 990  H HB2  . ALA A 1 62 ? 30.520  2.173   3.928   1.00 9.95  ? 62 ALA A HB2  1 
ATOM 991  H HB3  . ALA A 1 62 ? 29.189  1.335   4.727   1.00 9.81  ? 62 ALA A HB3  1 
ATOM 992  N N    . PRO A 1 63 ? 29.678  -1.391  2.930   1.00 10.16 ? 63 PRO A N    1 
ATOM 993  C CA   . PRO A 1 63 ? 29.311  -2.769  3.276   1.00 10.33 ? 63 PRO A CA   1 
ATOM 994  C C    . PRO A 1 63 ? 28.911  -2.915  4.743   1.00 10.09 ? 63 PRO A C    1 
ATOM 995  O O    . PRO A 1 63 ? 27.732  -3.071  5.060   1.00 9.97  ? 63 PRO A O    1 
ATOM 996  C CB   . PRO A 1 63 ? 30.578  -3.583  2.970   1.00 11.39 ? 63 PRO A CB   1 
ATOM 997  C CG   . PRO A 1 63 ? 31.415  -2.700  2.106   1.00 11.71 ? 63 PRO A CG   1 
ATOM 998  C CD   . PRO A 1 63 ? 31.081  -1.291  2.500   1.00 11.06 ? 63 PRO A CD   1 
ATOM 999  H HA   . PRO A 1 63 ? 28.502  -3.118  2.657   1.00 10.13 ? 63 PRO A HA   1 
ATOM 1000 H HB2  . PRO A 1 63 ? 31.084  -3.828  3.891   1.00 11.70 ? 63 PRO A HB2  1 
ATOM 1001 H HB3  . PRO A 1 63 ? 30.305  -4.491  2.455   1.00 11.70 ? 63 PRO A HB3  1 
ATOM 1002 H HG2  . PRO A 1 63 ? 32.461  -2.901  2.283   1.00 11.82 ? 63 PRO A HG2  1 
ATOM 1003 H HG3  . PRO A 1 63 ? 31.171  -2.867  1.068   1.00 12.44 ? 63 PRO A HG3  1 
ATOM 1004 H HD2  . PRO A 1 63 ? 31.713  -0.965  3.313   1.00 11.08 ? 63 PRO A HD2  1 
ATOM 1005 H HD3  . PRO A 1 63 ? 31.179  -0.630  1.653   1.00 11.38 ? 63 PRO A HD3  1 
ATOM 1006 N N    . ALA A 1 64 ? 29.895  -2.853  5.634   1.00 10.24 ? 64 ALA A N    1 
ATOM 1007 C CA   . ALA A 1 64 ? 29.639  -2.967  7.064   1.00 10.26 ? 64 ALA A CA   1 
ATOM 1008 C C    . ALA A 1 64 ? 30.660  -2.161  7.868   1.00 9.61  ? 64 ALA A C    1 
ATOM 1009 O O    . ALA A 1 64 ? 31.264  -2.675  8.810   1.00 9.55  ? 64 ALA A O    1 
ATOM 1010 C CB   . ALA A 1 64 ? 29.659  -4.428  7.488   1.00 11.22 ? 64 ALA A CB   1 
ATOM 1011 H H    . ALA A 1 64 ? 30.814  -2.717  5.324   1.00 10.47 ? 64 ALA A H    1 
ATOM 1012 H HA   . ALA A 1 64 ? 28.651  -2.572  7.258   1.00 10.29 ? 64 ALA A HA   1 
ATOM 1013 H HB1  . ALA A 1 64 ? 28.674  -4.852  7.364   1.00 11.43 ? 64 ALA A HB1  1 
ATOM 1014 H HB2  . ALA A 1 64 ? 29.953  -4.497  8.526   1.00 11.34 ? 64 ALA A HB2  1 
ATOM 1015 H HB3  . ALA A 1 64 ? 30.365  -4.971  6.876   1.00 11.75 ? 64 ALA A HB3  1 
ATOM 1016 N N    . PRO A 1 65 ? 30.872  -0.883  7.503   1.00 9.35  ? 65 PRO A N    1 
ATOM 1017 C CA   . PRO A 1 65 ? 31.817  -0.006  8.172   1.00 9.01  ? 65 PRO A CA   1 
ATOM 1018 C C    . PRO A 1 65 ? 31.147  0.880   9.219   1.00 8.36  ? 65 PRO A C    1 
ATOM 1019 O O    . PRO A 1 65 ? 31.404  0.745   10.415  1.00 8.65  ? 65 PRO A O    1 
ATOM 1020 C CB   . PRO A 1 65 ? 32.353  0.836   7.011   1.00 9.05  ? 65 PRO A CB   1 
ATOM 1021 C CG   . PRO A 1 65 ? 31.292  0.791   5.944   1.00 9.62  ? 65 PRO A CG   1 
ATOM 1022 C CD   . PRO A 1 65 ? 30.222  -0.171  6.400   1.00 9.70  ? 65 PRO A CD   1 
ATOM 1023 H HA   . PRO A 1 65 ? 32.625  -0.560  8.625   1.00 9.46  ? 65 PRO A HA   1 
ATOM 1024 H HB2  . PRO A 1 65 ? 32.525  1.847   7.350   1.00 8.57  ? 65 PRO A HB2  1 
ATOM 1025 H HB3  . PRO A 1 65 ? 33.281  0.410   6.657   1.00 9.39  ? 65 PRO A HB3  1 
ATOM 1026 H HG2  . PRO A 1 65 ? 30.870  1.774   5.815   1.00 9.55  ? 65 PRO A HG2  1 
ATOM 1027 H HG3  . PRO A 1 65 ? 31.724  0.447   5.013   1.00 10.23 ? 65 PRO A HG3  1 
ATOM 1028 H HD2  . PRO A 1 65 ? 29.352  0.367   6.747   1.00 9.52  ? 65 PRO A HD2  1 
ATOM 1029 H HD3  . PRO A 1 65 ? 29.959  -0.843  5.602   1.00 10.39 ? 65 PRO A HD3  1 
ATOM 1030 N N    . ASN A 1 66 ? 30.280  1.783   8.762   1.00 7.76  ? 66 ASN A N    1 
ATOM 1031 C CA   . ASN A 1 66 ? 29.569  2.685   9.659   1.00 7.41  ? 66 ASN A CA   1 
ATOM 1032 C C    . ASN A 1 66 ? 28.451  1.938   10.375  1.00 7.63  ? 66 ASN A C    1 
ATOM 1033 O O    . ASN A 1 66 ? 28.187  2.169   11.555  1.00 7.96  ? 66 ASN A O    1 
ATOM 1034 C CB   . ASN A 1 66 ? 28.984  3.871   8.884   1.00 7.04  ? 66 ASN A CB   1 
ATOM 1035 C CG   . ASN A 1 66 ? 29.869  4.319   7.735   1.00 6.80  ? 66 ASN A CG   1 
ATOM 1036 O OD1  . ASN A 1 66 ? 31.095  4.290   7.831   1.00 7.18  ? 66 ASN A OD1  1 
ATOM 1037 N ND2  . ASN A 1 66 ? 29.246  4.740   6.638   1.00 6.49  ? 66 ASN A ND2  1 
ATOM 1038 H H    . ASN A 1 66 ? 30.112  1.839   7.801   1.00 7.76  ? 66 ASN A H    1 
ATOM 1039 H HA   . ASN A 1 66 ? 30.271  3.050   10.393  1.00 7.60  ? 66 ASN A HA   1 
ATOM 1040 H HB2  . ASN A 1 66 ? 28.022  3.591   8.482   1.00 7.03  ? 66 ASN A HB2  1 
ATOM 1041 H HB3  . ASN A 1 66 ? 28.856  4.704   9.560   1.00 7.30  ? 66 ASN A HB3  1 
ATOM 1042 H HD21 . ASN A 1 66 ? 28.266  4.736   6.632   1.00 6.44  ? 66 ASN A HD21 1 
ATOM 1043 H HD22 . ASN A 1 66 ? 29.792  5.036   5.879   1.00 6.54  ? 66 ASN A HD22 1 
ATOM 1044 N N    . ILE A 1 67 ? 27.800  1.037   9.648   1.00 7.78  ? 67 ILE A N    1 
ATOM 1045 C CA   . ILE A 1 67 ? 26.711  0.245   10.202  1.00 8.32  ? 67 ILE A CA   1 
ATOM 1046 C C    . ILE A 1 67 ? 26.727  -1.174  9.613   1.00 8.19  ? 67 ILE A C    1 
ATOM 1047 O O    . ILE A 1 67 ? 27.761  -1.842  9.648   1.00 8.28  ? 67 ILE A O    1 
ATOM 1048 C CB   . ILE A 1 67 ? 25.344  0.929   9.962   1.00 8.99  ? 67 ILE A CB   1 
ATOM 1049 C CG1  . ILE A 1 67 ? 25.461  2.443   10.155  1.00 9.35  ? 67 ILE A CG1  1 
ATOM 1050 C CG2  . ILE A 1 67 ? 24.292  0.356   10.902  1.00 9.32  ? 67 ILE A CG2  1 
ATOM 1051 C CD1  . ILE A 1 67 ? 24.177  3.190   9.870   1.00 9.96  ? 67 ILE A CD1  1 
ATOM 1052 H H    . ILE A 1 67 ? 28.062  0.899   8.713   1.00 7.71  ? 67 ILE A H    1 
ATOM 1053 H HA   . ILE A 1 67 ? 26.872  0.177   11.267  1.00 8.68  ? 67 ILE A HA   1 
ATOM 1054 H HB   . ILE A 1 67 ? 25.036  0.727   8.948   1.00 9.26  ? 67 ILE A HB   1 
ATOM 1055 H HG12 . ILE A 1 67 ? 25.744  2.648   11.177  1.00 9.31  ? 67 ILE A HG12 1 
ATOM 1056 H HG13 . ILE A 1 67 ? 26.224  2.826   9.493   1.00 9.47  ? 67 ILE A HG13 1 
ATOM 1057 H HG21 . ILE A 1 67 ? 24.377  0.831   11.868  1.00 9.47  ? 67 ILE A HG21 1 
ATOM 1058 H HG22 . ILE A 1 67 ? 24.447  -0.708  11.009  1.00 9.68  ? 67 ILE A HG22 1 
ATOM 1059 H HG23 . ILE A 1 67 ? 23.309  0.538   10.496  1.00 9.31  ? 67 ILE A HG23 1 
ATOM 1060 H HD11 . ILE A 1 67 ? 24.365  4.253   9.900   1.00 10.13 ? 67 ILE A HD11 1 
ATOM 1061 H HD12 . ILE A 1 67 ? 23.439  2.933   10.615  1.00 10.24 ? 67 ILE A HD12 1 
ATOM 1062 H HD13 . ILE A 1 67 ? 23.811  2.916   8.892   1.00 10.20 ? 67 ILE A HD13 1 
ATOM 1063 N N    . THR A 1 68 ? 25.598  -1.642  9.074   1.00 8.29  ? 68 THR A N    1 
ATOM 1064 C CA   . THR A 1 68 ? 25.536  -2.979  8.495   1.00 8.51  ? 68 THR A CA   1 
ATOM 1065 C C    . THR A 1 68 ? 24.356  -3.110  7.535   1.00 8.55  ? 68 THR A C    1 
ATOM 1066 O O    . THR A 1 68 ? 23.811  -4.198  7.352   1.00 8.72  ? 68 THR A O    1 
ATOM 1067 C CB   . THR A 1 68 ? 25.437  -4.035  9.595   1.00 9.10  ? 68 THR A CB   1 
ATOM 1068 O OG1  . THR A 1 68 ? 25.508  -3.436  10.878  1.00 9.35  ? 68 THR A OG1  1 
ATOM 1069 C CG2  . THR A 1 68 ? 26.525  -5.084  9.516   1.00 9.41  ? 68 THR A CG2  1 
ATOM 1070 H H    . THR A 1 68 ? 24.797  -1.085  9.063   1.00 8.41  ? 68 THR A H    1 
ATOM 1071 H HA   . THR A 1 68 ? 26.445  -3.143  7.943   1.00 8.55  ? 68 THR A HA   1 
ATOM 1072 H HB   . THR A 1 68 ? 24.488  -4.538  9.508   1.00 9.43  ? 68 THR A HB   1 
ATOM 1073 H HG1  . THR A 1 68 ? 26.413  -3.168  11.059  1.00 9.48  ? 68 THR A HG1  1 
ATOM 1074 H HG21 . THR A 1 68 ? 27.206  -4.837  8.715   1.00 9.51  ? 68 THR A HG21 1 
ATOM 1075 H HG22 . THR A 1 68 ? 26.080  -6.050  9.325   1.00 9.60  ? 68 THR A HG22 1 
ATOM 1076 H HG23 . THR A 1 68 ? 27.065  -5.114  10.450  1.00 9.61  ? 68 THR A HG23 1 
ATOM 1077 N N    . GLY A 1 69 ? 23.972  -1.996  6.921   1.00 8.68  ? 69 GLY A N    1 
ATOM 1078 C CA   . GLY A 1 69 ? 22.864  -2.012  5.984   1.00 9.01  ? 69 GLY A CA   1 
ATOM 1079 C C    . GLY A 1 69 ? 21.524  -1.773  6.651   1.00 9.05  ? 69 GLY A C    1 
ATOM 1080 O O    . GLY A 1 69 ? 20.930  -0.705  6.500   1.00 9.23  ? 69 GLY A O    1 
ATOM 1081 H H    . GLY A 1 69 ? 24.446  -1.158  7.103   1.00 8.74  ? 69 GLY A H    1 
ATOM 1082 H HA2  . GLY A 1 69 ? 23.025  -1.243  5.243   1.00 9.16  ? 69 GLY A HA2  1 
ATOM 1083 H HA3  . GLY A 1 69 ? 22.841  -2.971  5.490   1.00 9.36  ? 69 GLY A HA3  1 
ATOM 1084 N N    . ALA A 1 70 ? 21.041  -2.772  7.385   1.00 9.15  ? 70 ALA A N    1 
ATOM 1085 C CA   . ALA A 1 70 ? 19.756  -2.663  8.068   1.00 9.45  ? 70 ALA A CA   1 
ATOM 1086 C C    . ALA A 1 70 ? 19.906  -2.852  9.574   1.00 9.53  ? 70 ALA A C    1 
ATOM 1087 O O    . ALA A 1 70 ? 20.317  -3.915  10.039  1.00 9.64  ? 70 ALA A O    1 
ATOM 1088 C CB   . ALA A 1 70 ? 18.775  -3.679  7.504   1.00 9.90  ? 70 ALA A CB   1 
ATOM 1089 H H    . ALA A 1 70 ? 21.556  -3.601  7.464   1.00 9.18  ? 70 ALA A H    1 
ATOM 1090 H HA   . ALA A 1 70 ? 19.361  -1.676  7.879   1.00 9.56  ? 70 ALA A HA   1 
ATOM 1091 H HB1  . ALA A 1 70 ? 18.660  -3.518  6.442   1.00 10.03 ? 70 ALA A HB1  1 
ATOM 1092 H HB2  . ALA A 1 70 ? 17.818  -3.565  7.991   1.00 10.18 ? 70 ALA A HB2  1 
ATOM 1093 H HB3  . ALA A 1 70 ? 19.150  -4.677  7.678   1.00 10.06 ? 70 ALA A HB3  1 
ATOM 1094 N N    . LEU A 1 71 ? 19.561  -1.813  10.329  1.00 9.72  ? 71 LEU A N    1 
ATOM 1095 C CA   . LEU A 1 71 ? 19.645  -1.853  11.787  1.00 10.05 ? 71 LEU A CA   1 
ATOM 1096 C C    . LEU A 1 71 ? 21.094  -1.973  12.254  1.00 10.32 ? 71 LEU A C    1 
ATOM 1097 O O    . LEU A 1 71 ? 21.667  -1.015  12.774  1.00 10.60 ? 71 LEU A O    1 
ATOM 1098 C CB   . LEU A 1 71 ? 18.814  -3.015  12.340  1.00 10.35 ? 71 LEU A CB   1 
ATOM 1099 C CG   . LEU A 1 71 ? 17.494  -3.272  11.612  1.00 10.80 ? 71 LEU A CG   1 
ATOM 1100 C CD1  . LEU A 1 71 ? 16.713  -4.382  12.298  1.00 10.93 ? 71 LEU A CD1  1 
ATOM 1101 C CD2  . LEU A 1 71 ? 16.665  -1.999  11.545  1.00 11.12 ? 71 LEU A CD2  1 
ATOM 1102 H H    . LEU A 1 71 ? 19.236  -0.997  9.895   1.00 9.79  ? 71 LEU A H    1 
ATOM 1103 H HA   . LEU A 1 71 ? 19.240  -0.926  12.163  1.00 10.16 ? 71 LEU A HA   1 
ATOM 1104 H HB2  . LEU A 1 71 ? 19.410  -3.914  12.290  1.00 10.36 ? 71 LEU A HB2  1 
ATOM 1105 H HB3  . LEU A 1 71 ? 18.592  -2.808  13.376  1.00 10.49 ? 71 LEU A HB3  1 
ATOM 1106 H HG   . LEU A 1 71 ? 17.704  -3.589  10.601  1.00 11.08 ? 71 LEU A HG   1 
ATOM 1107 H HD11 . LEU A 1 71 ? 17.400  -5.051  12.795  1.00 11.09 ? 71 LEU A HD11 1 
ATOM 1108 H HD12 . LEU A 1 71 ? 16.146  -4.932  11.562  1.00 10.98 ? 71 LEU A HD12 1 
ATOM 1109 H HD13 . LEU A 1 71 ? 16.040  -3.953  13.025  1.00 11.06 ? 71 LEU A HD13 1 
ATOM 1110 H HD21 . LEU A 1 71 ? 16.864  -1.487  10.615  1.00 11.23 ? 71 LEU A HD21 1 
ATOM 1111 H HD22 . LEU A 1 71 ? 16.928  -1.354  12.372  1.00 11.04 ? 71 LEU A HD22 1 
ATOM 1112 H HD23 . LEU A 1 71 ? 15.616  -2.248  11.603  1.00 11.51 ? 71 LEU A HD23 1 
ATOM 1113 N N    . GLU A 1 72 ? 21.683  -3.151  12.070  1.00 10.45 ? 72 GLU A N    1 
ATOM 1114 C CA   . GLU A 1 72 ? 23.064  -3.387  12.477  1.00 10.91 ? 72 GLU A CA   1 
ATOM 1115 C C    . GLU A 1 72 ? 23.493  -4.813  12.144  1.00 11.16 ? 72 GLU A C    1 
ATOM 1116 O O    . GLU A 1 72 ? 22.748  -5.567  11.519  1.00 11.04 ? 72 GLU A O    1 
ATOM 1117 C CB   . GLU A 1 72 ? 23.227  -3.128  13.978  1.00 11.12 ? 72 GLU A CB   1 
ATOM 1118 C CG   . GLU A 1 72 ? 23.817  -1.764  14.298  1.00 11.34 ? 72 GLU A CG   1 
ATOM 1119 C CD   . GLU A 1 72 ? 24.854  -1.821  15.403  1.00 11.94 ? 72 GLU A CD   1 
ATOM 1120 O OE1  . GLU A 1 72 ? 25.574  -2.838  15.490  1.00 12.20 ? 72 GLU A OE1  1 
ATOM 1121 O OE2  . GLU A 1 72 ? 24.947  -0.848  16.180  1.00 12.33 ? 72 GLU A OE2  1 
ATOM 1122 H H    . GLU A 1 72 ? 21.178  -3.878  11.650  1.00 10.39 ? 72 GLU A H    1 
ATOM 1123 H HA   . GLU A 1 72 ? 23.691  -2.698  11.933  1.00 11.16 ? 72 GLU A HA   1 
ATOM 1124 H HB2  . GLU A 1 72 ? 22.260  -3.198  14.451  1.00 11.23 ? 72 GLU A HB2  1 
ATOM 1125 H HB3  . GLU A 1 72 ? 23.878  -3.883  14.394  1.00 11.25 ? 72 GLU A HB3  1 
ATOM 1126 H HG2  . GLU A 1 72 ? 24.284  -1.370  13.407  1.00 11.37 ? 72 GLU A HG2  1 
ATOM 1127 H HG3  . GLU A 1 72 ? 23.019  -1.105  14.607  1.00 11.26 ? 72 GLU A HG3  1 
ATOM 1128 N N    . THR A 1 73 ? 24.701  -5.175  12.568  1.00 11.73 ? 73 THR A N    1 
ATOM 1129 C CA   . THR A 1 73 ? 25.232  -6.509  12.315  1.00 12.21 ? 73 THR A CA   1 
ATOM 1130 C C    . THR A 1 73 ? 24.386  -7.572  13.008  1.00 12.73 ? 73 THR A C    1 
ATOM 1131 O O    . THR A 1 73 ? 23.543  -7.258  13.849  1.00 12.94 ? 73 THR A O    1 
ATOM 1132 C CB   . THR A 1 73 ? 26.681  -6.600  12.796  1.00 12.63 ? 73 THR A CB   1 
ATOM 1133 O OG1  . THR A 1 73 ? 27.239  -7.864  12.481  1.00 12.90 ? 73 THR A OG1  1 
ATOM 1134 C CG2  . THR A 1 73 ? 26.831  -6.390  14.288  1.00 12.65 ? 73 THR A CG2  1 
ATOM 1135 H H    . THR A 1 73 ? 25.247  -4.528  13.061  1.00 11.94 ? 73 THR A H    1 
ATOM 1136 H HA   . THR A 1 73 ? 25.204  -6.681  11.250  1.00 12.09 ? 73 THR A HA   1 
ATOM 1137 H HB   . THR A 1 73 ? 27.264  -5.840  12.297  1.00 12.96 ? 73 THR A HB   1 
ATOM 1138 H HG1  . THR A 1 73 ? 26.887  -8.530  13.077  1.00 12.85 ? 73 THR A HG1  1 
ATOM 1139 H HG21 . THR A 1 73 ? 27.770  -5.897  14.490  1.00 12.64 ? 73 THR A HG21 1 
ATOM 1140 H HG22 . THR A 1 73 ? 26.810  -7.346  14.791  1.00 12.69 ? 73 THR A HG22 1 
ATOM 1141 H HG23 . THR A 1 73 ? 26.018  -5.777  14.648  1.00 12.82 ? 73 THR A HG23 1 
ATOM 1142 N N    . GLY A 1 74 ? 24.615  -8.831  12.648  1.00 13.13 ? 74 GLY A N    1 
ATOM 1143 C CA   . GLY A 1 74 ? 23.865  -9.921  13.245  1.00 13.79 ? 74 GLY A CA   1 
ATOM 1144 C C    . GLY A 1 74 ? 24.068  -10.010 14.745  1.00 14.16 ? 74 GLY A C    1 
ATOM 1145 O O    . GLY A 1 74 ? 24.910  -10.772 15.220  1.00 14.33 ? 74 GLY A O    1 
ATOM 1146 H H    . GLY A 1 74 ? 25.299  -9.022  11.973  1.00 13.08 ? 74 GLY A H    1 
ATOM 1147 H HA2  . GLY A 1 74 ? 22.815  -9.774  13.043  1.00 14.10 ? 74 GLY A HA2  1 
ATOM 1148 H HA3  . GLY A 1 74 ? 24.181  -10.850 12.794  1.00 13.89 ? 74 GLY A HA3  1 
ATOM 1149 N N    . ILE A 1 75 ? 23.294  -9.230  15.492  1.00 14.47 ? 75 ILE A N    1 
ATOM 1150 C CA   . ILE A 1 75 ? 23.392  -9.224  16.946  1.00 15.01 ? 75 ILE A CA   1 
ATOM 1151 C C    . ILE A 1 75 ? 22.099  -9.717  17.586  1.00 15.34 ? 75 ILE A C    1 
ATOM 1152 O O    . ILE A 1 75 ? 21.014  -9.226  17.277  1.00 15.43 ? 75 ILE A O    1 
ATOM 1153 C CB   . ILE A 1 75 ? 23.713  -7.815  17.483  1.00 15.50 ? 75 ILE A CB   1 
ATOM 1154 C CG1  . ILE A 1 75 ? 22.623  -6.822  17.070  1.00 15.67 ? 75 ILE A CG1  1 
ATOM 1155 C CG2  . ILE A 1 75 ? 25.075  -7.356  16.983  1.00 15.78 ? 75 ILE A CG2  1 
ATOM 1156 C CD1  . ILE A 1 75 ? 21.741  -6.380  18.218  1.00 15.79 ? 75 ILE A CD1  1 
ATOM 1157 H H    . ILE A 1 75 ? 22.641  -8.645  15.054  1.00 14.44 ? 75 ILE A H    1 
ATOM 1158 H HA   . ILE A 1 75 ? 24.197  -9.885  17.230  1.00 15.01 ? 75 ILE A HA   1 
ATOM 1159 H HB   . ILE A 1 75 ? 23.752  -7.866  18.561  1.00 15.73 ? 75 ILE A HB   1 
ATOM 1160 H HG12 . ILE A 1 75 ? 23.085  -5.941  16.651  1.00 15.71 ? 75 ILE A HG12 1 
ATOM 1161 H HG13 . ILE A 1 75 ? 21.991  -7.279  16.323  1.00 15.85 ? 75 ILE A HG13 1 
ATOM 1162 H HG21 . ILE A 1 75 ? 25.051  -6.293  16.796  1.00 15.90 ? 75 ILE A HG21 1 
ATOM 1163 H HG22 . ILE A 1 75 ? 25.317  -7.877  16.069  1.00 15.80 ? 75 ILE A HG22 1 
ATOM 1164 H HG23 . ILE A 1 75 ? 25.825  -7.574  17.729  1.00 16.00 ? 75 ILE A HG23 1 
ATOM 1165 H HD11 . ILE A 1 75 ? 22.082  -6.843  19.132  1.00 16.01 ? 75 ILE A HD11 1 
ATOM 1166 H HD12 . ILE A 1 75 ? 20.721  -6.677  18.023  1.00 15.87 ? 75 ILE A HD12 1 
ATOM 1167 H HD13 . ILE A 1 75 ? 21.791  -5.306  18.317  1.00 15.72 ? 75 ILE A HD13 1 
ATOM 1168 N N    . GLU A 1 76 ? 22.223  -10.693 18.480  1.00 15.69 ? 76 GLU A N    1 
ATOM 1169 C CA   . GLU A 1 76 ? 21.062  -11.255 19.162  1.00 16.19 ? 76 GLU A CA   1 
ATOM 1170 C C    . GLU A 1 76 ? 20.895  -10.640 20.549  1.00 16.58 ? 76 GLU A C    1 
ATOM 1171 O O    . GLU A 1 76 ? 20.440  -11.303 21.481  1.00 16.65 ? 76 GLU A O    1 
ATOM 1172 C CB   . GLU A 1 76 ? 21.200  -12.774 19.278  1.00 16.40 ? 76 GLU A CB   1 
ATOM 1173 C CG   . GLU A 1 76 ? 21.377  -13.471 17.939  1.00 16.67 ? 76 GLU A CG   1 
ATOM 1174 C CD   . GLU A 1 76 ? 20.078  -13.588 17.163  1.00 17.02 ? 76 GLU A CD   1 
ATOM 1175 O OE1  . GLU A 1 76 ? 19.101  -12.906 17.537  1.00 17.12 ? 76 GLU A OE1  1 
ATOM 1176 O OE2  . GLU A 1 76 ? 20.041  -14.359 16.182  1.00 17.33 ? 76 GLU A OE2  1 
ATOM 1177 H H    . GLU A 1 76 ? 23.114  -11.045 18.684  1.00 15.72 ? 76 GLU A H    1 
ATOM 1178 H HA   . GLU A 1 76 ? 20.188  -11.025 18.573  1.00 16.29 ? 76 GLU A HA   1 
ATOM 1179 H HB2  . GLU A 1 76 ? 22.056  -13.001 19.894  1.00 16.38 ? 76 GLU A HB2  1 
ATOM 1180 H HB3  . GLU A 1 76 ? 20.312  -13.169 19.750  1.00 16.55 ? 76 GLU A HB3  1 
ATOM 1181 H HG2  . GLU A 1 76 ? 22.083  -12.910 17.345  1.00 16.92 ? 76 GLU A HG2  1 
ATOM 1182 H HG3  . GLU A 1 76 ? 21.765  -14.465 18.113  1.00 16.52 ? 76 GLU A HG3  1 
ATOM 1183 N N    . LEU A 1 77 ? 21.266  -9.370  20.676  1.00 16.97 ? 77 LEU A N    1 
ATOM 1184 C CA   . LEU A 1 77 ? 21.154  -8.666  21.950  1.00 17.52 ? 77 LEU A CA   1 
ATOM 1185 C C    . LEU A 1 77 ? 19.708  -8.646  22.437  1.00 17.81 ? 77 LEU A C    1 
ATOM 1186 O O    . LEU A 1 77 ? 19.449  -8.558  23.637  1.00 17.95 ? 77 LEU A O    1 
ATOM 1187 C CB   . LEU A 1 77 ? 21.679  -7.235  21.813  1.00 17.74 ? 77 LEU A CB   1 
ATOM 1188 C CG   . LEU A 1 77 ? 22.259  -6.634  23.095  1.00 18.15 ? 77 LEU A CG   1 
ATOM 1189 C CD1  . LEU A 1 77 ? 23.772  -6.790  23.120  1.00 18.41 ? 77 LEU A CD1  1 
ATOM 1190 C CD2  . LEU A 1 77 ? 21.871  -5.168  23.220  1.00 18.33 ? 77 LEU A CD2  1 
ATOM 1191 H H    . LEU A 1 77 ? 21.621  -8.894  19.896  1.00 16.98 ? 77 LEU A H    1 
ATOM 1192 H HA   . LEU A 1 77 ? 21.758  -9.193  22.673  1.00 17.72 ? 77 LEU A HA   1 
ATOM 1193 H HB2  . LEU A 1 77 ? 22.448  -7.228  21.054  1.00 17.57 ? 77 LEU A HB2  1 
ATOM 1194 H HB3  . LEU A 1 77 ? 20.865  -6.607  21.483  1.00 17.93 ? 77 LEU A HB3  1 
ATOM 1195 H HG   . LEU A 1 77 ? 21.856  -7.161  23.947  1.00 18.31 ? 77 LEU A HG   1 
ATOM 1196 H HD11 . LEU A 1 77 ? 24.041  -7.752  22.709  1.00 18.30 ? 77 LEU A HD11 1 
ATOM 1197 H HD12 . LEU A 1 77 ? 24.123  -6.722  24.139  1.00 18.61 ? 77 LEU A HD12 1 
ATOM 1198 H HD13 . LEU A 1 77 ? 24.224  -6.007  22.530  1.00 18.64 ? 77 LEU A HD13 1 
ATOM 1199 H HD21 . LEU A 1 77 ? 20.959  -4.989  22.671  1.00 18.60 ? 77 LEU A HD21 1 
ATOM 1200 H HD22 . LEU A 1 77 ? 22.661  -4.551  22.819  1.00 18.26 ? 77 LEU A HD22 1 
ATOM 1201 H HD23 . LEU A 1 77 ? 21.718  -4.924  24.261  1.00 18.37 ? 77 LEU A HD23 1 
ATOM 1202 N N    . ILE A 1 78 ? 18.770  -8.729  21.498  1.00 18.04 ? 78 ILE A N    1 
ATOM 1203 C CA   . ILE A 1 78 ? 17.351  -8.721  21.833  1.00 18.47 ? 78 ILE A CA   1 
ATOM 1204 C C    . ILE A 1 78 ? 16.911  -10.047 22.454  1.00 18.90 ? 78 ILE A C    1 
ATOM 1205 O O    . ILE A 1 78 ? 15.781  -10.175 22.923  1.00 19.10 ? 78 ILE A O    1 
ATOM 1206 C CB   . ILE A 1 78 ? 16.484  -8.441  20.590  1.00 18.77 ? 78 ILE A CB   1 
ATOM 1207 C CG1  . ILE A 1 78 ? 16.735  -9.501  19.515  1.00 18.84 ? 78 ILE A CG1  1 
ATOM 1208 C CG2  . ILE A 1 78 ? 16.773  -7.049  20.046  1.00 19.04 ? 78 ILE A CG2  1 
ATOM 1209 C CD1  . ILE A 1 78 ? 15.821  -9.373  18.316  1.00 19.21 ? 78 ILE A CD1  1 
ATOM 1210 H H    . ILE A 1 78 ? 19.038  -8.797  20.558  1.00 18.01 ? 78 ILE A H    1 
ATOM 1211 H HA   . ILE A 1 78 ? 17.183  -7.929  22.547  1.00 18.42 ? 78 ILE A HA   1 
ATOM 1212 H HB   . ILE A 1 78 ? 15.447  -8.477  20.886  1.00 18.90 ? 78 ILE A HB   1 
ATOM 1213 H HG12 . ILE A 1 78 ? 17.754  -9.415  19.165  1.00 18.83 ? 78 ILE A HG12 1 
ATOM 1214 H HG13 . ILE A 1 78 ? 16.587  -10.480 19.944  1.00 18.79 ? 78 ILE A HG13 1 
ATOM 1215 H HG21 . ILE A 1 78 ? 17.081  -6.403  20.856  1.00 19.10 ? 78 ILE A HG21 1 
ATOM 1216 H HG22 . ILE A 1 78 ? 15.880  -6.650  19.588  1.00 19.10 ? 78 ILE A HG22 1 
ATOM 1217 H HG23 . ILE A 1 78 ? 17.561  -7.106  19.310  1.00 19.23 ? 78 ILE A HG23 1 
ATOM 1218 H HD11 . ILE A 1 78 ? 16.076  -8.481  17.762  1.00 19.34 ? 78 ILE A HD11 1 
ATOM 1219 H HD12 . ILE A 1 78 ? 14.796  -9.309  18.650  1.00 19.34 ? 78 ILE A HD12 1 
ATOM 1220 H HD13 . ILE A 1 78 ? 15.940  -10.237 17.679  1.00 19.33 ? 78 ILE A HD13 1 
ATOM 1221 N N    . LYS A 1 79 ? 17.809  -11.032 22.455  1.00 19.18 ? 79 LYS A N    1 
ATOM 1222 C CA   . LYS A 1 79 ? 17.505  -12.345 23.019  1.00 19.74 ? 79 LYS A CA   1 
ATOM 1223 C C    . LYS A 1 79 ? 16.462  -13.071 22.176  1.00 20.25 ? 79 LYS A C    1 
ATOM 1224 O O    . LYS A 1 79 ? 15.590  -13.760 22.706  1.00 20.39 ? 79 LYS A O    1 
ATOM 1225 C CB   . LYS A 1 79 ? 17.009  -12.206 24.461  1.00 19.98 ? 79 LYS A CB   1 
ATOM 1226 C CG   . LYS A 1 79 ? 17.879  -11.304 25.321  1.00 20.01 ? 79 LYS A CG   1 
ATOM 1227 C CD   . LYS A 1 79 ? 19.236  -11.932 25.589  1.00 20.30 ? 79 LYS A CD   1 
ATOM 1228 C CE   . LYS A 1 79 ? 20.222  -11.628 24.473  1.00 20.55 ? 79 LYS A CE   1 
ATOM 1229 N NZ   . LYS A 1 79 ? 21.604  -11.426 24.989  1.00 20.56 ? 79 LYS A NZ   1 
ATOM 1230 H H    . LYS A 1 79 ? 18.693  -10.876 22.067  1.00 19.10 ? 79 LYS A H    1 
ATOM 1231 H HA   . LYS A 1 79 ? 18.416  -12.922 23.017  1.00 19.76 ? 79 LYS A HA   1 
ATOM 1232 H HB2  . LYS A 1 79 ? 16.008  -11.799 24.448  1.00 19.85 ? 79 LYS A HB2  1 
ATOM 1233 H HB3  . LYS A 1 79 ? 16.983  -13.186 24.916  1.00 20.40 ? 79 LYS A HB3  1 
ATOM 1234 H HG2  . LYS A 1 79 ? 18.023  -10.365 24.808  1.00 20.05 ? 79 LYS A HG2  1 
ATOM 1235 H HG3  . LYS A 1 79 ? 17.380  -11.130 26.263  1.00 19.91 ? 79 LYS A HG3  1 
ATOM 1236 H HD2  . LYS A 1 79 ? 19.627  -11.539 26.516  1.00 20.33 ? 79 LYS A HD2  1 
ATOM 1237 H HD3  . LYS A 1 79 ? 19.117  -13.003 25.671  1.00 20.42 ? 79 LYS A HD3  1 
ATOM 1238 H HE2  . LYS A 1 79 ? 20.225  -12.455 23.778  1.00 20.64 ? 79 LYS A HE2  1 
ATOM 1239 H HE3  . LYS A 1 79 ? 19.902  -10.732 23.961  1.00 20.76 ? 79 LYS A HE3  1 
ATOM 1240 H HZ1  . LYS A 1 79 ? 22.220  -11.066 24.233  1.00 20.63 ? 79 LYS A HZ1  1 
ATOM 1241 H HZ2  . LYS A 1 79 ? 21.990  -12.325 25.338  1.00 20.57 ? 79 LYS A HZ2  1 
ATOM 1242 H HZ3  . LYS A 1 79 ? 21.595  -10.739 25.771  1.00 20.59 ? 79 LYS A HZ3  1 
ATOM 1243 N N    . HIS A 1 80 ? 16.560  -12.914 20.860  1.00 20.64 ? 80 HIS A N    1 
ATOM 1244 C CA   . HIS A 1 80 ? 15.628  -13.556 19.941  1.00 21.27 ? 80 HIS A CA   1 
ATOM 1245 C C    . HIS A 1 80 ? 16.330  -14.631 19.118  1.00 21.72 ? 80 HIS A C    1 
ATOM 1246 O O    . HIS A 1 80 ? 15.961  -14.890 17.973  1.00 21.78 ? 80 HIS A O    1 
ATOM 1247 C CB   . HIS A 1 80 ? 14.997  -12.517 19.013  1.00 21.36 ? 80 HIS A CB   1 
ATOM 1248 C CG   . HIS A 1 80 ? 13.914  -13.071 18.141  1.00 21.60 ? 80 HIS A CG   1 
ATOM 1249 N ND1  . HIS A 1 80 ? 12.783  -13.682 18.641  1.00 21.73 ? 80 HIS A ND1  1 
ATOM 1250 C CD2  . HIS A 1 80 ? 13.791  -13.104 16.792  1.00 21.85 ? 80 HIS A CD2  1 
ATOM 1251 C CE1  . HIS A 1 80 ? 12.013  -14.067 17.640  1.00 22.06 ? 80 HIS A CE1  1 
ATOM 1252 N NE2  . HIS A 1 80 ? 12.602  -13.728 16.508  1.00 22.13 ? 80 HIS A NE2  1 
ATOM 1253 H H    . HIS A 1 80 ? 17.278  -12.353 20.498  1.00 20.59 ? 80 HIS A H    1 
ATOM 1254 H HA   . HIS A 1 80 ? 14.850  -14.020 20.529  1.00 21.48 ? 80 HIS A HA   1 
ATOM 1255 H HB2  . HIS A 1 80 ? 14.570  -11.724 19.608  1.00 21.31 ? 80 HIS A HB2  1 
ATOM 1256 H HB3  . HIS A 1 80 ? 15.764  -12.105 18.372  1.00 21.42 ? 80 HIS A HB3  1 
ATOM 1257 H HD1  . HIS A 1 80 ? 12.576  -13.813 19.590  1.00 21.68 ? 80 HIS A HD1  1 
ATOM 1258 H HD2  . HIS A 1 80 ? 14.499  -12.712 16.075  1.00 21.92 ? 80 HIS A HD2  1 
ATOM 1259 H HE1  . HIS A 1 80 ? 11.063  -14.573 17.731  1.00 22.30 ? 80 HIS A HE1  1 
ATOM 1260 H HE2  . HIS A 1 80 ? 12.289  -13.974 15.612  1.00 22.42 ? 80 HIS A HE2  1 
ATOM 1261 N N    . LEU A 1 81 ? 17.344  -15.253 19.711  1.00 22.16 ? 81 LEU A N    1 
ATOM 1262 C CA   . LEU A 1 81 ? 18.099  -16.301 19.033  1.00 22.74 ? 81 LEU A CA   1 
ATOM 1263 C C    . LEU A 1 81 ? 17.336  -17.621 19.051  1.00 22.93 ? 81 LEU A C    1 
ATOM 1264 O O    . LEU A 1 81 ? 17.027  -18.154 20.117  1.00 23.05 ? 81 LEU A O    1 
ATOM 1265 C CB   . LEU A 1 81 ? 19.468  -16.480 19.694  1.00 23.19 ? 81 LEU A CB   1 
ATOM 1266 C CG   . LEU A 1 81 ? 20.372  -17.524 19.037  1.00 23.39 ? 81 LEU A CG   1 
ATOM 1267 C CD1  . LEU A 1 81 ? 21.195  -16.893 17.924  1.00 23.68 ? 81 LEU A CD1  1 
ATOM 1268 C CD2  . LEU A 1 81 ? 21.280  -18.168 20.074  1.00 23.50 ? 81 LEU A CD2  1 
ATOM 1269 H H    . LEU A 1 81 ? 17.591  -15.003 20.625  1.00 22.17 ? 81 LEU A H    1 
ATOM 1270 H HA   . LEU A 1 81 ? 18.242  -15.995 18.007  1.00 22.83 ? 81 LEU A HA   1 
ATOM 1271 H HB2  . LEU A 1 81 ? 19.980  -15.528 19.677  1.00 23.14 ? 81 LEU A HB2  1 
ATOM 1272 H HB3  . LEU A 1 81 ? 19.313  -16.767 20.722  1.00 23.57 ? 81 LEU A HB3  1 
ATOM 1273 H HG   . LEU A 1 81 ? 19.759  -18.299 18.601  1.00 23.36 ? 81 LEU A HG   1 
ATOM 1274 H HD11 . LEU A 1 81 ? 21.495  -17.656 17.222  1.00 23.87 ? 81 LEU A HD11 1 
ATOM 1275 H HD12 . LEU A 1 81 ? 22.072  -16.426 18.346  1.00 23.76 ? 81 LEU A HD12 1 
ATOM 1276 H HD13 . LEU A 1 81 ? 20.600  -16.149 17.414  1.00 23.71 ? 81 LEU A HD13 1 
ATOM 1277 H HD21 . LEU A 1 81 ? 21.430  -19.208 19.825  1.00 23.65 ? 81 LEU A HD21 1 
ATOM 1278 H HD22 . LEU A 1 81 ? 20.823  -18.093 21.049  1.00 23.63 ? 81 LEU A HD22 1 
ATOM 1279 H HD23 . LEU A 1 81 ? 22.234  -17.660 20.083  1.00 23.40 ? 81 LEU A HD23 1 
ATOM 1280 N N    . VAL A 1 82 ? 17.036  -18.141 17.862  1.00 23.07 ? 82 VAL A N    1 
ATOM 1281 C CA   . VAL A 1 82 ? 16.307  -19.401 17.724  1.00 23.38 ? 82 VAL A CA   1 
ATOM 1282 C C    . VAL A 1 82 ? 15.143  -19.491 18.708  1.00 23.73 ? 82 VAL A C    1 
ATOM 1283 O O    . VAL A 1 82 ? 14.699  -18.431 19.196  1.00 23.99 ? 82 VAL A O    1 
ATOM 1284 C CB   . VAL A 1 82 ? 17.235  -20.615 17.928  1.00 23.75 ? 82 VAL A CB   1 
ATOM 1285 C CG1  . VAL A 1 82 ? 18.318  -20.646 16.861  1.00 23.95 ? 82 VAL A CG1  1 
ATOM 1286 C CG2  . VAL A 1 82 ? 17.850  -20.597 19.320  1.00 23.72 ? 82 VAL A CG2  1 
ATOM 1287 O OXT  . VAL A 1 82 ? 14.687  -20.621 18.983  1.00 23.83 ? 82 VAL A OXT  1 
ATOM 1288 H H    . VAL A 1 82 ? 17.313  -17.663 17.052  1.00 23.04 ? 82 VAL A H    1 
ATOM 1289 H HA   . VAL A 1 82 ? 15.914  -19.446 16.719  1.00 23.22 ? 82 VAL A HA   1 
ATOM 1290 H HB   . VAL A 1 82 ? 16.643  -21.514 17.832  1.00 24.02 ? 82 VAL A HB   1 
ATOM 1291 H HG11 . VAL A 1 82 ? 18.497  -21.666 16.557  1.00 23.75 ? 82 VAL A HG11 1 
ATOM 1292 H HG12 . VAL A 1 82 ? 19.229  -20.224 17.260  1.00 24.23 ? 82 VAL A HG12 1 
ATOM 1293 H HG13 . VAL A 1 82 ? 17.997  -20.067 16.008  1.00 24.12 ? 82 VAL A HG13 1 
ATOM 1294 H HG21 . VAL A 1 82 ? 18.601  -19.822 19.371  1.00 23.64 ? 82 VAL A HG21 1 
ATOM 1295 H HG22 . VAL A 1 82 ? 18.305  -21.554 19.525  1.00 23.82 ? 82 VAL A HG22 1 
ATOM 1296 H HG23 . VAL A 1 82 ? 17.080  -20.400 20.051  1.00 23.80 ? 82 VAL A HG23 1 
# 
